data_4BHY
#
_entry.id   4BHY
#
_cell.length_a   110.804
_cell.length_b   134.738
_cell.length_c   192.147
_cell.angle_alpha   90.00
_cell.angle_beta   90.00
_cell.angle_gamma   90.00
#
_symmetry.space_group_name_H-M   'C 2 2 21'
#
loop_
_entity.id
_entity.type
_entity.pdbx_description
1 polymer 'ALANINE RACEMASE'
2 water water
#
_entity_poly.entity_id   1
_entity_poly.type   'polypeptide(L)'
_entity_poly.pdbx_seq_one_letter_code
;MHHHHHHDYDIPTTENLYFQSMKAAIAQINTAALRHNLAVVKRHAPQCKIIAVVKANAYGHGLLPVARTLVDADAYAVAR
IEEALMLRSCAVVKPIVLLEGFFSAADLPVLAANNLQTAVHTWEQLEALEQADLPAPVVAWL(KCX)LDTGMHRLGVRAD
EMPAFIERLAKCKNVVQPFNIMTHFSRSDELEQPTTREQIDLFSQLTAPLLGERAMANSAGILAWPDSHCDWVRPGVILY
GVSPFPNTVAADYDLQPVMTLKTQLIAVRDHKAGEPVGYGANWVSDRDTRLGVIAIGYGDGYPRMAPNGTPVLVNGRIVP
LVGRVSMDMTTVDLGPGATDKAGDEAVLWGEGLPVERVADQIGTIPYELITKLTSRVFMEYV
;
_entity_poly.pdbx_strand_id   A,B,C,D
#
# COMPACT_ATOMS: atom_id res chain seq x y z
N GLU A 15 12.59 25.74 -10.33
CA GLU A 15 13.92 26.06 -9.83
C GLU A 15 13.88 26.91 -8.54
N ASN A 16 12.74 27.59 -8.28
CA ASN A 16 12.55 28.44 -7.09
C ASN A 16 11.78 27.67 -5.98
N LEU A 17 11.65 26.33 -6.11
CA LEU A 17 10.98 25.47 -5.13
C LEU A 17 11.85 25.29 -3.87
N TYR A 18 11.23 24.83 -2.76
CA TYR A 18 11.91 24.67 -1.48
C TYR A 18 12.28 23.20 -1.19
N PHE A 19 11.31 22.27 -1.29
CA PHE A 19 11.55 20.84 -1.03
C PHE A 19 10.67 19.97 -1.95
N GLN A 20 10.78 18.62 -1.81
CA GLN A 20 10.03 17.64 -2.62
C GLN A 20 8.52 17.69 -2.31
N SER A 21 7.72 18.05 -3.33
CA SER A 21 6.26 18.16 -3.24
C SER A 21 5.58 17.56 -4.48
N MET A 22 6.37 16.84 -5.32
CA MET A 22 5.98 16.17 -6.58
C MET A 22 5.53 17.22 -7.62
N LYS A 23 6.48 17.65 -8.49
CA LYS A 23 6.25 18.67 -9.52
C LYS A 23 6.54 18.11 -10.94
N ALA A 24 5.53 17.43 -11.51
CA ALA A 24 5.53 16.82 -12.85
C ALA A 24 4.07 16.67 -13.33
N ALA A 25 3.66 15.46 -13.78
CA ALA A 25 2.28 15.19 -14.22
C ALA A 25 1.38 15.09 -12.99
N ILE A 26 0.31 15.91 -12.93
CA ILE A 26 -0.59 15.98 -11.77
C ILE A 26 -2.04 16.30 -12.22
N ALA A 27 -3.01 15.50 -11.76
CA ALA A 27 -4.42 15.67 -12.09
C ALA A 27 -5.22 16.10 -10.86
N GLN A 28 -5.33 17.43 -10.66
CA GLN A 28 -6.03 18.03 -9.52
C GLN A 28 -7.55 17.88 -9.65
N ILE A 29 -8.20 17.42 -8.58
CA ILE A 29 -9.64 17.18 -8.50
C ILE A 29 -10.26 18.16 -7.49
N ASN A 30 -11.22 18.98 -7.94
CA ASN A 30 -11.92 19.94 -7.07
C ASN A 30 -13.19 19.29 -6.54
N THR A 31 -13.25 19.06 -5.22
CA THR A 31 -14.42 18.44 -4.58
C THR A 31 -15.59 19.43 -4.49
N ALA A 32 -15.29 20.74 -4.49
CA ALA A 32 -16.29 21.81 -4.44
C ALA A 32 -17.15 21.86 -5.70
N ALA A 33 -16.56 21.58 -6.87
CA ALA A 33 -17.25 21.56 -8.17
C ALA A 33 -18.09 20.29 -8.31
N LEU A 34 -17.61 19.19 -7.71
CA LEU A 34 -18.25 17.87 -7.70
C LEU A 34 -19.60 17.94 -6.94
N ARG A 35 -19.60 18.64 -5.79
CA ARG A 35 -20.78 18.86 -4.94
C ARG A 35 -21.73 19.84 -5.62
N HIS A 36 -21.16 20.81 -6.37
CA HIS A 36 -21.88 21.84 -7.12
C HIS A 36 -22.70 21.21 -8.24
N ASN A 37 -22.08 20.31 -9.05
CA ASN A 37 -22.72 19.62 -10.17
C ASN A 37 -23.91 18.76 -9.73
N LEU A 38 -23.81 18.12 -8.54
CA LEU A 38 -24.88 17.30 -7.95
C LEU A 38 -26.08 18.18 -7.55
N ALA A 39 -25.81 19.42 -7.08
CA ALA A 39 -26.82 20.39 -6.68
C ALA A 39 -27.56 20.96 -7.90
N VAL A 40 -26.88 21.03 -9.06
CA VAL A 40 -27.42 21.51 -10.34
C VAL A 40 -28.52 20.53 -10.81
N VAL A 41 -28.29 19.21 -10.63
CA VAL A 41 -29.21 18.13 -10.99
C VAL A 41 -30.46 18.23 -10.08
N LYS A 42 -30.26 18.50 -8.78
CA LYS A 42 -31.32 18.65 -7.78
C LYS A 42 -32.09 19.98 -7.96
N ARG A 43 -31.46 21.01 -8.57
CA ARG A 43 -32.07 22.32 -8.82
C ARG A 43 -33.19 22.22 -9.87
N HIS A 44 -33.02 21.32 -10.87
CA HIS A 44 -34.01 21.06 -11.92
C HIS A 44 -34.98 19.97 -11.49
N ALA A 45 -34.46 18.88 -10.89
CA ALA A 45 -35.25 17.74 -10.42
C ALA A 45 -35.09 17.55 -8.90
N PRO A 46 -35.96 18.19 -8.08
CA PRO A 46 -35.81 18.06 -6.62
C PRO A 46 -36.39 16.77 -6.03
N GLN A 47 -37.48 16.26 -6.64
CA GLN A 47 -38.18 15.05 -6.21
C GLN A 47 -37.64 13.80 -6.95
N CYS A 48 -36.33 13.79 -7.28
CA CYS A 48 -35.69 12.69 -7.99
C CYS A 48 -34.60 12.00 -7.18
N LYS A 49 -34.41 10.70 -7.44
CA LYS A 49 -33.40 9.86 -6.82
C LYS A 49 -32.09 10.07 -7.57
N ILE A 50 -31.12 10.73 -6.91
CA ILE A 50 -29.81 11.03 -7.50
C ILE A 50 -28.92 9.78 -7.39
N ILE A 51 -28.39 9.30 -8.54
CA ILE A 51 -27.55 8.10 -8.59
C ILE A 51 -26.27 8.35 -9.43
N ALA A 52 -25.11 8.27 -8.76
CA ALA A 52 -23.77 8.36 -9.38
C ALA A 52 -23.31 6.93 -9.71
N VAL A 53 -22.57 6.60 -10.79
CA VAL A 53 -21.77 7.30 -11.81
C VAL A 53 -20.34 7.37 -11.22
N VAL A 54 -19.79 6.17 -10.90
CA VAL A 54 -18.47 5.96 -10.31
C VAL A 54 -17.83 4.68 -10.90
N LYS A 55 -17.81 4.58 -12.23
CA LYS A 55 -17.22 3.43 -12.94
C LYS A 55 -15.83 3.79 -13.48
N ALA A 56 -14.97 2.75 -13.64
CA ALA A 56 -13.57 2.82 -14.11
C ALA A 56 -12.75 3.79 -13.23
N ASN A 57 -12.82 3.58 -11.90
CA ASN A 57 -12.16 4.35 -10.83
C ASN A 57 -12.70 5.79 -10.84
N ALA A 58 -14.05 5.89 -10.83
CA ALA A 58 -14.86 7.12 -10.86
C ALA A 58 -14.43 8.06 -12.00
N TYR A 59 -14.33 7.50 -13.22
CA TYR A 59 -13.94 8.14 -14.47
C TYR A 59 -12.51 8.77 -14.35
N GLY A 60 -11.63 8.07 -13.64
CA GLY A 60 -10.24 8.48 -13.43
C GLY A 60 -10.05 9.57 -12.38
N HIS A 61 -11.08 9.80 -11.53
CA HIS A 61 -11.04 10.81 -10.48
C HIS A 61 -10.84 10.18 -9.08
N GLY A 62 -10.86 8.85 -9.02
CA GLY A 62 -10.71 8.11 -7.77
C GLY A 62 -12.06 7.70 -7.20
N LEU A 63 -12.29 6.37 -7.12
CA LEU A 63 -13.55 5.76 -6.65
C LEU A 63 -13.91 6.16 -5.21
N LEU A 64 -13.03 5.85 -4.24
CA LEU A 64 -13.22 6.11 -2.81
C LEU A 64 -13.30 7.61 -2.44
N PRO A 65 -12.41 8.53 -2.93
CA PRO A 65 -12.52 9.94 -2.50
C PRO A 65 -13.80 10.67 -2.94
N VAL A 66 -14.31 10.42 -4.17
CA VAL A 66 -15.53 11.11 -4.65
C VAL A 66 -16.79 10.50 -3.97
N ALA A 67 -16.75 9.21 -3.60
CA ALA A 67 -17.86 8.52 -2.93
C ALA A 67 -18.08 9.11 -1.55
N ARG A 68 -16.99 9.49 -0.85
CA ARG A 68 -17.03 10.12 0.47
C ARG A 68 -17.58 11.55 0.34
N THR A 69 -17.31 12.20 -0.80
CA THR A 69 -17.73 13.57 -1.11
C THR A 69 -19.23 13.60 -1.48
N LEU A 70 -19.67 12.68 -2.36
CA LEU A 70 -21.07 12.61 -2.80
C LEU A 70 -21.91 11.79 -1.79
N VAL A 71 -22.04 12.34 -0.56
CA VAL A 71 -22.78 11.73 0.54
C VAL A 71 -24.30 11.96 0.34
N ASP A 72 -24.68 13.02 -0.40
CA ASP A 72 -26.07 13.38 -0.69
C ASP A 72 -26.69 12.44 -1.74
N ALA A 73 -25.82 11.71 -2.51
CA ALA A 73 -26.24 10.75 -3.53
C ALA A 73 -27.01 9.58 -2.89
N ASP A 74 -28.23 9.33 -3.40
CA ASP A 74 -29.15 8.31 -2.89
C ASP A 74 -28.69 6.87 -3.20
N ALA A 75 -27.93 6.67 -4.30
CA ALA A 75 -27.43 5.36 -4.71
C ALA A 75 -26.14 5.47 -5.53
N TYR A 76 -25.34 4.38 -5.55
CA TYR A 76 -24.08 4.32 -6.30
C TYR A 76 -24.19 3.34 -7.46
N ALA A 77 -23.34 3.52 -8.51
CA ALA A 77 -23.33 2.67 -9.69
C ALA A 77 -21.91 2.45 -10.22
N VAL A 78 -21.48 1.17 -10.25
CA VAL A 78 -20.16 0.73 -10.73
C VAL A 78 -20.32 -0.26 -11.90
N ALA A 79 -19.20 -0.60 -12.57
CA ALA A 79 -19.18 -1.53 -13.71
C ALA A 79 -18.86 -2.97 -13.30
N ARG A 80 -17.98 -3.16 -12.29
CA ARG A 80 -17.57 -4.49 -11.81
C ARG A 80 -17.69 -4.62 -10.28
N ILE A 81 -17.74 -5.88 -9.79
CA ILE A 81 -17.87 -6.25 -8.37
C ILE A 81 -16.71 -5.73 -7.51
N GLU A 82 -15.47 -5.73 -8.07
CA GLU A 82 -14.25 -5.29 -7.39
C GLU A 82 -14.37 -3.86 -6.80
N GLU A 83 -15.01 -2.95 -7.54
CA GLU A 83 -15.23 -1.56 -7.12
C GLU A 83 -16.31 -1.48 -6.04
N ALA A 84 -17.38 -2.29 -6.19
CA ALA A 84 -18.51 -2.36 -5.26
C ALA A 84 -18.10 -2.88 -3.88
N LEU A 85 -17.14 -3.83 -3.83
CA LEU A 85 -16.61 -4.41 -2.60
C LEU A 85 -15.74 -3.40 -1.85
N MET A 86 -15.07 -2.49 -2.59
CA MET A 86 -14.22 -1.43 -2.05
C MET A 86 -15.07 -0.34 -1.40
N LEU A 87 -16.28 -0.08 -1.96
CA LEU A 87 -17.22 0.92 -1.44
C LEU A 87 -17.85 0.43 -0.14
N ARG A 88 -18.39 -0.80 -0.13
CA ARG A 88 -19.04 -1.42 1.04
C ARG A 88 -18.06 -1.53 2.23
N SER A 89 -16.75 -1.80 1.96
CA SER A 89 -15.71 -1.87 2.98
C SER A 89 -15.40 -0.49 3.57
N CYS A 90 -15.72 0.60 2.84
CA CYS A 90 -15.52 1.98 3.28
C CYS A 90 -16.80 2.55 3.93
N ALA A 91 -17.55 1.65 4.62
CA ALA A 91 -18.79 1.89 5.40
C ALA A 91 -19.89 2.64 4.62
N VAL A 92 -20.09 2.32 3.32
CA VAL A 92 -21.19 2.96 2.62
C VAL A 92 -22.41 2.05 2.79
N VAL A 93 -23.57 2.66 3.06
CA VAL A 93 -24.83 1.98 3.30
C VAL A 93 -25.79 2.12 2.09
N LYS A 94 -25.58 3.14 1.24
CA LYS A 94 -26.39 3.42 0.05
C LYS A 94 -26.34 2.25 -0.94
N PRO A 95 -27.46 1.90 -1.64
CA PRO A 95 -27.43 0.75 -2.57
C PRO A 95 -26.49 0.95 -3.76
N ILE A 96 -25.67 -0.09 -4.05
CA ILE A 96 -24.71 -0.08 -5.15
C ILE A 96 -25.33 -0.80 -6.35
N VAL A 97 -25.39 -0.13 -7.51
CA VAL A 97 -25.95 -0.66 -8.75
C VAL A 97 -24.80 -1.19 -9.63
N LEU A 98 -24.88 -2.47 -10.01
CA LEU A 98 -23.89 -3.11 -10.86
C LEU A 98 -24.29 -2.98 -12.32
N LEU A 99 -23.72 -1.98 -13.01
CA LEU A 99 -23.99 -1.73 -14.43
C LEU A 99 -23.35 -2.83 -15.26
N GLU A 100 -24.00 -3.21 -16.38
CA GLU A 100 -23.60 -4.29 -17.30
C GLU A 100 -23.76 -5.68 -16.64
N GLY A 101 -24.08 -5.70 -15.35
CA GLY A 101 -24.31 -6.90 -14.55
C GLY A 101 -23.09 -7.77 -14.34
N PHE A 102 -23.32 -9.06 -14.03
CA PHE A 102 -22.30 -10.06 -13.78
C PHE A 102 -22.03 -10.90 -15.04
N PHE A 103 -20.75 -11.19 -15.32
CA PHE A 103 -20.31 -11.97 -16.48
C PHE A 103 -19.64 -13.32 -16.07
N SER A 104 -19.99 -13.80 -14.87
CA SER A 104 -19.61 -15.08 -14.27
C SER A 104 -20.72 -15.56 -13.33
N ALA A 105 -20.94 -16.89 -13.29
CA ALA A 105 -21.93 -17.54 -12.45
C ALA A 105 -21.52 -17.49 -10.96
N ALA A 106 -20.20 -17.39 -10.69
CA ALA A 106 -19.62 -17.32 -9.35
C ALA A 106 -19.73 -15.89 -8.75
N ASP A 107 -20.25 -14.93 -9.55
CA ASP A 107 -20.45 -13.54 -9.13
C ASP A 107 -21.85 -13.32 -8.52
N LEU A 108 -22.65 -14.38 -8.45
CA LEU A 108 -24.00 -14.36 -7.88
C LEU A 108 -23.99 -14.48 -6.34
N PRO A 109 -23.23 -15.39 -5.68
CA PRO A 109 -23.30 -15.48 -4.20
C PRO A 109 -22.68 -14.27 -3.48
N VAL A 110 -21.70 -13.57 -4.11
CA VAL A 110 -21.06 -12.38 -3.54
C VAL A 110 -22.05 -11.19 -3.58
N LEU A 111 -23.02 -11.23 -4.50
CA LEU A 111 -24.08 -10.22 -4.64
C LEU A 111 -25.09 -10.34 -3.51
N ALA A 112 -25.54 -11.57 -3.21
CA ALA A 112 -26.51 -11.87 -2.15
C ALA A 112 -25.92 -11.68 -0.74
N ALA A 113 -24.58 -11.62 -0.63
CA ALA A 113 -23.85 -11.45 0.64
C ALA A 113 -23.50 -9.98 0.91
N ASN A 114 -23.20 -9.20 -0.14
CA ASN A 114 -22.84 -7.78 -0.01
C ASN A 114 -24.00 -6.85 -0.41
N ASN A 115 -25.18 -7.43 -0.71
CA ASN A 115 -26.42 -6.75 -1.13
C ASN A 115 -26.15 -5.74 -2.26
N LEU A 116 -25.93 -6.26 -3.49
CA LEU A 116 -25.66 -5.47 -4.68
C LEU A 116 -26.80 -5.64 -5.71
N GLN A 117 -27.20 -4.52 -6.32
CA GLN A 117 -28.29 -4.47 -7.30
C GLN A 117 -27.73 -4.61 -8.73
N THR A 118 -27.78 -5.84 -9.29
CA THR A 118 -27.27 -6.15 -10.63
C THR A 118 -28.24 -5.68 -11.75
N ALA A 119 -27.76 -5.73 -13.01
CA ALA A 119 -28.53 -5.34 -14.20
C ALA A 119 -28.49 -6.46 -15.26
N VAL A 120 -29.62 -7.15 -15.46
CA VAL A 120 -29.76 -8.27 -16.39
C VAL A 120 -30.17 -7.75 -17.79
N HIS A 121 -29.47 -8.24 -18.83
CA HIS A 121 -29.72 -7.88 -20.23
C HIS A 121 -29.40 -9.04 -21.19
N THR A 122 -28.30 -9.79 -20.95
CA THR A 122 -27.92 -10.92 -21.78
C THR A 122 -28.60 -12.21 -21.31
N TRP A 123 -28.73 -13.19 -22.22
CA TRP A 123 -29.36 -14.49 -21.95
C TRP A 123 -28.53 -15.35 -21.01
N GLU A 124 -27.18 -15.22 -21.08
CA GLU A 124 -26.20 -15.97 -20.29
C GLU A 124 -26.35 -15.71 -18.78
N GLN A 125 -26.63 -14.45 -18.37
CA GLN A 125 -26.78 -14.13 -16.95
C GLN A 125 -28.17 -14.53 -16.41
N LEU A 126 -29.18 -14.66 -17.31
CA LEU A 126 -30.53 -15.10 -16.95
C LEU A 126 -30.52 -16.62 -16.71
N GLU A 127 -29.75 -17.35 -17.54
CA GLU A 127 -29.55 -18.80 -17.46
C GLU A 127 -28.82 -19.19 -16.18
N ALA A 128 -27.83 -18.37 -15.77
CA ALA A 128 -27.03 -18.56 -14.56
C ALA A 128 -27.84 -18.24 -13.30
N LEU A 129 -28.80 -17.30 -13.40
CA LEU A 129 -29.66 -16.88 -12.29
C LEU A 129 -30.66 -17.98 -11.89
N GLU A 130 -31.24 -18.67 -12.89
CA GLU A 130 -32.21 -19.75 -12.68
C GLU A 130 -31.52 -21.04 -12.22
N GLN A 131 -30.26 -21.25 -12.63
CA GLN A 131 -29.46 -22.44 -12.31
C GLN A 131 -28.82 -22.38 -10.91
N ALA A 132 -28.62 -21.17 -10.36
CA ALA A 132 -27.99 -20.98 -9.04
C ALA A 132 -29.02 -20.83 -7.92
N ASP A 133 -28.77 -21.52 -6.79
CA ASP A 133 -29.59 -21.47 -5.58
C ASP A 133 -28.80 -20.80 -4.45
N LEU A 134 -29.35 -19.72 -3.87
CA LEU A 134 -28.70 -18.94 -2.82
C LEU A 134 -29.72 -18.23 -1.90
N PRO A 135 -29.43 -18.07 -0.59
CA PRO A 135 -30.38 -17.36 0.29
C PRO A 135 -30.40 -15.86 -0.01
N ALA A 136 -31.61 -15.24 0.06
CA ALA A 136 -31.95 -13.83 -0.20
C ALA A 136 -31.81 -13.49 -1.70
N PRO A 137 -32.84 -12.90 -2.33
CA PRO A 137 -32.73 -12.57 -3.77
C PRO A 137 -32.01 -11.25 -4.02
N VAL A 138 -31.72 -10.94 -5.30
CA VAL A 138 -31.01 -9.72 -5.70
C VAL A 138 -31.92 -8.82 -6.56
N VAL A 139 -31.73 -7.49 -6.47
CA VAL A 139 -32.52 -6.50 -7.23
C VAL A 139 -31.94 -6.38 -8.65
N ALA A 140 -32.77 -6.64 -9.67
CA ALA A 140 -32.32 -6.58 -11.07
C ALA A 140 -32.92 -5.39 -11.83
N TRP A 141 -32.10 -4.81 -12.73
CA TRP A 141 -32.44 -3.70 -13.63
C TRP A 141 -32.35 -4.19 -15.08
N LEU A 142 -33.14 -3.63 -16.01
CA LEU A 142 -33.04 -4.11 -17.39
C LEU A 142 -33.15 -2.98 -18.44
N KCX A 143 -32.58 -3.25 -19.62
CA KCX A 143 -32.54 -2.39 -20.80
CB KCX A 143 -32.08 -0.93 -20.61
CG KCX A 143 -32.96 -0.04 -21.50
CD KCX A 143 -32.21 1.25 -21.88
CE KCX A 143 -32.21 1.49 -23.39
NZ KCX A 143 -30.95 1.00 -24.00
C KCX A 143 -31.69 -3.08 -21.89
O KCX A 143 -30.96 -4.03 -21.59
CX KCX A 143 -29.75 1.65 -23.96
OQ1 KCX A 143 -28.77 1.15 -24.50
OQ2 KCX A 143 -29.62 2.85 -23.33
N LEU A 144 -31.81 -2.62 -23.14
CA LEU A 144 -31.06 -3.19 -24.27
C LEU A 144 -29.82 -2.33 -24.61
N ASP A 145 -29.18 -2.61 -25.76
CA ASP A 145 -28.00 -1.87 -26.22
C ASP A 145 -28.19 -1.40 -27.66
N GLU A 157 -37.69 -9.56 -33.93
CA GLU A 157 -37.15 -8.36 -33.34
C GLU A 157 -37.58 -8.24 -31.86
N MET A 158 -36.61 -7.98 -30.97
CA MET A 158 -36.72 -7.79 -29.51
C MET A 158 -37.28 -9.06 -28.79
N PRO A 159 -36.44 -9.76 -27.99
CA PRO A 159 -36.94 -10.94 -27.26
C PRO A 159 -37.76 -10.56 -26.03
N ALA A 160 -38.84 -11.32 -25.77
CA ALA A 160 -39.74 -11.12 -24.63
C ALA A 160 -39.32 -12.01 -23.46
N PHE A 161 -38.08 -11.81 -22.98
CA PHE A 161 -37.48 -12.54 -21.86
C PHE A 161 -37.83 -11.87 -20.51
N ILE A 162 -38.69 -10.83 -20.56
CA ILE A 162 -39.18 -10.04 -19.43
C ILE A 162 -40.02 -10.95 -18.51
N GLU A 163 -40.85 -11.84 -19.09
CA GLU A 163 -41.68 -12.77 -18.33
C GLU A 163 -40.82 -13.89 -17.70
N ARG A 164 -39.69 -14.23 -18.35
CA ARG A 164 -38.73 -15.24 -17.89
C ARG A 164 -37.94 -14.70 -16.69
N LEU A 165 -37.63 -13.39 -16.70
CA LEU A 165 -36.93 -12.69 -15.63
C LEU A 165 -37.86 -12.51 -14.42
N ALA A 166 -39.16 -12.30 -14.69
CA ALA A 166 -40.20 -12.11 -13.67
C ALA A 166 -40.46 -13.39 -12.88
N LYS A 167 -40.50 -14.56 -13.57
CA LYS A 167 -40.75 -15.88 -12.97
C LYS A 167 -39.53 -16.44 -12.19
N CYS A 168 -38.36 -15.78 -12.27
CA CYS A 168 -37.12 -16.22 -11.59
C CYS A 168 -37.29 -16.20 -10.07
N LYS A 169 -36.70 -17.21 -9.41
CA LYS A 169 -36.76 -17.43 -7.97
C LYS A 169 -35.74 -16.60 -7.18
N ASN A 170 -34.57 -16.31 -7.78
CA ASN A 170 -33.48 -15.57 -7.14
C ASN A 170 -33.44 -14.07 -7.53
N VAL A 171 -34.63 -13.45 -7.70
CA VAL A 171 -34.74 -12.03 -8.06
C VAL A 171 -35.82 -11.34 -7.19
N VAL A 172 -35.54 -10.11 -6.72
CA VAL A 172 -36.47 -9.32 -5.90
C VAL A 172 -37.57 -8.84 -6.84
N GLN A 173 -38.78 -9.41 -6.68
CA GLN A 173 -39.94 -9.10 -7.53
C GLN A 173 -40.83 -8.02 -6.89
N PRO A 174 -41.26 -6.98 -7.65
CA PRO A 174 -40.94 -6.71 -9.06
C PRO A 174 -39.51 -6.17 -9.23
N PHE A 175 -38.84 -6.53 -10.36
CA PHE A 175 -37.44 -6.22 -10.67
C PHE A 175 -37.06 -4.74 -10.53
N ASN A 176 -37.24 -3.92 -11.60
CA ASN A 176 -36.95 -2.48 -11.80
C ASN A 176 -36.45 -2.22 -13.23
N ILE A 177 -36.76 -1.04 -13.77
CA ILE A 177 -36.37 -0.65 -15.13
C ILE A 177 -35.66 0.70 -15.14
N MET A 178 -34.57 0.79 -15.93
CA MET A 178 -33.81 2.03 -16.11
C MET A 178 -33.68 2.32 -17.62
N THR A 179 -34.66 3.07 -18.15
CA THR A 179 -34.80 3.46 -19.55
C THR A 179 -33.96 4.73 -19.85
N HIS A 180 -34.07 5.28 -21.08
CA HIS A 180 -33.32 6.46 -21.48
C HIS A 180 -34.17 7.54 -22.18
N PHE A 181 -33.70 8.79 -22.10
CA PHE A 181 -34.31 9.98 -22.69
C PHE A 181 -33.81 10.20 -24.13
N GLU A 194 -36.12 6.03 -31.91
CA GLU A 194 -37.02 5.68 -33.00
C GLU A 194 -36.87 4.21 -33.40
N GLN A 195 -35.65 3.64 -33.23
CA GLN A 195 -35.34 2.25 -33.56
C GLN A 195 -35.93 1.28 -32.54
N ILE A 196 -35.80 1.58 -31.23
CA ILE A 196 -36.35 0.75 -30.16
C ILE A 196 -37.87 0.98 -30.08
N ASP A 197 -38.32 2.00 -29.30
CA ASP A 197 -39.72 2.42 -29.07
C ASP A 197 -40.61 1.32 -28.46
N LEU A 198 -40.32 0.03 -28.74
CA LEU A 198 -41.05 -1.13 -28.22
C LEU A 198 -40.86 -1.30 -26.72
N PHE A 199 -39.71 -0.84 -26.18
CA PHE A 199 -39.39 -0.91 -24.76
C PHE A 199 -40.32 -0.02 -23.94
N SER A 200 -40.71 1.16 -24.48
CA SER A 200 -41.60 2.14 -23.85
C SER A 200 -43.02 1.59 -23.61
N GLN A 201 -43.60 0.91 -24.62
CA GLN A 201 -44.95 0.35 -24.53
C GLN A 201 -44.96 -0.96 -23.71
N LEU A 202 -43.86 -1.74 -23.74
CA LEU A 202 -43.76 -2.99 -22.99
C LEU A 202 -43.51 -2.75 -21.49
N THR A 203 -42.94 -1.58 -21.11
CA THR A 203 -42.66 -1.25 -19.72
C THR A 203 -43.88 -0.65 -18.98
N ALA A 204 -44.94 -0.27 -19.72
CA ALA A 204 -46.18 0.30 -19.17
C ALA A 204 -46.90 -0.63 -18.15
N PRO A 205 -47.17 -1.95 -18.42
CA PRO A 205 -47.85 -2.75 -17.40
C PRO A 205 -46.96 -3.15 -16.22
N LEU A 206 -45.62 -3.09 -16.41
CA LEU A 206 -44.63 -3.45 -15.39
C LEU A 206 -44.45 -2.35 -14.33
N LEU A 207 -44.23 -2.76 -13.08
CA LEU A 207 -43.98 -1.89 -11.93
C LEU A 207 -42.51 -2.03 -11.47
N GLY A 208 -41.84 -0.94 -11.08
CA GLY A 208 -42.35 0.43 -11.01
C GLY A 208 -41.41 1.34 -10.25
N GLU A 209 -40.09 1.06 -10.32
CA GLU A 209 -39.02 1.81 -9.67
C GLU A 209 -37.73 1.70 -10.49
N CYS A 226 -41.12 11.31 -7.97
CA CYS A 226 -41.29 11.54 -9.40
C CYS A 226 -40.26 12.58 -9.89
N ASP A 227 -39.28 12.19 -10.73
CA ASP A 227 -39.07 10.84 -11.28
C ASP A 227 -38.03 10.09 -10.42
N TRP A 228 -37.06 9.40 -11.07
CA TRP A 228 -35.96 8.65 -10.44
C TRP A 228 -34.80 8.46 -11.46
N VAL A 229 -34.56 9.50 -12.29
CA VAL A 229 -33.52 9.54 -13.33
C VAL A 229 -32.12 9.80 -12.76
N ARG A 230 -31.07 9.30 -13.44
CA ARG A 230 -29.67 9.44 -13.03
C ARG A 230 -28.81 10.08 -14.18
N PRO A 231 -27.65 10.71 -13.86
CA PRO A 231 -26.87 11.39 -14.92
C PRO A 231 -25.93 10.46 -15.70
N GLY A 232 -25.27 11.03 -16.73
CA GLY A 232 -24.33 10.33 -17.59
C GLY A 232 -22.89 10.51 -17.17
N VAL A 233 -22.38 11.75 -17.31
CA VAL A 233 -21.01 12.14 -16.97
C VAL A 233 -20.99 13.64 -16.57
N ILE A 234 -22.16 14.31 -16.65
CA ILE A 234 -22.40 15.73 -16.32
C ILE A 234 -22.12 16.05 -14.84
N LEU A 235 -22.01 15.02 -13.98
CA LEU A 235 -21.73 15.17 -12.55
C LEU A 235 -20.25 15.55 -12.30
N TYR A 236 -19.41 15.49 -13.34
CA TYR A 236 -17.99 15.83 -13.29
C TYR A 236 -17.69 17.15 -14.02
N GLY A 237 -18.67 17.65 -14.78
CA GLY A 237 -18.57 18.89 -15.53
C GLY A 237 -18.22 18.67 -16.99
N VAL A 238 -18.62 17.50 -17.55
CA VAL A 238 -18.38 17.09 -18.93
C VAL A 238 -19.76 16.93 -19.61
N SER A 239 -20.02 17.70 -20.70
CA SER A 239 -21.31 17.74 -21.41
C SER A 239 -21.84 16.32 -21.77
N PRO A 240 -21.22 15.46 -22.64
CA PRO A 240 -20.00 15.62 -23.44
C PRO A 240 -20.28 15.93 -24.93
N PHE A 241 -21.57 15.90 -25.33
CA PHE A 241 -22.15 16.08 -26.67
C PHE A 241 -21.44 17.08 -27.59
N PRO A 242 -21.28 16.72 -28.90
CA PRO A 242 -20.61 17.63 -29.84
C PRO A 242 -21.50 18.81 -30.25
N ASN A 243 -22.82 18.72 -29.98
CA ASN A 243 -23.81 19.78 -30.27
C ASN A 243 -23.46 21.05 -29.48
N THR A 244 -23.00 20.87 -28.22
CA THR A 244 -22.56 21.94 -27.33
C THR A 244 -21.43 21.37 -26.44
N VAL A 245 -20.17 21.62 -26.85
CA VAL A 245 -18.96 21.18 -26.15
C VAL A 245 -18.55 22.21 -25.07
N ALA A 246 -19.31 23.32 -24.96
CA ALA A 246 -19.06 24.41 -24.02
C ALA A 246 -19.22 23.95 -22.56
N ALA A 247 -20.45 23.56 -22.14
CA ALA A 247 -20.83 23.12 -20.78
C ALA A 247 -20.31 24.09 -19.71
N ASP A 248 -20.58 25.39 -19.92
CA ASP A 248 -20.18 26.48 -19.03
C ASP A 248 -21.39 26.99 -18.24
N TYR A 249 -22.61 26.66 -18.71
CA TYR A 249 -23.87 27.04 -18.08
C TYR A 249 -24.04 26.29 -16.74
N ASP A 250 -23.51 26.91 -15.66
CA ASP A 250 -23.50 26.41 -14.27
C ASP A 250 -22.85 25.02 -14.14
N LEU A 251 -21.84 24.73 -15.00
CA LEU A 251 -21.10 23.47 -14.99
C LEU A 251 -19.59 23.74 -14.91
N GLN A 252 -18.93 23.17 -13.88
CA GLN A 252 -17.49 23.34 -13.63
C GLN A 252 -16.73 22.01 -13.75
N PRO A 253 -15.60 21.96 -14.52
CA PRO A 253 -14.86 20.69 -14.64
C PRO A 253 -14.05 20.39 -13.37
N VAL A 254 -14.13 19.14 -12.89
CA VAL A 254 -13.46 18.72 -11.65
C VAL A 254 -11.96 18.42 -11.89
N MET A 255 -11.64 17.62 -12.93
CA MET A 255 -10.26 17.25 -13.24
C MET A 255 -9.56 18.35 -14.01
N THR A 256 -8.50 18.90 -13.43
CA THR A 256 -7.65 19.93 -14.03
C THR A 256 -6.26 19.30 -14.20
N LEU A 257 -5.95 18.85 -15.42
CA LEU A 257 -4.67 18.19 -15.71
C LEU A 257 -3.55 19.24 -15.81
N LYS A 258 -2.81 19.41 -14.69
CA LYS A 258 -1.70 20.33 -14.57
C LYS A 258 -0.37 19.62 -14.86
N THR A 259 0.67 20.40 -15.19
CA THR A 259 2.03 19.91 -15.45
C THR A 259 3.03 20.99 -14.99
N GLN A 260 4.30 20.93 -15.47
CA GLN A 260 5.34 21.90 -15.11
C GLN A 260 6.19 22.26 -16.32
N LEU A 261 6.63 23.53 -16.39
CA LEU A 261 7.51 24.03 -17.47
C LEU A 261 8.95 23.68 -17.09
N ILE A 262 9.47 22.55 -17.62
CA ILE A 262 10.81 22.04 -17.30
C ILE A 262 11.92 22.92 -17.91
N ALA A 263 11.80 23.29 -19.20
CA ALA A 263 12.81 24.11 -19.87
C ALA A 263 12.19 24.97 -20.97
N VAL A 264 12.90 26.05 -21.33
CA VAL A 264 12.49 26.98 -22.38
C VAL A 264 13.64 27.12 -23.38
N ARG A 265 13.35 26.90 -24.68
CA ARG A 265 14.35 26.97 -25.75
C ARG A 265 14.04 28.12 -26.70
N ASP A 266 15.07 28.90 -27.05
CA ASP A 266 14.96 30.02 -27.98
C ASP A 266 15.62 29.64 -29.30
N HIS A 267 14.84 29.64 -30.40
CA HIS A 267 15.31 29.29 -31.74
C HIS A 267 16.30 30.33 -32.26
N LYS A 268 15.88 31.63 -32.28
CA LYS A 268 16.63 32.82 -32.75
C LYS A 268 17.12 32.70 -34.22
N ALA A 269 16.76 31.58 -34.90
CA ALA A 269 17.11 31.28 -36.29
C ALA A 269 16.01 30.45 -36.97
N GLY A 270 16.00 30.46 -38.30
CA GLY A 270 15.03 29.71 -39.10
C GLY A 270 15.25 28.21 -39.03
N GLU A 271 14.82 27.58 -37.92
CA GLU A 271 14.97 26.15 -37.67
C GLU A 271 13.62 25.50 -37.30
N PRO A 272 12.97 24.76 -38.24
CA PRO A 272 11.69 24.12 -37.90
C PRO A 272 11.86 22.74 -37.25
N VAL A 273 13.11 22.27 -37.10
CA VAL A 273 13.51 20.97 -36.55
C VAL A 273 13.05 20.80 -35.07
N GLY A 274 12.58 19.59 -34.77
CA GLY A 274 12.14 19.16 -33.46
C GLY A 274 12.87 17.87 -33.11
N TYR A 275 14.21 17.95 -33.00
CA TYR A 275 15.21 16.90 -32.74
C TYR A 275 15.54 16.11 -34.03
N GLY A 276 14.51 15.81 -34.83
CA GLY A 276 14.65 15.08 -36.09
C GLY A 276 13.49 14.18 -36.45
N ALA A 277 12.42 14.17 -35.64
CA ALA A 277 11.23 13.34 -35.85
C ALA A 277 10.19 14.05 -36.74
N ASN A 278 9.79 15.28 -36.37
CA ASN A 278 8.81 16.06 -37.11
C ASN A 278 9.18 17.55 -37.14
N TRP A 279 9.00 18.19 -38.31
CA TRP A 279 9.28 19.61 -38.55
C TRP A 279 7.97 20.43 -38.48
N VAL A 280 8.09 21.76 -38.27
CA VAL A 280 6.90 22.63 -38.16
C VAL A 280 7.10 23.92 -39.05
N SER A 281 7.70 25.02 -38.52
CA SER A 281 7.91 26.27 -39.25
C SER A 281 9.19 26.99 -38.79
N ASP A 282 9.81 27.74 -39.71
CA ASP A 282 11.06 28.48 -39.48
C ASP A 282 10.86 29.78 -38.69
N ARG A 283 9.60 30.26 -38.54
CA ARG A 283 9.25 31.50 -37.82
C ARG A 283 9.84 31.47 -36.40
N ASP A 284 10.70 32.45 -36.12
CA ASP A 284 11.36 32.56 -34.84
C ASP A 284 10.37 32.81 -33.71
N THR A 285 10.28 31.83 -32.81
CA THR A 285 9.40 31.90 -31.64
C THR A 285 10.04 31.20 -30.44
N ARG A 286 9.95 31.83 -29.25
CA ARG A 286 10.49 31.29 -28.00
C ARG A 286 9.63 30.09 -27.56
N LEU A 287 10.21 28.89 -27.67
CA LEU A 287 9.56 27.61 -27.37
C LEU A 287 9.68 27.21 -25.89
N GLY A 288 8.69 26.48 -25.42
CA GLY A 288 8.60 25.95 -24.06
C GLY A 288 8.20 24.49 -24.06
N VAL A 289 8.83 23.69 -23.18
CA VAL A 289 8.57 22.24 -23.09
C VAL A 289 7.92 21.91 -21.73
N ILE A 290 6.76 21.23 -21.75
CA ILE A 290 6.04 20.80 -20.55
C ILE A 290 6.31 19.30 -20.30
N ALA A 291 6.36 18.90 -19.03
CA ALA A 291 6.65 17.52 -18.61
C ALA A 291 5.39 16.62 -18.54
N ILE A 292 4.90 16.20 -19.73
CA ILE A 292 3.78 15.27 -19.93
C ILE A 292 3.97 14.60 -21.30
N GLY A 293 4.00 13.28 -21.31
CA GLY A 293 4.19 12.50 -22.53
C GLY A 293 3.13 11.45 -22.79
N TYR A 294 3.38 10.55 -23.77
CA TYR A 294 2.44 9.47 -24.10
C TYR A 294 2.44 8.37 -23.02
N GLY A 295 3.53 8.29 -22.25
CA GLY A 295 3.70 7.35 -21.16
C GLY A 295 3.04 7.80 -19.87
N ASP A 296 2.40 8.99 -19.88
CA ASP A 296 1.68 9.59 -18.76
C ASP A 296 0.16 9.42 -18.93
N GLY A 297 -0.27 9.35 -20.19
CA GLY A 297 -1.68 9.18 -20.55
C GLY A 297 -2.13 10.07 -21.69
N TYR A 298 -1.29 11.04 -22.10
CA TYR A 298 -1.59 11.99 -23.18
C TYR A 298 -1.54 11.32 -24.57
N PRO A 299 -2.49 11.61 -25.48
CA PRO A 299 -2.42 10.97 -26.81
C PRO A 299 -1.39 11.66 -27.72
N ARG A 300 -0.66 10.85 -28.50
CA ARG A 300 0.38 11.30 -29.45
C ARG A 300 -0.24 12.03 -30.66
N MET A 301 -1.57 11.86 -30.86
CA MET A 301 -2.38 12.42 -31.95
C MET A 301 -2.41 13.97 -31.94
N ALA A 302 -2.77 14.56 -33.11
CA ALA A 302 -2.93 15.99 -33.44
C ALA A 302 -1.63 16.81 -33.28
N PRO A 303 -1.11 17.42 -34.38
CA PRO A 303 0.12 18.21 -34.27
C PRO A 303 -0.20 19.67 -33.90
N ASN A 304 0.00 20.62 -34.84
CA ASN A 304 -0.24 22.06 -34.63
C ASN A 304 -1.74 22.34 -34.59
N GLY A 305 -2.23 22.72 -33.41
CA GLY A 305 -3.63 23.04 -33.20
C GLY A 305 -4.23 22.65 -31.86
N THR A 306 -3.57 21.75 -31.10
CA THR A 306 -4.08 21.32 -29.80
C THR A 306 -3.93 22.46 -28.78
N PRO A 307 -5.02 22.91 -28.12
CA PRO A 307 -4.89 24.03 -27.18
C PRO A 307 -4.35 23.61 -25.81
N VAL A 308 -3.48 24.45 -25.24
CA VAL A 308 -2.85 24.31 -23.92
C VAL A 308 -2.93 25.69 -23.24
N LEU A 309 -3.48 25.75 -22.02
CA LEU A 309 -3.60 27.01 -21.30
C LEU A 309 -2.37 27.25 -20.41
N VAL A 310 -1.58 28.28 -20.75
CA VAL A 310 -0.36 28.66 -20.01
C VAL A 310 -0.49 30.15 -19.61
N ASN A 311 -0.54 30.42 -18.29
CA ASN A 311 -0.66 31.74 -17.65
C ASN A 311 -1.89 32.52 -18.17
N GLY A 312 -3.03 31.83 -18.25
CA GLY A 312 -4.29 32.39 -18.71
C GLY A 312 -4.51 32.34 -20.22
N ARG A 313 -3.45 32.66 -20.98
CA ARG A 313 -3.43 32.70 -22.45
C ARG A 313 -3.38 31.27 -23.04
N ILE A 314 -4.14 31.04 -24.12
CA ILE A 314 -4.19 29.76 -24.83
C ILE A 314 -3.04 29.73 -25.84
N VAL A 315 -2.18 28.68 -25.76
CA VAL A 315 -1.02 28.51 -26.63
C VAL A 315 -1.10 27.14 -27.36
N PRO A 316 -0.88 27.09 -28.70
CA PRO A 316 -1.01 25.82 -29.42
C PRO A 316 0.17 24.86 -29.27
N LEU A 317 -0.14 23.57 -29.11
CA LEU A 317 0.83 22.47 -28.99
C LEU A 317 1.50 22.23 -30.35
N VAL A 318 2.83 22.09 -30.36
CA VAL A 318 3.61 21.89 -31.59
C VAL A 318 4.40 20.57 -31.56
N GLY A 319 4.68 20.04 -32.75
CA GLY A 319 5.42 18.81 -32.96
C GLY A 319 4.76 17.55 -32.43
N ARG A 320 5.56 16.49 -32.26
CA ARG A 320 5.11 15.20 -31.72
C ARG A 320 5.22 15.17 -30.20
N VAL A 321 4.72 14.09 -29.58
CA VAL A 321 4.74 13.89 -28.13
C VAL A 321 5.72 12.75 -27.79
N SER A 322 6.61 12.98 -26.81
CA SER A 322 7.59 11.96 -26.36
C SER A 322 6.99 11.16 -25.19
N MET A 323 7.78 10.32 -24.51
CA MET A 323 7.30 9.48 -23.41
C MET A 323 7.05 10.28 -22.12
N ASP A 324 7.91 11.26 -21.80
CA ASP A 324 7.81 12.04 -20.56
C ASP A 324 7.49 13.53 -20.77
N MET A 325 7.74 14.09 -21.98
CA MET A 325 7.52 15.52 -22.23
C MET A 325 6.97 15.81 -23.64
N THR A 326 6.51 17.06 -23.87
CA THR A 326 6.01 17.56 -25.16
C THR A 326 6.25 19.08 -25.23
N THR A 327 6.52 19.61 -26.44
CA THR A 327 6.79 21.03 -26.65
C THR A 327 5.51 21.78 -27.05
N VAL A 328 5.44 23.08 -26.70
CA VAL A 328 4.30 23.97 -26.97
C VAL A 328 4.83 25.34 -27.45
N ASP A 329 4.16 25.95 -28.45
CA ASP A 329 4.54 27.25 -29.02
C ASP A 329 3.93 28.39 -28.19
N LEU A 330 4.78 29.21 -27.57
CA LEU A 330 4.33 30.34 -26.74
C LEU A 330 4.39 31.65 -27.52
N GLY A 331 5.60 32.13 -27.82
CA GLY A 331 5.85 33.37 -28.53
C GLY A 331 7.10 34.07 -28.05
N PRO A 332 7.79 34.85 -28.93
CA PRO A 332 9.02 35.53 -28.49
C PRO A 332 8.79 36.71 -27.55
N GLY A 333 7.68 37.43 -27.74
CA GLY A 333 7.30 38.57 -26.93
C GLY A 333 6.88 38.20 -25.52
N ALA A 334 6.32 36.99 -25.36
CA ALA A 334 5.85 36.44 -24.09
C ALA A 334 7.00 36.09 -23.15
N THR A 335 6.76 36.18 -21.83
CA THR A 335 7.75 35.88 -20.79
C THR A 335 7.23 34.76 -19.87
N ASP A 336 7.53 33.50 -20.22
CA ASP A 336 7.12 32.33 -19.46
C ASP A 336 8.34 31.67 -18.84
N LYS A 337 8.43 31.77 -17.50
CA LYS A 337 9.50 31.27 -16.65
C LYS A 337 9.32 29.78 -16.35
N ALA A 338 10.43 29.09 -16.01
CA ALA A 338 10.43 27.65 -15.71
C ALA A 338 9.78 27.40 -14.34
N GLY A 339 8.67 26.67 -14.36
CA GLY A 339 7.88 26.32 -13.19
C GLY A 339 6.47 26.90 -13.21
N ASP A 340 5.93 27.15 -14.42
CA ASP A 340 4.58 27.70 -14.57
C ASP A 340 3.50 26.63 -14.49
N GLU A 341 2.24 27.09 -14.25
CA GLU A 341 1.03 26.27 -14.07
C GLU A 341 0.82 25.24 -15.21
N ALA A 342 0.53 25.72 -16.45
CA ALA A 342 0.29 24.94 -17.69
C ALA A 342 -0.78 23.83 -17.49
N VAL A 343 -2.05 24.13 -17.79
CA VAL A 343 -3.15 23.17 -17.65
C VAL A 343 -3.58 22.67 -19.06
N LEU A 344 -3.72 21.34 -19.21
CA LEU A 344 -4.08 20.67 -20.46
C LEU A 344 -5.59 20.72 -20.68
N TRP A 345 -6.39 20.34 -19.66
CA TRP A 345 -7.86 20.36 -19.68
C TRP A 345 -8.43 20.58 -18.28
N GLY A 346 -9.62 21.19 -18.20
CA GLY A 346 -10.30 21.48 -16.95
C GLY A 346 -10.73 22.93 -16.83
N GLU A 347 -10.24 23.62 -15.78
CA GLU A 347 -10.55 25.03 -15.52
C GLU A 347 -9.76 25.91 -16.49
N GLY A 348 -10.47 26.79 -17.19
CA GLY A 348 -9.90 27.69 -18.19
C GLY A 348 -9.99 27.17 -19.61
N LEU A 349 -9.88 25.84 -19.78
CA LEU A 349 -9.94 25.14 -21.07
C LEU A 349 -10.68 23.79 -20.89
N PRO A 350 -11.94 23.65 -21.36
CA PRO A 350 -12.69 22.40 -21.15
C PRO A 350 -12.09 21.16 -21.82
N VAL A 351 -12.39 19.97 -21.25
CA VAL A 351 -11.90 18.67 -21.72
C VAL A 351 -12.59 18.27 -23.05
N GLU A 352 -13.85 18.72 -23.27
CA GLU A 352 -14.64 18.46 -24.47
C GLU A 352 -14.03 19.18 -25.68
N ARG A 353 -13.46 20.37 -25.42
CA ARG A 353 -12.81 21.22 -26.42
C ARG A 353 -11.49 20.61 -26.88
N VAL A 354 -10.71 20.04 -25.93
CA VAL A 354 -9.41 19.40 -26.17
C VAL A 354 -9.63 18.08 -26.92
N ALA A 355 -10.65 17.28 -26.52
CA ALA A 355 -11.00 16.00 -27.13
C ALA A 355 -11.43 16.17 -28.60
N ASP A 356 -12.16 17.26 -28.91
CA ASP A 356 -12.63 17.59 -30.26
C ASP A 356 -11.46 17.92 -31.19
N GLN A 357 -10.41 18.58 -30.64
CA GLN A 357 -9.20 18.96 -31.39
C GLN A 357 -8.32 17.74 -31.68
N ILE A 358 -8.32 16.73 -30.79
CA ILE A 358 -7.56 15.49 -30.96
C ILE A 358 -8.33 14.54 -31.89
N GLY A 359 -9.64 14.37 -31.62
CA GLY A 359 -10.52 13.52 -32.42
C GLY A 359 -11.34 12.53 -31.62
N THR A 360 -10.79 12.07 -30.47
CA THR A 360 -11.42 11.09 -29.58
C THR A 360 -12.49 11.75 -28.68
N ILE A 361 -13.25 10.93 -27.93
CA ILE A 361 -14.30 11.37 -27.01
C ILE A 361 -13.67 11.76 -25.65
N PRO A 362 -14.29 12.68 -24.86
CA PRO A 362 -13.67 13.07 -23.57
C PRO A 362 -13.63 11.95 -22.53
N TYR A 363 -14.46 10.88 -22.70
CA TYR A 363 -14.52 9.71 -21.82
C TYR A 363 -13.18 8.98 -21.73
N GLU A 364 -12.44 8.88 -22.87
CA GLU A 364 -11.14 8.23 -22.94
C GLU A 364 -10.06 9.08 -22.25
N LEU A 365 -10.00 10.39 -22.57
CA LEU A 365 -9.04 11.37 -22.07
C LEU A 365 -8.87 11.33 -20.54
N ILE A 366 -9.98 11.19 -19.79
CA ILE A 366 -10.00 11.17 -18.32
C ILE A 366 -9.74 9.75 -17.74
N THR A 367 -9.85 8.69 -18.57
CA THR A 367 -9.65 7.30 -18.14
C THR A 367 -8.33 6.68 -18.66
N LYS A 368 -7.72 7.29 -19.69
CA LYS A 368 -6.46 6.83 -20.33
C LYS A 368 -5.23 7.07 -19.43
N LEU A 369 -5.34 7.99 -18.43
CA LEU A 369 -4.26 8.35 -17.50
C LEU A 369 -3.76 7.15 -16.70
N THR A 370 -2.44 6.89 -16.76
CA THR A 370 -1.78 5.77 -16.09
C THR A 370 -1.43 6.13 -14.62
N SER A 371 -0.79 5.20 -13.90
CA SER A 371 -0.38 5.33 -12.50
C SER A 371 0.72 6.40 -12.28
N ARG A 372 1.36 6.87 -13.36
CA ARG A 372 2.45 7.87 -13.32
C ARG A 372 1.94 9.26 -12.91
N VAL A 373 0.66 9.58 -13.21
CA VAL A 373 0.07 10.88 -12.86
C VAL A 373 -0.30 10.86 -11.36
N PHE A 374 0.03 11.96 -10.64
CA PHE A 374 -0.24 12.09 -9.22
C PHE A 374 -1.63 12.70 -9.02
N MET A 375 -2.41 12.07 -8.13
CA MET A 375 -3.77 12.46 -7.80
C MET A 375 -3.79 13.53 -6.70
N GLU A 376 -4.20 14.74 -7.07
CA GLU A 376 -4.32 15.88 -6.16
C GLU A 376 -5.80 16.11 -5.86
N TYR A 377 -6.14 16.32 -4.59
CA TYR A 377 -7.52 16.57 -4.16
C TYR A 377 -7.60 17.86 -3.36
N VAL A 378 -8.52 18.74 -3.75
CA VAL A 378 -8.74 20.03 -3.07
C VAL A 378 -10.21 20.14 -2.63
N THR B 14 21.11 -18.03 4.37
CA THR B 14 22.29 -17.82 3.54
C THR B 14 22.32 -18.87 2.41
N GLU B 15 22.05 -20.15 2.74
CA GLU B 15 22.05 -21.25 1.77
C GLU B 15 20.86 -22.20 1.98
N ASN B 16 20.14 -22.50 0.88
CA ASN B 16 18.97 -23.40 0.75
C ASN B 16 17.74 -23.00 1.61
N LEU B 17 17.90 -22.17 2.65
CA LEU B 17 16.80 -21.72 3.50
C LEU B 17 15.96 -20.67 2.74
N TYR B 18 16.33 -19.38 2.82
CA TYR B 18 15.67 -18.28 2.09
C TYR B 18 16.64 -17.11 1.85
N PHE B 19 16.95 -16.30 2.90
CA PHE B 19 17.82 -15.12 2.89
C PHE B 19 17.27 -14.07 1.90
N GLN B 20 16.43 -13.14 2.40
CA GLN B 20 15.79 -12.11 1.59
C GLN B 20 16.31 -10.70 1.96
N SER B 21 15.71 -10.06 2.98
CA SER B 21 16.07 -8.71 3.45
C SER B 21 16.07 -8.67 4.98
N MET B 22 14.95 -9.07 5.61
CA MET B 22 14.78 -9.11 7.06
C MET B 22 15.45 -10.36 7.64
N LYS B 23 16.26 -10.18 8.69
CA LYS B 23 16.99 -11.26 9.36
C LYS B 23 16.99 -11.07 10.89
N ALA B 24 15.83 -10.64 11.44
CA ALA B 24 15.55 -10.41 12.86
C ALA B 24 14.04 -10.31 13.08
N ALA B 25 13.51 -11.11 14.03
CA ALA B 25 12.10 -11.22 14.44
C ALA B 25 11.19 -11.63 13.27
N ILE B 26 10.80 -12.92 13.24
CA ILE B 26 9.96 -13.53 12.21
C ILE B 26 9.01 -14.57 12.87
N ALA B 27 7.70 -14.50 12.56
CA ALA B 27 6.69 -15.42 13.11
C ALA B 27 6.03 -16.22 11.97
N GLN B 28 6.73 -17.25 11.46
CA GLN B 28 6.25 -18.03 10.33
C GLN B 28 5.19 -19.09 10.68
N ILE B 29 4.23 -19.23 9.76
CA ILE B 29 3.12 -20.19 9.68
C ILE B 29 3.22 -20.84 8.29
N ASN B 30 2.87 -22.13 8.04
CA ASN B 30 2.22 -23.22 8.78
C ASN B 30 0.70 -23.19 8.52
N THR B 31 0.32 -22.91 7.25
CA THR B 31 -1.07 -22.90 6.79
C THR B 31 -1.59 -24.33 6.62
N ALA B 32 -0.66 -25.28 6.39
CA ALA B 32 -0.94 -26.71 6.24
C ALA B 32 -1.06 -27.41 7.61
N ALA B 33 -1.13 -26.63 8.71
CA ALA B 33 -1.24 -27.13 10.09
C ALA B 33 -2.62 -26.85 10.71
N LEU B 34 -3.22 -25.64 10.50
CA LEU B 34 -4.53 -25.32 11.07
C LEU B 34 -5.67 -26.11 10.39
N ARG B 35 -5.44 -26.59 9.13
CA ARG B 35 -6.39 -27.40 8.38
C ARG B 35 -6.43 -28.82 8.99
N HIS B 36 -5.27 -29.28 9.52
CA HIS B 36 -5.12 -30.55 10.23
C HIS B 36 -5.81 -30.42 11.60
N ASN B 37 -5.73 -29.21 12.20
CA ASN B 37 -6.37 -28.86 13.47
C ASN B 37 -7.88 -28.71 13.28
N LEU B 38 -8.32 -28.43 12.04
CA LEU B 38 -9.72 -28.30 11.64
C LEU B 38 -10.33 -29.69 11.41
N ALA B 39 -9.55 -30.61 10.80
CA ALA B 39 -9.95 -31.99 10.48
C ALA B 39 -10.18 -32.83 11.73
N VAL B 40 -9.40 -32.61 12.82
CA VAL B 40 -9.52 -33.37 14.07
C VAL B 40 -10.82 -32.97 14.81
N VAL B 41 -11.36 -31.76 14.54
CA VAL B 41 -12.62 -31.27 15.12
C VAL B 41 -13.76 -32.07 14.44
N LYS B 42 -13.62 -32.36 13.13
CA LYS B 42 -14.58 -33.16 12.36
C LYS B 42 -14.49 -34.64 12.78
N ARG B 43 -13.33 -35.07 13.31
CA ARG B 43 -13.07 -36.43 13.82
C ARG B 43 -13.83 -36.67 15.13
N HIS B 44 -14.19 -35.59 15.86
CA HIS B 44 -14.96 -35.65 17.11
C HIS B 44 -16.44 -35.37 16.83
N ALA B 45 -16.71 -34.33 16.02
CA ALA B 45 -18.03 -33.87 15.63
C ALA B 45 -18.19 -33.89 14.09
N PRO B 46 -18.70 -35.01 13.51
CA PRO B 46 -18.81 -35.08 12.04
C PRO B 46 -20.03 -34.36 11.46
N GLN B 47 -21.13 -34.28 12.21
CA GLN B 47 -22.39 -33.63 11.78
C GLN B 47 -22.34 -32.10 11.94
N CYS B 48 -21.67 -31.63 13.00
CA CYS B 48 -21.56 -30.23 13.42
C CYS B 48 -20.85 -29.34 12.40
N LYS B 49 -21.32 -28.07 12.30
CA LYS B 49 -20.76 -27.04 11.43
C LYS B 49 -19.71 -26.23 12.23
N ILE B 50 -18.45 -26.22 11.74
CA ILE B 50 -17.32 -25.55 12.38
C ILE B 50 -17.36 -24.03 12.09
N ILE B 51 -17.10 -23.21 13.13
CA ILE B 51 -17.10 -21.74 13.05
C ILE B 51 -15.80 -21.17 13.66
N ALA B 52 -14.92 -20.61 12.80
CA ALA B 52 -13.68 -19.93 13.21
C ALA B 52 -14.03 -18.46 13.49
N VAL B 53 -13.44 -17.71 14.46
CA VAL B 53 -12.27 -17.83 15.36
C VAL B 53 -11.12 -17.12 14.62
N VAL B 54 -11.33 -15.80 14.41
CA VAL B 54 -10.44 -14.81 13.79
C VAL B 54 -10.69 -13.45 14.52
N LYS B 55 -10.89 -13.52 15.87
CA LYS B 55 -11.20 -12.41 16.80
C LYS B 55 -10.22 -11.25 16.62
N ALA B 56 -8.92 -11.46 16.93
CA ALA B 56 -7.88 -10.44 16.72
C ALA B 56 -7.45 -10.52 15.25
N ASN B 57 -6.20 -10.13 14.90
CA ASN B 57 -5.74 -10.28 13.50
C ASN B 57 -5.47 -11.78 13.29
N ALA B 58 -6.58 -12.58 13.41
CA ALA B 58 -6.68 -14.03 13.44
C ALA B 58 -5.75 -14.57 14.53
N TYR B 59 -5.79 -13.89 15.71
CA TYR B 59 -4.96 -14.14 16.89
C TYR B 59 -3.46 -13.88 16.57
N GLY B 60 -3.21 -12.85 15.76
CA GLY B 60 -1.87 -12.45 15.34
C GLY B 60 -1.26 -13.29 14.23
N HIS B 61 -2.09 -14.09 13.54
CA HIS B 61 -1.66 -14.97 12.45
C HIS B 61 -2.04 -14.40 11.06
N GLY B 62 -2.81 -13.30 11.06
CA GLY B 62 -3.27 -12.64 9.84
C GLY B 62 -4.67 -13.07 9.46
N LEU B 63 -5.63 -12.10 9.50
CA LEU B 63 -7.07 -12.29 9.21
C LEU B 63 -7.32 -12.88 7.81
N LEU B 64 -6.91 -12.17 6.74
CA LEU B 64 -7.12 -12.55 5.35
C LEU B 64 -6.39 -13.86 4.94
N PRO B 65 -5.10 -14.13 5.27
CA PRO B 65 -4.47 -15.38 4.80
C PRO B 65 -5.06 -16.68 5.37
N VAL B 66 -5.45 -16.70 6.67
CA VAL B 66 -6.02 -17.91 7.29
C VAL B 66 -7.47 -18.14 6.82
N ALA B 67 -8.20 -17.05 6.49
CA ALA B 67 -9.59 -17.08 6.00
C ALA B 67 -9.65 -17.75 4.63
N ARG B 68 -8.62 -17.53 3.80
CA ARG B 68 -8.50 -18.14 2.47
C ARG B 68 -8.13 -19.63 2.61
N THR B 69 -7.40 -19.97 3.69
CA THR B 69 -6.95 -21.33 3.99
C THR B 69 -8.11 -22.16 4.57
N LEU B 70 -8.87 -21.61 5.54
CA LEU B 70 -10.01 -22.30 6.17
C LEU B 70 -11.28 -22.13 5.30
N VAL B 71 -11.24 -22.71 4.10
CA VAL B 71 -12.34 -22.67 3.12
C VAL B 71 -13.45 -23.69 3.52
N ASP B 72 -13.06 -24.75 4.27
CA ASP B 72 -13.97 -25.80 4.76
C ASP B 72 -14.86 -25.29 5.91
N ALA B 73 -14.46 -24.17 6.55
CA ALA B 73 -15.19 -23.54 7.65
C ALA B 73 -16.55 -23.02 7.16
N ASP B 74 -17.62 -23.46 7.83
CA ASP B 74 -19.01 -23.14 7.48
C ASP B 74 -19.38 -21.67 7.78
N ALA B 75 -18.72 -21.05 8.78
CA ALA B 75 -18.98 -19.65 9.17
C ALA B 75 -17.74 -19.00 9.81
N TYR B 76 -17.67 -17.65 9.74
CA TYR B 76 -16.57 -16.88 10.31
C TYR B 76 -17.04 -16.05 11.52
N ALA B 77 -16.12 -15.69 12.43
CA ALA B 77 -16.43 -14.93 13.64
C ALA B 77 -15.31 -13.93 13.99
N VAL B 78 -15.67 -12.64 14.01
CA VAL B 78 -14.77 -11.51 14.30
C VAL B 78 -15.29 -10.72 15.52
N ALA B 79 -14.47 -9.78 16.05
CA ALA B 79 -14.84 -8.95 17.20
C ALA B 79 -15.42 -7.59 16.79
N ARG B 80 -14.91 -7.00 15.68
CA ARG B 80 -15.36 -5.69 15.19
C ARG B 80 -15.72 -5.72 13.68
N ILE B 81 -16.53 -4.72 13.25
CA ILE B 81 -17.02 -4.54 11.89
C ILE B 81 -15.89 -4.37 10.86
N GLU B 82 -14.79 -3.67 11.24
CA GLU B 82 -13.62 -3.40 10.40
C GLU B 82 -13.03 -4.67 9.78
N GLU B 83 -12.95 -5.76 10.57
CA GLU B 83 -12.42 -7.06 10.13
C GLU B 83 -13.41 -7.77 9.21
N ALA B 84 -14.71 -7.67 9.52
CA ALA B 84 -15.81 -8.28 8.76
C ALA B 84 -15.93 -7.68 7.35
N LEU B 85 -15.67 -6.37 7.21
CA LEU B 85 -15.72 -5.64 5.93
C LEU B 85 -14.54 -6.04 5.04
N MET B 86 -13.39 -6.40 5.66
CA MET B 86 -12.17 -6.85 4.98
C MET B 86 -12.36 -8.25 4.41
N LEU B 87 -13.14 -9.11 5.11
CA LEU B 87 -13.44 -10.48 4.69
C LEU B 87 -14.39 -10.47 3.50
N ARG B 88 -15.50 -9.70 3.62
CA ARG B 88 -16.54 -9.53 2.59
C ARG B 88 -15.95 -9.03 1.28
N SER B 89 -14.98 -8.08 1.36
CA SER B 89 -14.29 -7.50 0.20
C SER B 89 -13.35 -8.52 -0.47
N CYS B 90 -12.94 -9.57 0.27
CA CYS B 90 -12.07 -10.63 -0.24
C CYS B 90 -12.90 -11.85 -0.73
N ALA B 91 -14.10 -11.55 -1.29
CA ALA B 91 -15.09 -12.46 -1.88
C ALA B 91 -15.48 -13.65 -0.97
N VAL B 92 -15.72 -13.39 0.34
CA VAL B 92 -16.13 -14.40 1.31
C VAL B 92 -17.67 -14.40 1.37
N VAL B 93 -18.30 -15.55 1.08
CA VAL B 93 -19.75 -15.73 1.03
C VAL B 93 -20.31 -16.32 2.33
N LYS B 94 -19.47 -17.05 3.10
CA LYS B 94 -19.83 -17.69 4.38
C LYS B 94 -20.30 -16.63 5.40
N PRO B 95 -21.31 -16.93 6.25
CA PRO B 95 -21.80 -15.92 7.21
C PRO B 95 -20.76 -15.51 8.24
N ILE B 96 -20.61 -14.19 8.46
CA ILE B 96 -19.67 -13.60 9.42
C ILE B 96 -20.43 -13.29 10.71
N VAL B 97 -19.94 -13.84 11.85
CA VAL B 97 -20.55 -13.64 13.16
C VAL B 97 -19.78 -12.53 13.88
N LEU B 98 -20.49 -11.46 14.28
CA LEU B 98 -19.88 -10.35 14.99
C LEU B 98 -19.98 -10.57 16.51
N LEU B 99 -18.91 -11.10 17.11
CA LEU B 99 -18.81 -11.39 18.55
C LEU B 99 -18.78 -10.08 19.33
N GLU B 100 -19.40 -10.08 20.55
CA GLU B 100 -19.57 -8.93 21.43
C GLU B 100 -20.56 -7.89 20.85
N GLY B 101 -21.00 -8.12 19.61
CA GLY B 101 -21.94 -7.28 18.89
C GLY B 101 -21.44 -5.90 18.54
N PHE B 102 -22.39 -4.98 18.30
CA PHE B 102 -22.13 -3.59 17.95
C PHE B 102 -22.24 -2.70 19.19
N PHE B 103 -21.34 -1.72 19.32
CA PHE B 103 -21.33 -0.78 20.45
C PHE B 103 -22.01 0.54 20.07
N SER B 104 -22.05 0.84 18.76
CA SER B 104 -22.61 2.08 18.21
C SER B 104 -23.91 1.82 17.45
N ALA B 105 -24.84 2.80 17.48
CA ALA B 105 -26.13 2.75 16.79
C ALA B 105 -25.94 2.87 15.27
N ALA B 106 -24.85 3.52 14.83
CA ALA B 106 -24.50 3.72 13.42
C ALA B 106 -23.86 2.45 12.80
N ASP B 107 -23.63 1.40 13.61
CA ASP B 107 -23.06 0.13 13.17
C ASP B 107 -24.16 -0.86 12.74
N LEU B 108 -25.43 -0.45 12.82
CA LEU B 108 -26.57 -1.27 12.42
C LEU B 108 -26.84 -1.22 10.90
N PRO B 109 -26.84 -0.05 10.19
CA PRO B 109 -27.13 -0.09 8.75
C PRO B 109 -26.03 -0.78 7.92
N VAL B 110 -24.77 -0.76 8.40
CA VAL B 110 -23.63 -1.43 7.72
C VAL B 110 -23.76 -2.96 7.89
N LEU B 111 -24.33 -3.40 9.02
CA LEU B 111 -24.54 -4.80 9.40
C LEU B 111 -25.54 -5.48 8.46
N ALA B 112 -26.61 -4.76 8.08
CA ALA B 112 -27.66 -5.25 7.18
C ALA B 112 -27.19 -5.24 5.72
N ALA B 113 -26.47 -4.17 5.31
CA ALA B 113 -25.95 -3.97 3.95
C ALA B 113 -24.87 -4.99 3.56
N ASN B 114 -24.05 -5.42 4.54
CA ASN B 114 -22.98 -6.39 4.32
C ASN B 114 -23.36 -7.81 4.82
N ASN B 115 -24.64 -7.98 5.27
CA ASN B 115 -25.22 -9.22 5.80
C ASN B 115 -24.30 -9.87 6.85
N LEU B 116 -24.28 -9.27 8.05
CA LEU B 116 -23.47 -9.75 9.16
C LEU B 116 -24.37 -10.32 10.27
N GLN B 117 -23.80 -11.11 11.19
CA GLN B 117 -24.54 -11.72 12.27
C GLN B 117 -24.09 -11.16 13.61
N THR B 118 -24.86 -10.21 14.16
CA THR B 118 -24.56 -9.55 15.44
C THR B 118 -24.84 -10.49 16.63
N ALA B 119 -24.33 -10.12 17.82
CA ALA B 119 -24.51 -10.84 19.07
C ALA B 119 -25.03 -9.87 20.14
N VAL B 120 -26.33 -9.98 20.49
CA VAL B 120 -26.98 -9.09 21.47
C VAL B 120 -26.85 -9.67 22.88
N HIS B 121 -26.42 -8.83 23.84
CA HIS B 121 -26.25 -9.20 25.25
C HIS B 121 -26.51 -8.01 26.19
N THR B 122 -26.07 -6.79 25.82
CA THR B 122 -26.27 -5.58 26.63
C THR B 122 -27.62 -4.92 26.28
N TRP B 123 -28.16 -4.14 27.22
CA TRP B 123 -29.43 -3.42 27.06
C TRP B 123 -29.33 -2.28 26.04
N GLU B 124 -28.15 -1.65 25.94
CA GLU B 124 -27.85 -0.52 25.05
C GLU B 124 -28.00 -0.89 23.56
N GLN B 125 -27.59 -2.11 23.17
CA GLN B 125 -27.70 -2.55 21.77
C GLN B 125 -29.13 -3.00 21.41
N LEU B 126 -29.94 -3.42 22.42
CA LEU B 126 -31.34 -3.80 22.22
C LEU B 126 -32.18 -2.52 22.01
N GLU B 127 -31.86 -1.46 22.80
CA GLU B 127 -32.51 -0.14 22.73
C GLU B 127 -32.27 0.52 21.38
N ALA B 128 -31.04 0.35 20.83
CA ALA B 128 -30.62 0.90 19.54
C ALA B 128 -31.26 0.12 18.38
N LEU B 129 -31.54 -1.19 18.57
CA LEU B 129 -32.16 -2.06 17.57
C LEU B 129 -33.63 -1.71 17.33
N GLU B 130 -34.36 -1.39 18.41
CA GLU B 130 -35.78 -1.02 18.35
C GLU B 130 -35.97 0.42 17.83
N GLN B 131 -34.99 1.30 18.10
CA GLN B 131 -35.01 2.72 17.71
C GLN B 131 -34.61 2.93 16.24
N ALA B 132 -33.85 2.00 15.64
CA ALA B 132 -33.39 2.13 14.25
C ALA B 132 -34.29 1.39 13.26
N ASP B 133 -34.59 2.04 12.12
CA ASP B 133 -35.41 1.51 11.04
C ASP B 133 -34.52 1.32 9.80
N LEU B 134 -34.49 0.09 9.27
CA LEU B 134 -33.67 -0.28 8.11
C LEU B 134 -34.29 -1.46 7.34
N PRO B 135 -34.17 -1.50 5.98
CA PRO B 135 -34.72 -2.66 5.24
C PRO B 135 -33.89 -3.92 5.46
N ALA B 136 -34.56 -5.09 5.55
CA ALA B 136 -34.03 -6.43 5.80
C ALA B 136 -33.51 -6.58 7.25
N PRO B 137 -33.97 -7.62 8.00
CA PRO B 137 -33.50 -7.77 9.38
C PRO B 137 -32.14 -8.47 9.48
N VAL B 138 -31.56 -8.51 10.69
CA VAL B 138 -30.25 -9.13 10.96
C VAL B 138 -30.41 -10.34 11.90
N VAL B 139 -29.58 -11.38 11.70
CA VAL B 139 -29.60 -12.62 12.49
C VAL B 139 -28.79 -12.40 13.77
N ALA B 140 -29.47 -12.11 14.89
CA ALA B 140 -28.84 -11.86 16.18
C ALA B 140 -28.71 -13.13 17.02
N TRP B 141 -27.55 -13.27 17.68
CA TRP B 141 -27.22 -14.41 18.55
C TRP B 141 -27.33 -13.95 20.02
N LEU B 142 -28.09 -14.68 20.84
CA LEU B 142 -28.31 -14.33 22.24
C LEU B 142 -27.36 -15.09 23.18
N KCX B 143 -26.66 -14.34 24.05
CA KCX B 143 -25.74 -14.89 25.06
CB KCX B 143 -24.64 -15.88 24.70
CG KCX B 143 -24.49 -16.78 25.94
CD KCX B 143 -23.20 -16.53 26.71
CE KCX B 143 -22.09 -17.48 26.24
NZ KCX B 143 -20.79 -16.83 26.47
C KCX B 143 -25.11 -13.76 25.86
O KCX B 143 -24.38 -12.95 25.27
CX KCX B 143 -19.74 -16.89 25.61
OQ1 KCX B 143 -19.79 -17.52 24.56
OQ2 KCX B 143 -18.61 -16.25 25.93
N LEU B 144 -25.34 -13.75 27.18
CA LEU B 144 -24.82 -12.74 28.13
C LEU B 144 -23.28 -12.78 28.27
N ASP B 145 -22.72 -11.83 29.05
CA ASP B 145 -21.28 -11.69 29.31
C ASP B 145 -20.75 -12.87 30.12
N ARG B 154 -41.31 -8.31 37.94
CA ARG B 154 -40.30 -7.30 37.63
C ARG B 154 -39.32 -7.17 38.79
N ALA B 155 -38.06 -7.62 38.57
CA ALA B 155 -36.96 -7.57 39.54
C ALA B 155 -35.61 -7.60 38.84
N ASP B 156 -34.60 -6.93 39.44
CA ASP B 156 -33.23 -6.87 38.92
C ASP B 156 -32.52 -8.22 39.13
N GLU B 157 -31.41 -8.45 38.40
CA GLU B 157 -30.57 -9.67 38.37
C GLU B 157 -31.32 -10.79 37.65
N MET B 158 -30.65 -11.37 36.62
CA MET B 158 -31.17 -12.40 35.69
C MET B 158 -32.33 -11.78 34.89
N PRO B 159 -32.06 -10.88 33.91
CA PRO B 159 -33.17 -10.24 33.19
C PRO B 159 -33.74 -11.10 32.07
N ALA B 160 -35.08 -11.10 31.95
CA ALA B 160 -35.81 -11.84 30.93
C ALA B 160 -36.10 -10.92 29.74
N PHE B 161 -35.01 -10.43 29.10
CA PHE B 161 -35.06 -9.54 27.93
C PHE B 161 -35.11 -10.36 26.63
N ILE B 162 -35.25 -11.69 26.76
CA ILE B 162 -35.36 -12.68 25.68
C ILE B 162 -36.66 -12.42 24.90
N GLU B 163 -37.77 -12.12 25.61
CA GLU B 163 -39.07 -11.82 25.00
C GLU B 163 -39.04 -10.43 24.29
N ARG B 164 -38.20 -9.49 24.81
CA ARG B 164 -38.03 -8.15 24.24
C ARG B 164 -37.24 -8.23 22.94
N LEU B 165 -36.26 -9.15 22.88
CA LEU B 165 -35.44 -9.41 21.70
C LEU B 165 -36.27 -10.11 20.62
N ALA B 166 -37.21 -10.98 21.05
CA ALA B 166 -38.10 -11.74 20.19
C ALA B 166 -39.13 -10.85 19.49
N LYS B 167 -39.69 -9.85 20.21
CA LYS B 167 -40.70 -8.95 19.67
C LYS B 167 -40.10 -7.83 18.77
N CYS B 168 -38.75 -7.73 18.66
CA CYS B 168 -38.05 -6.72 17.86
C CYS B 168 -38.39 -6.89 16.37
N LYS B 169 -38.53 -5.75 15.67
CA LYS B 169 -38.89 -5.65 14.25
C LYS B 169 -37.69 -5.83 13.31
N ASN B 170 -36.48 -5.43 13.74
CA ASN B 170 -35.26 -5.49 12.92
C ASN B 170 -34.37 -6.71 13.26
N VAL B 171 -35.00 -7.87 13.56
CA VAL B 171 -34.29 -9.11 13.89
C VAL B 171 -34.94 -10.31 13.15
N VAL B 172 -34.10 -11.21 12.60
CA VAL B 172 -34.54 -12.42 11.90
C VAL B 172 -35.07 -13.38 12.97
N GLN B 173 -36.41 -13.58 12.99
CA GLN B 173 -37.06 -14.43 13.98
C GLN B 173 -37.30 -15.86 13.46
N PRO B 174 -36.97 -16.92 14.26
CA PRO B 174 -36.35 -16.89 15.61
C PRO B 174 -34.87 -16.53 15.54
N PHE B 175 -34.36 -15.80 16.56
CA PHE B 175 -32.99 -15.25 16.66
C PHE B 175 -31.90 -16.37 16.62
N ASN B 176 -31.06 -16.51 17.69
CA ASN B 176 -29.99 -17.50 17.78
C ASN B 176 -29.35 -17.54 19.20
N ILE B 177 -28.46 -18.52 19.44
CA ILE B 177 -27.74 -18.85 20.69
C ILE B 177 -26.66 -19.93 20.32
N MET B 178 -25.40 -20.00 20.82
CA MET B 178 -24.55 -19.27 21.78
C MET B 178 -24.72 -19.81 23.22
N THR B 179 -24.33 -21.08 23.45
CA THR B 179 -24.43 -21.72 24.77
C THR B 179 -23.10 -22.37 25.17
N HIS B 180 -22.78 -22.35 26.48
CA HIS B 180 -21.60 -22.94 27.11
C HIS B 180 -21.88 -24.43 27.49
N PHE B 181 -20.96 -25.22 28.13
CA PHE B 181 -19.63 -24.89 28.65
C PHE B 181 -18.52 -25.59 27.86
N SER B 182 -17.42 -24.85 27.56
CA SER B 182 -16.23 -25.26 26.82
C SER B 182 -16.57 -25.90 25.47
N GLU B 194 -23.21 -17.13 40.96
CA GLU B 194 -22.14 -16.66 40.09
C GLU B 194 -22.67 -16.17 38.73
N GLN B 195 -23.78 -16.79 38.23
CA GLN B 195 -24.47 -16.50 36.96
C GLN B 195 -23.54 -16.78 35.76
N ILE B 196 -23.66 -17.95 35.08
CA ILE B 196 -24.61 -19.06 35.32
C ILE B 196 -23.84 -20.40 35.52
N ASP B 197 -24.39 -21.43 36.24
CA ASP B 197 -25.66 -21.64 36.98
C ASP B 197 -26.85 -21.96 36.03
N LEU B 198 -27.85 -21.06 35.91
CA LEU B 198 -29.06 -21.22 35.09
C LEU B 198 -28.78 -20.98 33.57
N PHE B 199 -29.69 -20.26 32.84
CA PHE B 199 -29.63 -19.90 31.41
C PHE B 199 -29.80 -21.11 30.48
N SER B 200 -29.11 -22.24 30.77
CA SER B 200 -29.15 -23.50 30.02
C SER B 200 -30.57 -24.11 30.01
N GLN B 201 -31.40 -23.76 31.00
CA GLN B 201 -32.77 -24.25 31.10
C GLN B 201 -33.74 -23.29 30.36
N LEU B 202 -33.39 -21.98 30.29
CA LEU B 202 -34.19 -20.95 29.62
C LEU B 202 -34.11 -21.07 28.08
N THR B 203 -33.02 -21.65 27.54
CA THR B 203 -32.82 -21.79 26.09
C THR B 203 -33.54 -23.03 25.51
N ALA B 204 -33.98 -23.97 26.38
CA ALA B 204 -34.67 -25.20 25.99
C ALA B 204 -35.98 -24.95 25.19
N PRO B 205 -36.95 -24.09 25.60
CA PRO B 205 -38.15 -23.91 24.77
C PRO B 205 -37.92 -23.09 23.50
N LEU B 206 -36.82 -22.31 23.45
CA LEU B 206 -36.46 -21.46 22.30
C LEU B 206 -35.87 -22.26 21.15
N LEU B 207 -36.17 -21.83 19.91
CA LEU B 207 -35.69 -22.45 18.67
C LEU B 207 -34.63 -21.56 17.99
N GLY B 208 -33.56 -22.14 17.45
CA GLY B 208 -33.28 -23.58 17.45
C GLY B 208 -31.98 -23.98 16.78
N GLU B 209 -30.90 -23.22 17.03
CA GLU B 209 -29.57 -23.48 16.47
C GLU B 209 -28.48 -23.06 17.47
N ARG B 210 -28.14 -23.93 18.44
CA ARG B 210 -27.12 -23.66 19.46
C ARG B 210 -25.69 -23.63 18.85
N ALA B 211 -24.68 -23.19 19.64
CA ALA B 211 -23.30 -23.10 19.18
C ALA B 211 -22.33 -23.75 20.17
N ASP B 223 -21.80 -32.94 28.35
CA ASP B 223 -22.34 -32.16 27.23
C ASP B 223 -23.11 -33.07 26.25
N SER B 224 -24.13 -32.49 25.60
CA SER B 224 -24.99 -33.20 24.63
C SER B 224 -24.44 -33.05 23.21
N HIS B 225 -24.37 -34.18 22.47
CA HIS B 225 -23.87 -34.20 21.09
C HIS B 225 -25.03 -34.43 20.09
N CYS B 226 -25.34 -33.50 19.14
CA CYS B 226 -24.82 -32.15 18.78
C CYS B 226 -25.00 -31.93 17.27
N ASP B 227 -25.12 -30.66 16.84
CA ASP B 227 -25.30 -30.34 15.41
C ASP B 227 -24.54 -29.05 14.99
N TRP B 228 -24.04 -28.25 15.96
CA TRP B 228 -23.30 -27.00 15.70
C TRP B 228 -22.29 -26.72 16.83
N VAL B 229 -20.99 -26.49 16.49
CA VAL B 229 -19.92 -26.21 17.47
C VAL B 229 -18.96 -25.11 16.97
N ARG B 230 -18.36 -24.36 17.92
CA ARG B 230 -17.36 -23.33 17.65
C ARG B 230 -16.18 -23.48 18.63
N PRO B 231 -14.93 -23.69 18.14
CA PRO B 231 -13.79 -23.85 19.05
C PRO B 231 -13.37 -22.54 19.73
N GLY B 232 -12.38 -22.62 20.61
CA GLY B 232 -11.86 -21.47 21.35
C GLY B 232 -10.63 -20.86 20.70
N VAL B 233 -9.49 -21.58 20.79
CA VAL B 233 -8.20 -21.20 20.20
C VAL B 233 -7.43 -22.49 19.76
N ILE B 234 -8.05 -23.67 19.99
CA ILE B 234 -7.52 -25.01 19.66
C ILE B 234 -7.32 -25.20 18.15
N LEU B 235 -7.91 -24.31 17.32
CA LEU B 235 -7.80 -24.36 15.85
C LEU B 235 -6.41 -23.89 15.39
N TYR B 236 -5.60 -23.31 16.30
CA TYR B 236 -4.24 -22.82 16.04
C TYR B 236 -3.17 -23.73 16.68
N GLY B 237 -3.61 -24.63 17.56
CA GLY B 237 -2.74 -25.57 18.27
C GLY B 237 -2.38 -25.12 19.66
N VAL B 238 -3.28 -24.33 20.29
CA VAL B 238 -3.12 -23.77 21.64
C VAL B 238 -4.25 -24.29 22.52
N SER B 239 -3.91 -24.81 23.72
CA SER B 239 -4.88 -25.29 24.70
C SER B 239 -5.46 -24.09 25.46
N PRO B 240 -6.80 -24.01 25.67
CA PRO B 240 -7.38 -22.85 26.37
C PRO B 240 -6.84 -22.64 27.79
N PHE B 241 -6.52 -23.73 28.51
CA PHE B 241 -5.96 -23.66 29.86
C PHE B 241 -4.89 -24.76 30.05
N PRO B 242 -3.61 -24.40 30.31
CA PRO B 242 -2.58 -25.45 30.44
C PRO B 242 -2.73 -26.31 31.70
N ASN B 243 -3.43 -27.45 31.53
CA ASN B 243 -3.66 -28.45 32.58
C ASN B 243 -2.75 -29.66 32.36
N THR B 244 -2.56 -30.06 31.09
CA THR B 244 -1.73 -31.19 30.66
C THR B 244 -0.87 -30.80 29.44
N VAL B 245 -1.33 -29.78 28.66
CA VAL B 245 -0.73 -29.23 27.43
C VAL B 245 -0.88 -30.25 26.28
N ALA B 246 -0.37 -31.50 26.45
CA ALA B 246 -0.46 -32.57 25.45
C ALA B 246 -1.88 -33.11 25.33
N ALA B 247 -2.60 -32.65 24.28
CA ALA B 247 -3.99 -33.05 24.01
C ALA B 247 -4.06 -34.09 22.87
N ASP B 248 -2.93 -34.81 22.63
CA ASP B 248 -2.72 -35.86 21.61
C ASP B 248 -2.87 -35.29 20.17
N TYR B 249 -2.69 -36.15 19.13
CA TYR B 249 -2.79 -35.72 17.72
C TYR B 249 -4.20 -35.13 17.42
N ASP B 250 -4.30 -34.00 16.69
CA ASP B 250 -3.24 -33.27 15.97
C ASP B 250 -2.25 -32.53 16.90
N LEU B 251 -2.71 -31.45 17.60
CA LEU B 251 -1.92 -30.59 18.50
C LEU B 251 -0.61 -30.15 17.80
N GLN B 252 -0.76 -29.29 16.79
CA GLN B 252 0.37 -28.74 16.03
C GLN B 252 0.32 -27.23 16.10
N PRO B 253 1.28 -26.55 16.78
CA PRO B 253 1.22 -25.09 16.85
C PRO B 253 1.57 -24.46 15.50
N VAL B 254 0.74 -23.51 15.05
CA VAL B 254 0.92 -22.85 13.76
C VAL B 254 2.02 -21.78 13.84
N MET B 255 1.94 -20.84 14.81
CA MET B 255 2.92 -19.77 14.96
C MET B 255 4.20 -20.27 15.61
N THR B 256 5.31 -20.17 14.87
CA THR B 256 6.64 -20.53 15.33
C THR B 256 7.47 -19.25 15.32
N LEU B 257 7.63 -18.62 16.51
CA LEU B 257 8.37 -17.37 16.63
C LEU B 257 9.87 -17.61 16.55
N LYS B 258 10.43 -17.41 15.35
CA LYS B 258 11.85 -17.57 15.05
C LYS B 258 12.58 -16.23 15.16
N THR B 259 13.91 -16.27 15.33
CA THR B 259 14.78 -15.10 15.42
C THR B 259 16.17 -15.47 14.83
N GLN B 260 17.22 -14.68 15.13
CA GLN B 260 18.58 -14.93 14.63
C GLN B 260 19.62 -14.65 15.71
N LEU B 261 20.67 -15.49 15.74
CA LEU B 261 21.80 -15.33 16.67
C LEU B 261 22.76 -14.29 16.09
N ILE B 262 22.74 -13.08 16.66
CA ILE B 262 23.55 -11.95 16.19
C ILE B 262 25.02 -12.07 16.62
N ALA B 263 25.29 -12.47 17.89
CA ALA B 263 26.66 -12.60 18.39
C ALA B 263 26.82 -13.71 19.45
N VAL B 264 28.09 -14.09 19.73
CA VAL B 264 28.50 -15.12 20.72
C VAL B 264 29.63 -14.52 21.59
N ARG B 265 29.45 -14.57 22.93
CA ARG B 265 30.41 -14.07 23.93
C ARG B 265 30.83 -15.18 24.90
N ASP B 266 31.83 -14.89 25.75
CA ASP B 266 32.33 -15.81 26.77
C ASP B 266 32.36 -15.10 28.13
N HIS B 267 31.33 -15.34 28.95
CA HIS B 267 31.17 -14.74 30.28
C HIS B 267 31.09 -15.82 31.34
N TRP B 279 23.03 -9.72 36.86
CA TRP B 279 23.27 -10.31 38.16
C TRP B 279 23.62 -11.81 38.05
N VAL B 280 23.78 -12.31 36.80
CA VAL B 280 24.10 -13.71 36.49
C VAL B 280 25.53 -14.07 36.99
N SER B 281 25.80 -15.38 37.19
CA SER B 281 27.06 -15.95 37.68
C SER B 281 28.28 -15.49 36.86
N ASP B 282 29.42 -15.30 37.54
CA ASP B 282 30.69 -14.83 36.96
C ASP B 282 31.53 -15.98 36.35
N ARG B 283 31.07 -17.25 36.48
CA ARG B 283 31.76 -18.43 35.95
C ARG B 283 31.81 -18.39 34.42
N ASP B 284 33.00 -18.63 33.86
CA ASP B 284 33.21 -18.61 32.42
C ASP B 284 32.70 -19.88 31.76
N THR B 285 31.84 -19.70 30.77
CA THR B 285 31.25 -20.81 30.02
C THR B 285 31.14 -20.38 28.53
N ARG B 286 29.92 -20.05 28.05
CA ARG B 286 29.60 -19.60 26.69
C ARG B 286 28.18 -19.02 26.67
N LEU B 287 28.02 -17.79 26.16
CA LEU B 287 26.73 -17.11 26.10
C LEU B 287 26.42 -16.56 24.70
N GLY B 288 25.17 -16.72 24.29
CA GLY B 288 24.66 -16.26 22.99
C GLY B 288 23.62 -15.16 23.11
N VAL B 289 23.52 -14.31 22.07
CA VAL B 289 22.56 -13.19 22.05
C VAL B 289 21.70 -13.31 20.77
N ILE B 290 20.36 -13.26 20.96
CA ILE B 290 19.37 -13.36 19.88
C ILE B 290 18.63 -12.03 19.72
N ALA B 291 18.30 -11.68 18.46
CA ALA B 291 17.71 -10.40 18.06
C ALA B 291 16.15 -10.35 18.15
N ILE B 292 15.66 -10.19 19.39
CA ILE B 292 14.24 -10.02 19.77
C ILE B 292 14.20 -9.32 21.13
N GLY B 293 13.51 -8.20 21.20
CA GLY B 293 13.39 -7.40 22.41
C GLY B 293 11.96 -7.09 22.85
N TYR B 294 11.80 -6.17 23.82
CA TYR B 294 10.47 -5.76 24.31
C TYR B 294 9.73 -4.90 23.29
N GLY B 295 10.49 -4.26 22.40
CA GLY B 295 9.96 -3.42 21.34
C GLY B 295 9.51 -4.21 20.12
N ASP B 296 9.65 -5.55 20.18
CA ASP B 296 9.26 -6.50 19.13
C ASP B 296 7.95 -7.22 19.49
N GLY B 297 7.67 -7.34 20.78
CA GLY B 297 6.48 -7.99 21.29
C GLY B 297 6.74 -8.98 22.42
N TYR B 298 8.02 -9.21 22.75
CA TYR B 298 8.44 -10.12 23.82
C TYR B 298 8.21 -9.46 25.20
N PRO B 299 7.59 -10.22 26.14
CA PRO B 299 7.15 -9.65 27.43
C PRO B 299 8.15 -8.86 28.31
N ARG B 300 9.43 -9.27 28.38
CA ARG B 300 10.45 -8.66 29.27
C ARG B 300 10.00 -8.89 30.73
N MET B 301 9.75 -10.18 31.08
CA MET B 301 9.25 -10.58 32.41
C MET B 301 9.82 -11.91 32.91
N ALA B 302 9.62 -12.17 34.23
CA ALA B 302 9.98 -13.36 35.02
C ALA B 302 11.41 -13.92 34.72
N PRO B 303 12.50 -13.17 35.02
CA PRO B 303 13.84 -13.73 34.80
C PRO B 303 14.24 -14.68 35.95
N ASN B 304 14.98 -15.78 35.69
CA ASN B 304 15.51 -16.21 34.39
C ASN B 304 14.81 -17.51 33.95
N GLY B 305 14.14 -17.46 32.81
CA GLY B 305 13.41 -18.59 32.25
C GLY B 305 11.90 -18.41 32.27
N THR B 306 11.18 -18.35 31.10
CA THR B 306 11.50 -18.39 29.65
C THR B 306 12.35 -19.64 29.26
N PRO B 307 11.74 -20.64 28.57
CA PRO B 307 12.50 -21.86 28.24
C PRO B 307 13.49 -21.68 27.09
N VAL B 308 13.05 -21.19 25.89
CA VAL B 308 13.85 -20.91 24.67
C VAL B 308 14.55 -22.18 24.11
N LEU B 309 14.24 -22.53 22.84
CA LEU B 309 14.80 -23.68 22.13
C LEU B 309 15.79 -23.24 21.04
N VAL B 310 17.04 -23.76 21.09
CA VAL B 310 18.14 -23.47 20.15
C VAL B 310 18.78 -24.80 19.74
N ASN B 311 18.70 -25.15 18.42
CA ASN B 311 19.23 -26.37 17.79
C ASN B 311 18.76 -27.66 18.49
N GLY B 312 17.45 -27.71 18.78
CA GLY B 312 16.80 -28.85 19.41
C GLY B 312 16.78 -28.83 20.92
N ARG B 313 17.93 -28.56 21.55
CA ARG B 313 18.04 -28.52 23.00
C ARG B 313 17.40 -27.24 23.56
N ILE B 314 16.98 -27.28 24.83
CA ILE B 314 16.36 -26.15 25.52
C ILE B 314 17.44 -25.44 26.33
N VAL B 315 17.62 -24.13 26.10
CA VAL B 315 18.61 -23.30 26.79
C VAL B 315 17.90 -22.15 27.56
N PRO B 316 18.24 -21.90 28.84
CA PRO B 316 17.53 -20.85 29.60
C PRO B 316 17.97 -19.43 29.26
N LEU B 317 16.98 -18.52 29.14
CA LEU B 317 17.17 -17.10 28.84
C LEU B 317 17.65 -16.35 30.10
N VAL B 318 18.78 -15.64 29.98
CA VAL B 318 19.44 -14.93 31.09
C VAL B 318 19.36 -13.39 30.93
N GLY B 319 19.55 -12.69 32.05
CA GLY B 319 19.52 -11.23 32.11
C GLY B 319 18.19 -10.58 31.83
N ARG B 320 18.19 -9.27 31.57
CA ARG B 320 16.99 -8.50 31.26
C ARG B 320 16.90 -8.23 29.75
N VAL B 321 15.66 -8.23 29.23
CA VAL B 321 15.34 -8.05 27.81
C VAL B 321 15.47 -6.57 27.42
N SER B 322 16.21 -6.29 26.32
CA SER B 322 16.39 -4.93 25.79
C SER B 322 15.29 -4.63 24.73
N MET B 323 15.41 -3.52 24.00
CA MET B 323 14.41 -3.12 22.99
C MET B 323 14.46 -3.97 21.71
N ASP B 324 15.67 -4.35 21.25
CA ASP B 324 15.85 -5.10 20.01
C ASP B 324 16.44 -6.50 20.19
N MET B 325 17.11 -6.78 21.33
CA MET B 325 17.76 -8.08 21.56
C MET B 325 17.66 -8.58 23.02
N THR B 326 17.98 -9.88 23.21
CA THR B 326 18.01 -10.59 24.51
C THR B 326 19.10 -11.67 24.49
N THR B 327 19.86 -11.80 25.60
CA THR B 327 20.92 -12.81 25.74
C THR B 327 20.32 -14.11 26.30
N VAL B 328 20.95 -15.25 25.97
CA VAL B 328 20.54 -16.60 26.38
C VAL B 328 21.81 -17.43 26.74
N ASP B 329 21.73 -18.21 27.84
CA ASP B 329 22.84 -19.05 28.30
C ASP B 329 22.83 -20.39 27.53
N LEU B 330 23.83 -20.61 26.66
CA LEU B 330 23.88 -21.85 25.87
C LEU B 330 24.72 -22.96 26.56
N GLY B 331 25.82 -22.57 27.20
CA GLY B 331 26.70 -23.48 27.90
C GLY B 331 27.98 -23.76 27.13
N ASP B 336 27.71 -23.21 19.21
CA ASP B 336 26.67 -22.76 18.29
C ASP B 336 27.14 -21.56 17.48
N LYS B 337 27.00 -21.63 16.15
CA LYS B 337 27.42 -20.58 15.22
C LYS B 337 26.41 -19.41 15.20
N ALA B 338 26.90 -18.21 14.84
CA ALA B 338 26.08 -17.00 14.74
C ALA B 338 25.17 -17.06 13.51
N GLY B 339 23.86 -17.07 13.76
CA GLY B 339 22.84 -17.15 12.73
C GLY B 339 22.00 -18.41 12.77
N ASP B 340 21.90 -19.05 13.95
CA ASP B 340 21.13 -20.27 14.17
C ASP B 340 19.63 -19.97 14.22
N GLU B 341 18.79 -21.05 14.13
CA GLU B 341 17.32 -21.02 14.11
C GLU B 341 16.72 -20.23 15.29
N ALA B 342 16.90 -20.69 16.56
CA ALA B 342 16.41 -20.11 17.81
C ALA B 342 14.90 -19.79 17.77
N VAL B 343 14.07 -20.74 18.23
CA VAL B 343 12.62 -20.58 18.26
C VAL B 343 12.18 -20.28 19.72
N LEU B 344 11.32 -19.27 19.90
CA LEU B 344 10.81 -18.84 21.20
C LEU B 344 9.61 -19.70 21.62
N TRP B 345 8.62 -19.88 20.72
CA TRP B 345 7.43 -20.71 20.94
C TRP B 345 6.91 -21.28 19.61
N GLY B 346 6.26 -22.44 19.69
CA GLY B 346 5.69 -23.13 18.53
C GLY B 346 6.13 -24.59 18.42
N GLU B 347 6.79 -24.95 17.31
CA GLU B 347 7.27 -26.31 17.06
C GLU B 347 8.54 -26.55 17.88
N GLY B 348 8.53 -27.61 18.68
CA GLY B 348 9.64 -28.00 19.55
C GLY B 348 9.45 -27.54 20.98
N LEU B 349 8.77 -26.39 21.17
CA LEU B 349 8.48 -25.79 22.47
C LEU B 349 7.09 -25.11 22.42
N PRO B 350 6.07 -25.64 23.16
CA PRO B 350 4.72 -25.03 23.08
C PRO B 350 4.62 -23.63 23.67
N VAL B 351 3.70 -22.81 23.12
CA VAL B 351 3.44 -21.43 23.55
C VAL B 351 2.81 -21.41 24.96
N GLU B 352 2.04 -22.46 25.32
CA GLU B 352 1.39 -22.62 26.64
C GLU B 352 2.44 -22.84 27.73
N ARG B 353 3.54 -23.52 27.39
CA ARG B 353 4.68 -23.82 28.26
C ARG B 353 5.49 -22.55 28.55
N VAL B 354 5.69 -21.70 27.52
CA VAL B 354 6.44 -20.43 27.60
C VAL B 354 5.62 -19.42 28.43
N ALA B 355 4.30 -19.34 28.17
CA ALA B 355 3.37 -18.43 28.86
C ALA B 355 3.29 -18.74 30.36
N ASP B 356 3.33 -20.03 30.73
CA ASP B 356 3.29 -20.50 32.13
C ASP B 356 4.56 -20.08 32.88
N GLN B 357 5.72 -20.08 32.19
CA GLN B 357 7.01 -19.69 32.75
C GLN B 357 7.09 -18.17 32.98
N ILE B 358 6.42 -17.38 32.12
CA ILE B 358 6.38 -15.92 32.21
C ILE B 358 5.34 -15.52 33.27
N GLY B 359 4.14 -16.10 33.18
CA GLY B 359 3.04 -15.84 34.10
C GLY B 359 1.72 -15.49 33.43
N THR B 360 1.78 -14.87 32.25
CA THR B 360 0.61 -14.45 31.46
C THR B 360 -0.01 -15.63 30.69
N ILE B 361 -1.18 -15.39 30.08
CA ILE B 361 -1.92 -16.38 29.28
C ILE B 361 -1.35 -16.43 27.84
N PRO B 362 -1.45 -17.58 27.12
CA PRO B 362 -0.89 -17.64 25.75
C PRO B 362 -1.58 -16.73 24.74
N TYR B 363 -2.83 -16.29 25.05
CA TYR B 363 -3.65 -15.39 24.23
C TYR B 363 -2.95 -14.05 23.97
N GLU B 364 -2.26 -13.50 25.00
CA GLU B 364 -1.55 -12.23 24.90
C GLU B 364 -0.28 -12.39 24.07
N LEU B 365 0.54 -13.44 24.35
CA LEU B 365 1.82 -13.74 23.69
C LEU B 365 1.75 -13.68 22.16
N ILE B 366 0.69 -14.24 21.56
CA ILE B 366 0.48 -14.28 20.10
C ILE B 366 -0.14 -12.98 19.54
N THR B 367 -0.78 -12.15 20.40
CA THR B 367 -1.44 -10.91 19.98
C THR B 367 -0.63 -9.63 20.33
N LYS B 368 0.35 -9.74 21.26
CA LYS B 368 1.19 -8.63 21.72
C LYS B 368 2.22 -8.19 20.67
N LEU B 369 2.53 -9.06 19.68
CA LEU B 369 3.51 -8.82 18.61
C LEU B 369 3.18 -7.58 17.78
N THR B 370 4.14 -6.63 17.70
CA THR B 370 4.00 -5.36 16.99
C THR B 370 4.36 -5.53 15.48
N SER B 371 4.34 -4.41 14.72
CA SER B 371 4.64 -4.35 13.30
C SER B 371 6.12 -4.66 12.97
N ARG B 372 6.99 -4.72 13.99
CA ARG B 372 8.42 -5.01 13.83
C ARG B 372 8.71 -6.47 13.45
N VAL B 373 7.78 -7.40 13.74
CA VAL B 373 7.93 -8.82 13.39
C VAL B 373 7.46 -9.00 11.93
N PHE B 374 8.26 -9.69 11.09
CA PHE B 374 7.96 -9.86 9.65
C PHE B 374 6.76 -10.80 9.39
N MET B 375 6.75 -11.99 10.03
CA MET B 375 5.80 -13.10 9.91
C MET B 375 5.67 -13.61 8.44
N GLU B 376 6.22 -14.81 8.20
CA GLU B 376 6.27 -15.48 6.90
C GLU B 376 5.09 -16.45 6.72
N TYR B 377 4.74 -16.75 5.47
CA TYR B 377 3.63 -17.65 5.16
C TYR B 377 4.10 -18.82 4.29
N VAL B 378 3.81 -20.06 4.74
CA VAL B 378 4.17 -21.32 4.07
C VAL B 378 3.06 -22.39 4.31
N PHE C 19 -12.53 11.70 20.96
CA PHE C 19 -13.59 11.28 20.04
C PHE C 19 -13.75 12.32 18.89
N GLN C 20 -13.67 11.95 17.57
CA GLN C 20 -13.44 10.68 16.84
C GLN C 20 -14.67 9.76 16.77
N SER C 21 -15.45 9.66 17.87
CA SER C 21 -16.66 8.83 18.06
C SER C 21 -16.32 7.33 17.88
N MET C 22 -16.11 6.87 16.64
CA MET C 22 -15.77 5.49 16.31
C MET C 22 -14.26 5.36 16.00
N LYS C 23 -13.59 4.22 16.34
CA LYS C 23 -14.15 3.01 16.92
C LYS C 23 -13.51 2.66 18.28
N ALA C 24 -12.17 2.50 18.34
CA ALA C 24 -11.47 2.12 19.58
C ALA C 24 -10.10 2.80 19.74
N ALA C 25 -9.03 1.99 19.96
CA ALA C 25 -7.63 2.38 20.21
C ALA C 25 -7.10 3.37 19.17
N ILE C 26 -6.40 4.42 19.64
CA ILE C 26 -5.81 5.48 18.81
C ILE C 26 -4.66 6.18 19.56
N ALA C 27 -3.50 6.32 18.88
CA ALA C 27 -2.29 7.00 19.35
C ALA C 27 -2.21 8.34 18.64
N GLN C 28 -2.44 9.45 19.38
CA GLN C 28 -2.50 10.78 18.82
C GLN C 28 -1.26 11.63 19.13
N ILE C 29 -0.69 12.24 18.07
CA ILE C 29 0.43 13.19 18.07
C ILE C 29 0.01 14.37 17.15
N ASN C 30 0.32 15.68 17.42
CA ASN C 30 1.12 16.37 18.46
C ASN C 30 2.59 16.48 18.03
N THR C 31 2.79 17.07 16.83
CA THR C 31 4.07 17.39 16.20
C THR C 31 4.64 18.69 16.79
N ALA C 32 3.74 19.54 17.38
CA ALA C 32 4.07 20.83 18.00
C ALA C 32 4.94 20.62 19.24
N ALA C 33 4.68 19.52 19.97
CA ALA C 33 5.41 19.14 21.18
C ALA C 33 6.81 18.60 20.87
N LEU C 34 7.01 17.84 19.76
CA LEU C 34 8.34 17.31 19.44
C LEU C 34 9.25 18.40 18.82
N ARG C 35 8.67 19.44 18.15
CA ARG C 35 9.45 20.59 17.66
C ARG C 35 9.91 21.42 18.85
N HIS C 36 9.06 21.49 19.90
CA HIS C 36 9.29 22.20 21.16
C HIS C 36 10.44 21.56 21.94
N ASN C 37 10.44 20.21 22.08
CA ASN C 37 11.46 19.44 22.79
C ASN C 37 12.86 19.59 22.17
N LEU C 38 12.93 19.68 20.81
CA LEU C 38 14.17 19.87 20.06
C LEU C 38 14.75 21.27 20.32
N ALA C 39 13.86 22.28 20.51
CA ALA C 39 14.23 23.66 20.81
C ALA C 39 14.78 23.80 22.24
N VAL C 40 14.31 22.93 23.17
CA VAL C 40 14.75 22.89 24.58
C VAL C 40 16.22 22.45 24.64
N VAL C 41 16.61 21.48 23.78
CA VAL C 41 17.97 20.95 23.66
C VAL C 41 18.89 22.06 23.12
N LYS C 42 18.41 22.83 22.12
CA LYS C 42 19.14 23.94 21.50
C LYS C 42 19.22 25.16 22.45
N ARG C 43 18.29 25.28 23.41
CA ARG C 43 18.26 26.37 24.40
C ARG C 43 19.50 26.29 25.32
N HIS C 44 19.86 25.07 25.75
CA HIS C 44 21.02 24.83 26.61
C HIS C 44 22.30 24.68 25.77
N ALA C 45 22.23 23.92 24.66
CA ALA C 45 23.38 23.70 23.78
C ALA C 45 23.11 24.30 22.38
N PRO C 46 23.45 25.60 22.15
CA PRO C 46 23.17 26.22 20.84
C PRO C 46 24.19 25.88 19.75
N GLN C 47 25.47 25.73 20.11
CA GLN C 47 26.55 25.43 19.16
C GLN C 47 26.53 23.96 18.75
N CYS C 48 25.98 23.08 19.62
CA CYS C 48 25.90 21.64 19.42
C CYS C 48 24.94 21.23 18.29
N LYS C 49 25.34 20.21 17.52
CA LYS C 49 24.58 19.66 16.41
C LYS C 49 23.76 18.45 16.91
N ILE C 50 22.43 18.66 17.04
CA ILE C 50 21.46 17.68 17.56
C ILE C 50 21.35 16.46 16.62
N ILE C 51 21.18 15.26 17.21
CA ILE C 51 21.06 13.99 16.47
C ILE C 51 19.92 13.12 17.07
N ALA C 52 18.80 12.97 16.31
CA ALA C 52 17.68 12.10 16.66
C ALA C 52 18.00 10.69 16.17
N VAL C 53 17.72 9.54 16.86
CA VAL C 53 16.94 9.08 18.03
C VAL C 53 15.52 8.66 17.53
N VAL C 54 15.45 8.28 16.24
CA VAL C 54 14.26 7.82 15.55
C VAL C 54 14.28 6.26 15.46
N LYS C 55 14.84 5.62 16.51
CA LYS C 55 14.99 4.17 16.66
C LYS C 55 13.63 3.48 16.91
N ALA C 56 13.49 2.22 16.39
CA ALA C 56 12.32 1.33 16.49
C ALA C 56 11.02 2.05 16.12
N ASN C 57 10.90 2.40 14.82
CA ASN C 57 9.78 3.13 14.20
C ASN C 57 9.52 4.43 14.99
N ALA C 58 10.62 5.16 15.28
CA ALA C 58 10.71 6.41 16.04
C ALA C 58 10.03 6.30 17.42
N TYR C 59 10.34 5.19 18.14
CA TYR C 59 9.82 4.83 19.47
C TYR C 59 8.28 4.67 19.46
N GLY C 60 7.77 4.10 18.36
CA GLY C 60 6.35 3.86 18.15
C GLY C 60 5.54 5.07 17.75
N HIS C 61 6.21 6.15 17.31
CA HIS C 61 5.57 7.40 16.89
C HIS C 61 5.54 7.56 15.35
N GLY C 62 6.20 6.64 14.64
CA GLY C 62 6.28 6.65 13.19
C GLY C 62 7.57 7.27 12.72
N LEU C 63 8.42 6.48 12.03
CA LEU C 63 9.73 6.87 11.51
C LEU C 63 9.66 8.05 10.53
N LEU C 64 8.94 7.90 9.40
CA LEU C 64 8.79 8.90 8.34
C LEU C 64 8.08 10.20 8.80
N PRO C 65 6.94 10.20 9.54
CA PRO C 65 6.30 11.49 9.89
C PRO C 65 7.12 12.40 10.82
N VAL C 66 7.85 11.84 11.82
CA VAL C 66 8.64 12.67 12.75
C VAL C 66 9.93 13.17 12.07
N ALA C 67 10.48 12.40 11.09
CA ALA C 67 11.68 12.77 10.35
C ALA C 67 11.42 14.01 9.48
N ARG C 68 10.20 14.11 8.92
CA ARG C 68 9.76 15.25 8.12
C ARG C 68 9.56 16.47 9.02
N THR C 69 9.15 16.24 10.29
CA THR C 69 8.90 17.27 11.29
C THR C 69 10.23 17.82 11.86
N LEU C 70 11.18 16.92 12.20
CA LEU C 70 12.48 17.30 12.76
C LEU C 70 13.47 17.63 11.62
N VAL C 71 13.17 18.70 10.87
CA VAL C 71 13.97 19.17 9.73
C VAL C 71 15.21 19.95 10.25
N ASP C 72 15.12 20.52 11.47
CA ASP C 72 16.20 21.28 12.11
C ASP C 72 17.30 20.35 12.63
N ALA C 73 17.01 19.04 12.78
CA ALA C 73 17.95 18.01 13.24
C ALA C 73 19.10 17.86 12.23
N ASP C 74 20.34 17.99 12.72
CA ASP C 74 21.56 17.94 11.93
C ASP C 74 21.89 16.53 11.41
N ALA C 75 21.47 15.48 12.13
CA ALA C 75 21.71 14.07 11.74
C ALA C 75 20.64 13.13 12.30
N TYR C 76 20.46 11.97 11.64
CA TYR C 76 19.50 10.94 12.04
C TYR C 76 20.21 9.69 12.55
N ALA C 77 19.53 8.88 13.40
CA ALA C 77 20.09 7.66 13.98
C ALA C 77 19.03 6.55 14.10
N VAL C 78 19.28 5.42 13.42
CA VAL C 78 18.42 4.23 13.39
C VAL C 78 19.18 2.99 13.91
N ALA C 79 18.47 1.87 14.13
CA ALA C 79 19.05 0.62 14.61
C ALA C 79 19.40 -0.35 13.47
N ARG C 80 18.58 -0.38 12.39
CA ARG C 80 18.79 -1.28 11.25
C ARG C 80 18.74 -0.53 9.91
N ILE C 81 19.33 -1.15 8.85
CA ILE C 81 19.43 -0.64 7.48
C ILE C 81 18.05 -0.38 6.85
N GLU C 82 17.04 -1.23 7.14
CA GLU C 82 15.67 -1.15 6.63
C GLU C 82 15.03 0.23 6.86
N GLU C 83 15.25 0.81 8.05
CA GLU C 83 14.72 2.12 8.43
C GLU C 83 15.48 3.24 7.72
N ALA C 84 16.81 3.09 7.58
CA ALA C 84 17.71 4.05 6.94
C ALA C 84 17.42 4.20 5.44
N LEU C 85 17.02 3.09 4.78
CA LEU C 85 16.67 3.05 3.34
C LEU C 85 15.34 3.75 3.10
N MET C 86 14.42 3.71 4.10
CA MET C 86 13.11 4.35 4.06
C MET C 86 13.25 5.87 4.18
N LEU C 87 14.24 6.33 4.97
CA LEU C 87 14.52 7.76 5.18
C LEU C 87 15.13 8.36 3.91
N ARG C 88 16.17 7.69 3.35
CA ARG C 88 16.89 8.09 2.13
C ARG C 88 15.92 8.22 0.94
N SER C 89 14.95 7.30 0.83
CA SER C 89 13.93 7.28 -0.23
C SER C 89 12.94 8.45 -0.08
N CYS C 90 12.81 9.00 1.15
CA CYS C 90 11.92 10.12 1.44
C CYS C 90 12.68 11.46 1.37
N ALA C 91 13.66 11.54 0.44
CA ALA C 91 14.53 12.69 0.11
C ALA C 91 15.23 13.33 1.34
N VAL C 92 15.78 12.50 2.24
CA VAL C 92 16.51 12.96 3.43
C VAL C 92 18.01 13.02 3.07
N VAL C 93 18.61 14.22 3.18
CA VAL C 93 20.02 14.48 2.83
C VAL C 93 20.95 14.43 4.06
N LYS C 94 20.40 14.64 5.28
CA LYS C 94 21.13 14.64 6.55
C LYS C 94 21.78 13.26 6.80
N PRO C 95 23.00 13.18 7.39
CA PRO C 95 23.64 11.87 7.58
C PRO C 95 22.89 10.96 8.55
N ILE C 96 22.70 9.69 8.15
CA ILE C 96 22.01 8.66 8.94
C ILE C 96 23.06 7.83 9.68
N VAL C 97 22.92 7.75 11.02
CA VAL C 97 23.84 7.00 11.88
C VAL C 97 23.21 5.62 12.18
N LEU C 98 23.94 4.56 11.85
CA LEU C 98 23.49 3.19 12.09
C LEU C 98 23.99 2.72 13.45
N LEU C 99 23.11 2.81 14.47
CA LEU C 99 23.41 2.37 15.83
C LEU C 99 23.49 0.85 15.86
N GLU C 100 24.39 0.29 16.70
CA GLU C 100 24.67 -1.14 16.85
C GLU C 100 25.39 -1.72 15.60
N GLY C 101 25.50 -0.90 14.54
CA GLY C 101 26.16 -1.25 13.29
C GLY C 101 25.48 -2.32 12.47
N PHE C 102 26.25 -2.97 11.59
CA PHE C 102 25.81 -4.04 10.70
C PHE C 102 26.16 -5.41 11.30
N PHE C 103 25.24 -6.39 11.19
CA PHE C 103 25.46 -7.74 11.71
C PHE C 103 25.91 -8.69 10.58
N SER C 104 25.58 -8.34 9.32
CA SER C 104 25.89 -9.13 8.13
C SER C 104 26.95 -8.48 7.26
N ALA C 105 27.78 -9.30 6.59
CA ALA C 105 28.85 -8.86 5.69
C ALA C 105 28.27 -8.25 4.39
N ALA C 106 27.06 -8.68 4.01
CA ALA C 106 26.34 -8.21 2.82
C ALA C 106 25.66 -6.84 3.06
N ASP C 107 25.74 -6.31 4.31
CA ASP C 107 25.17 -5.01 4.69
C ASP C 107 26.20 -3.87 4.50
N LEU C 108 27.42 -4.21 4.02
CA LEU C 108 28.50 -3.26 3.77
C LEU C 108 28.36 -2.55 2.39
N PRO C 109 28.04 -3.22 1.25
CA PRO C 109 27.94 -2.48 -0.03
C PRO C 109 26.72 -1.55 -0.10
N VAL C 110 25.63 -1.86 0.64
CA VAL C 110 24.42 -1.02 0.68
C VAL C 110 24.69 0.25 1.51
N LEU C 111 25.58 0.13 2.52
CA LEU C 111 25.98 1.20 3.44
C LEU C 111 26.74 2.30 2.70
N ALA C 112 27.62 1.91 1.76
CA ALA C 112 28.43 2.83 0.95
C ALA C 112 27.60 3.48 -0.16
N ALA C 113 26.71 2.70 -0.81
CA ALA C 113 25.84 3.14 -1.90
C ALA C 113 24.77 4.16 -1.45
N ASN C 114 24.28 4.03 -0.20
CA ASN C 114 23.27 4.92 0.37
C ASN C 114 23.89 5.93 1.35
N ASN C 115 25.24 5.95 1.47
CA ASN C 115 26.03 6.82 2.34
C ASN C 115 25.50 6.84 3.78
N LEU C 116 25.73 5.75 4.51
CA LEU C 116 25.28 5.60 5.89
C LEU C 116 26.49 5.64 6.83
N GLN C 117 26.25 5.96 8.12
CA GLN C 117 27.31 6.06 9.12
C GLN C 117 27.20 4.91 10.13
N THR C 118 27.89 3.79 9.86
CA THR C 118 27.88 2.58 10.70
C THR C 118 28.60 2.80 12.06
N ALA C 119 28.35 1.90 13.04
CA ALA C 119 28.98 1.94 14.36
C ALA C 119 29.65 0.60 14.66
N VAL C 120 30.99 0.59 14.72
CA VAL C 120 31.80 -0.62 14.95
C VAL C 120 32.09 -0.79 16.44
N HIS C 121 31.86 -2.01 16.97
CA HIS C 121 32.10 -2.36 18.37
C HIS C 121 32.50 -3.83 18.53
N THR C 122 31.88 -4.76 17.78
CA THR C 122 32.19 -6.18 17.83
C THR C 122 33.34 -6.53 16.87
N TRP C 123 34.04 -7.64 17.15
CA TRP C 123 35.17 -8.13 16.35
C TRP C 123 34.72 -8.64 14.99
N GLU C 124 33.51 -9.22 14.91
CA GLU C 124 32.91 -9.81 13.70
C GLU C 124 32.70 -8.77 12.59
N GLN C 125 32.29 -7.54 12.94
CA GLN C 125 32.07 -6.48 11.94
C GLN C 125 33.39 -5.83 11.48
N LEU C 126 34.45 -5.89 12.31
CA LEU C 126 35.78 -5.39 11.95
C LEU C 126 36.44 -6.36 10.96
N GLU C 127 36.26 -7.68 11.20
CA GLU C 127 36.77 -8.77 10.37
C GLU C 127 36.13 -8.72 8.97
N ALA C 128 34.83 -8.40 8.91
CA ALA C 128 34.06 -8.28 7.68
C ALA C 128 34.43 -7.03 6.90
N LEU C 129 34.84 -5.94 7.60
CA LEU C 129 35.24 -4.66 7.00
C LEU C 129 36.57 -4.77 6.26
N GLU C 130 37.54 -5.52 6.82
CA GLU C 130 38.86 -5.73 6.23
C GLU C 130 38.81 -6.72 5.07
N GLN C 131 37.87 -7.69 5.13
CA GLN C 131 37.70 -8.75 4.13
C GLN C 131 36.91 -8.27 2.89
N ALA C 132 36.09 -7.22 3.03
CA ALA C 132 35.27 -6.70 1.91
C ALA C 132 35.95 -5.53 1.20
N ASP C 133 35.90 -5.54 -0.14
CA ASP C 133 36.44 -4.49 -1.01
C ASP C 133 35.29 -3.81 -1.75
N LEU C 134 35.19 -2.47 -1.60
CA LEU C 134 34.11 -1.67 -2.19
C LEU C 134 34.56 -0.23 -2.45
N PRO C 135 34.09 0.43 -3.55
CA PRO C 135 34.50 1.84 -3.79
C PRO C 135 33.84 2.78 -2.78
N ALA C 136 34.60 3.81 -2.35
CA ALA C 136 34.25 4.86 -1.37
C ALA C 136 34.14 4.28 0.06
N PRO C 137 34.84 4.88 1.06
CA PRO C 137 34.77 4.32 2.42
C PRO C 137 33.53 4.79 3.19
N VAL C 138 33.30 4.20 4.38
CA VAL C 138 32.17 4.53 5.25
C VAL C 138 32.63 5.14 6.58
N VAL C 139 31.78 5.99 7.17
CA VAL C 139 32.04 6.65 8.46
C VAL C 139 31.68 5.66 9.58
N ALA C 140 32.66 5.36 10.46
CA ALA C 140 32.47 4.42 11.56
C ALA C 140 32.54 5.13 12.91
N TRP C 141 31.65 4.74 13.83
CA TRP C 141 31.59 5.29 15.19
C TRP C 141 32.05 4.21 16.17
N LEU C 142 33.08 4.50 16.98
CA LEU C 142 33.68 3.56 17.92
C LEU C 142 33.11 3.75 19.34
N KCX C 143 32.88 2.63 20.05
CA KCX C 143 32.38 2.63 21.42
CB KCX C 143 31.09 3.42 21.71
CG KCX C 143 31.23 4.24 23.01
CD KCX C 143 31.32 3.42 24.29
CE KCX C 143 30.06 3.63 25.15
NZ KCX C 143 29.02 2.65 24.78
C KCX C 143 32.04 1.22 21.90
O KCX C 143 31.25 0.55 21.24
CX KCX C 143 28.06 2.87 23.83
OQ1 KCX C 143 28.00 3.91 23.19
OQ2 KCX C 143 27.16 1.89 23.58
N LEU C 144 32.63 0.80 23.03
CA LEU C 144 32.35 -0.52 23.62
C LEU C 144 31.00 -0.48 24.31
N ASP C 145 30.16 -1.50 24.04
CA ASP C 145 28.79 -1.66 24.55
C ASP C 145 28.71 -1.63 26.07
N THR C 146 27.77 -0.82 26.59
CA THR C 146 27.48 -0.63 28.02
C THR C 146 25.96 -0.52 28.22
N GLY C 147 25.41 -1.45 28.99
CA GLY C 147 23.98 -1.52 29.32
C GLY C 147 23.57 -0.55 30.43
N MET C 148 23.75 -0.92 31.72
CA MET C 148 24.28 -2.18 32.24
C MET C 148 23.69 -2.50 33.60
N ASP C 156 42.84 -11.10 27.98
CA ASP C 156 43.17 -9.84 27.29
C ASP C 156 42.72 -8.63 28.11
N GLU C 157 41.41 -8.60 28.52
CA GLU C 157 40.67 -7.57 29.26
C GLU C 157 40.90 -6.15 28.68
N MET C 158 39.84 -5.59 28.05
CA MET C 158 39.80 -4.27 27.38
C MET C 158 40.67 -4.35 26.11
N PRO C 159 40.08 -4.66 24.94
CA PRO C 159 40.90 -4.80 23.73
C PRO C 159 41.22 -3.48 23.03
N ALA C 160 42.49 -3.36 22.57
CA ALA C 160 42.99 -2.19 21.86
C ALA C 160 42.87 -2.41 20.34
N PHE C 161 41.63 -2.61 19.87
CA PHE C 161 41.30 -2.82 18.46
C PHE C 161 41.06 -1.47 17.74
N ILE C 162 41.33 -0.36 18.45
CA ILE C 162 41.22 1.03 17.97
C ILE C 162 42.24 1.27 16.85
N GLU C 163 43.48 0.73 17.00
CA GLU C 163 44.54 0.86 15.99
C GLU C 163 44.23 -0.02 14.77
N ARG C 164 43.51 -1.15 14.97
CA ARG C 164 43.12 -2.07 13.90
C ARG C 164 42.00 -1.45 13.06
N LEU C 165 41.10 -0.68 13.71
CA LEU C 165 40.01 0.05 13.05
C LEU C 165 40.57 1.23 12.26
N ALA C 166 41.63 1.86 12.78
CA ALA C 166 42.31 3.00 12.18
C ALA C 166 43.05 2.61 10.89
N LYS C 167 43.73 1.44 10.88
CA LYS C 167 44.49 0.97 9.72
C LYS C 167 43.60 0.37 8.61
N CYS C 168 42.27 0.24 8.83
CA CYS C 168 41.32 -0.31 7.85
C CYS C 168 41.26 0.56 6.59
N LYS C 169 41.13 -0.10 5.43
CA LYS C 169 41.11 0.54 4.10
C LYS C 169 39.71 1.03 3.70
N ASN C 170 38.64 0.37 4.20
CA ASN C 170 37.24 0.71 3.88
C ASN C 170 36.57 1.58 4.97
N VAL C 171 37.33 2.51 5.58
CA VAL C 171 36.80 3.40 6.63
C VAL C 171 37.31 4.84 6.41
N VAL C 172 36.41 5.84 6.60
CA VAL C 172 36.73 7.26 6.47
C VAL C 172 37.59 7.65 7.67
N GLN C 173 38.89 7.90 7.43
CA GLN C 173 39.86 8.22 8.49
C GLN C 173 40.03 9.74 8.66
N PRO C 174 39.99 10.28 9.91
CA PRO C 174 39.78 9.57 11.19
C PRO C 174 38.31 9.17 11.39
N PHE C 175 38.09 7.98 11.99
CA PHE C 175 36.78 7.35 12.16
C PHE C 175 35.75 8.24 12.87
N ASN C 176 36.03 8.65 14.14
CA ASN C 176 35.21 9.47 15.06
C ASN C 176 33.81 8.83 15.29
N ILE C 177 33.44 8.35 16.51
CA ILE C 177 33.99 8.38 17.88
C ILE C 177 33.84 9.83 18.44
N MET C 178 32.77 10.10 19.22
CA MET C 178 31.70 9.16 19.60
C MET C 178 30.33 9.78 19.29
N GLU C 194 30.42 -0.68 39.08
CA GLU C 194 30.11 0.09 37.87
C GLU C 194 31.39 0.43 37.08
N GLN C 195 31.25 0.57 35.74
CA GLN C 195 32.38 0.85 34.84
C GLN C 195 32.16 2.15 34.04
N ILE C 196 33.25 2.94 33.87
CA ILE C 196 33.25 4.20 33.11
C ILE C 196 34.02 3.97 31.77
N ASP C 197 35.33 3.58 31.74
CA ASP C 197 36.28 3.32 32.84
C ASP C 197 37.67 3.81 32.44
N LEU C 198 38.13 3.41 31.25
CA LEU C 198 39.42 3.77 30.65
C LEU C 198 39.23 4.26 29.20
N PHE C 199 37.96 4.24 28.73
CA PHE C 199 37.54 4.69 27.39
C PHE C 199 37.73 6.21 27.26
N SER C 200 37.45 6.97 28.34
CA SER C 200 37.56 8.43 28.38
C SER C 200 39.01 8.92 28.29
N GLN C 201 39.97 8.07 28.73
CA GLN C 201 41.41 8.36 28.72
C GLN C 201 42.05 7.97 27.38
N LEU C 202 41.49 6.94 26.71
CA LEU C 202 41.98 6.42 25.43
C LEU C 202 41.51 7.24 24.22
N THR C 203 40.41 8.00 24.36
CA THR C 203 39.83 8.81 23.28
C THR C 203 40.53 10.20 23.16
N ALA C 204 41.31 10.60 24.19
CA ALA C 204 42.01 11.88 24.22
C ALA C 204 43.01 12.08 23.03
N PRO C 205 43.93 11.14 22.68
CA PRO C 205 44.84 11.40 21.54
C PRO C 205 44.15 11.28 20.17
N LEU C 206 42.99 10.61 20.11
CA LEU C 206 42.23 10.38 18.88
C LEU C 206 41.42 11.61 18.46
N LEU C 207 41.30 11.83 17.14
CA LEU C 207 40.56 12.94 16.54
C LEU C 207 39.27 12.41 15.85
N GLY C 208 38.16 13.15 15.88
CA GLY C 208 38.00 14.44 16.55
C GLY C 208 36.61 15.05 16.41
N GLU C 209 35.61 14.23 16.00
CA GLU C 209 34.22 14.65 15.84
C GLU C 209 33.33 13.73 16.69
N ARG C 210 33.30 14.02 18.01
CA ARG C 210 32.55 13.28 19.02
C ARG C 210 31.10 13.77 19.17
N ALA C 211 30.28 13.08 19.99
CA ALA C 211 28.89 13.43 20.29
C ALA C 211 28.58 13.08 21.77
N MET C 212 27.99 11.88 22.07
CA MET C 212 27.69 11.36 23.42
C MET C 212 26.77 12.35 24.26
N ALA C 213 26.43 12.13 25.58
CA ALA C 213 26.80 11.08 26.54
C ALA C 213 25.63 10.79 27.50
N ASN C 214 24.66 9.97 27.07
CA ASN C 214 23.49 9.62 27.89
C ASN C 214 23.89 8.67 29.04
N SER C 215 23.30 8.80 30.26
CA SER C 215 22.25 9.74 30.66
C SER C 215 22.75 11.18 30.87
N ALA C 216 21.84 12.16 30.67
CA ALA C 216 22.00 13.62 30.83
C ALA C 216 23.10 14.24 29.93
N GLY C 217 23.31 15.55 30.10
CA GLY C 217 24.26 16.35 29.35
C GLY C 217 23.68 17.70 28.98
N ILE C 218 22.34 17.75 28.81
CA ILE C 218 21.56 18.94 28.47
C ILE C 218 20.77 19.41 29.70
N LEU C 219 20.14 18.44 30.42
CA LEU C 219 19.31 18.63 31.62
C LEU C 219 18.10 19.52 31.31
N CYS C 226 33.47 20.60 23.52
CA CYS C 226 32.21 20.00 23.12
C CYS C 226 31.46 20.89 22.13
N ASP C 227 30.90 20.28 21.07
CA ASP C 227 30.16 20.99 20.03
C ASP C 227 29.12 20.08 19.33
N TRP C 228 28.81 18.90 19.93
CA TRP C 228 27.86 17.90 19.41
C TRP C 228 27.23 17.09 20.55
N VAL C 229 25.89 16.90 20.53
CA VAL C 229 25.14 16.12 21.53
C VAL C 229 24.03 15.30 20.86
N ARG C 230 23.68 14.15 21.48
CA ARG C 230 22.57 13.29 21.03
C ARG C 230 21.70 12.91 22.24
N PRO C 231 20.38 13.25 22.24
CA PRO C 231 19.53 12.94 23.40
C PRO C 231 19.21 11.44 23.51
N GLY C 232 18.48 11.07 24.56
CA GLY C 232 18.08 9.70 24.81
C GLY C 232 16.68 9.40 24.32
N VAL C 233 15.67 9.95 25.00
CA VAL C 233 14.24 9.80 24.67
C VAL C 233 13.48 11.11 25.07
N ILE C 234 14.22 12.09 25.64
CA ILE C 234 13.73 13.40 26.09
C ILE C 234 13.17 14.24 24.92
N LEU C 235 13.46 13.86 23.67
CA LEU C 235 12.98 14.55 22.47
C LEU C 235 11.49 14.26 22.21
N TYR C 236 10.91 13.30 22.94
CA TYR C 236 9.50 12.90 22.85
C TYR C 236 8.69 13.38 24.08
N GLY C 237 9.39 13.82 25.12
CA GLY C 237 8.79 14.29 26.37
C GLY C 237 8.76 13.24 27.45
N VAL C 238 9.74 12.30 27.42
CA VAL C 238 9.88 11.20 28.37
C VAL C 238 11.23 11.32 29.07
N SER C 239 11.26 11.27 30.42
CA SER C 239 12.49 11.36 31.20
C SER C 239 13.22 9.99 31.16
N PRO C 240 14.56 9.95 30.96
CA PRO C 240 15.26 8.64 30.85
C PRO C 240 15.68 8.02 32.18
N PHE C 241 15.83 8.81 33.26
CA PHE C 241 16.25 8.28 34.56
C PHE C 241 15.13 7.45 35.26
N PRO C 242 13.88 7.94 35.53
CA PRO C 242 13.30 9.26 35.25
C PRO C 242 13.43 10.28 36.40
N ASN C 243 13.94 9.84 37.58
CA ASN C 243 14.10 10.61 38.82
C ASN C 243 12.73 11.15 39.28
N THR C 244 11.78 10.20 39.52
CA THR C 244 10.38 10.40 39.93
C THR C 244 9.66 11.33 38.93
N VAL C 245 9.61 10.90 37.64
CA VAL C 245 9.00 11.59 36.48
C VAL C 245 9.64 12.98 36.33
N ALA C 246 9.09 14.02 37.02
CA ALA C 246 9.51 15.43 37.06
C ALA C 246 9.78 16.05 35.66
N ALA C 247 9.09 15.55 34.61
CA ALA C 247 9.22 16.05 33.23
C ALA C 247 8.30 17.26 33.01
N ASP C 248 8.57 18.35 33.76
CA ASP C 248 7.79 19.60 33.73
C ASP C 248 8.60 20.76 33.13
N TYR C 249 9.94 20.71 33.18
CA TYR C 249 10.83 21.76 32.66
C TYR C 249 10.80 21.75 31.13
N ASP C 250 9.79 22.44 30.56
CA ASP C 250 9.49 22.61 29.12
C ASP C 250 9.40 21.24 28.38
N LEU C 251 8.86 20.21 29.07
CA LEU C 251 8.67 18.87 28.53
C LEU C 251 7.19 18.55 28.35
N GLN C 252 6.79 18.26 27.09
CA GLN C 252 5.43 17.92 26.71
C GLN C 252 5.41 16.53 26.05
N PRO C 253 4.59 15.57 26.54
CA PRO C 253 4.58 14.23 25.92
C PRO C 253 3.88 14.28 24.56
N VAL C 254 4.50 13.66 23.54
CA VAL C 254 3.96 13.67 22.17
C VAL C 254 2.83 12.63 21.99
N MET C 255 3.06 11.36 22.41
CA MET C 255 2.08 10.29 22.28
C MET C 255 1.02 10.37 23.37
N THR C 256 -0.25 10.51 22.94
CA THR C 256 -1.42 10.56 23.82
C THR C 256 -2.29 9.36 23.46
N LEU C 257 -2.15 8.24 24.21
CA LEU C 257 -2.90 7.01 23.94
C LEU C 257 -4.36 7.18 24.34
N LYS C 258 -5.20 7.54 23.35
CA LYS C 258 -6.63 7.74 23.51
C LYS C 258 -7.39 6.45 23.20
N THR C 259 -8.64 6.34 23.69
CA THR C 259 -9.52 5.20 23.47
C THR C 259 -10.98 5.70 23.44
N GLN C 260 -11.96 4.80 23.59
CA GLN C 260 -13.38 5.13 23.60
C GLN C 260 -14.09 4.34 24.70
N LEU C 261 -15.28 4.81 25.13
CA LEU C 261 -16.10 4.13 26.13
C LEU C 261 -17.26 3.41 25.44
N ILE C 262 -17.36 2.07 25.63
CA ILE C 262 -18.39 1.23 25.02
C ILE C 262 -19.77 1.60 25.62
N ALA C 263 -19.93 1.40 26.94
CA ALA C 263 -21.17 1.68 27.69
C ALA C 263 -20.88 1.72 29.20
N VAL C 264 -21.35 2.79 29.87
CA VAL C 264 -21.19 2.96 31.32
C VAL C 264 -22.26 2.09 32.05
N ARG C 265 -21.84 1.39 33.13
CA ARG C 265 -22.71 0.51 33.91
C ARG C 265 -22.71 0.88 35.40
N ASP C 266 -23.87 0.93 36.08
CA ASP C 266 -25.21 0.65 35.55
C ASP C 266 -26.10 1.88 35.66
N ASP C 282 -14.59 -0.90 45.95
CA ASP C 282 -15.58 -1.29 44.95
C ASP C 282 -17.00 -1.19 45.52
N ARG C 283 -17.92 -0.57 44.75
CA ARG C 283 -19.31 -0.36 45.16
C ARG C 283 -20.29 -0.87 44.08
N ASP C 284 -20.03 -0.36 42.87
CA ASP C 284 -20.81 -0.49 41.65
C ASP C 284 -22.29 -0.65 41.91
N THR C 285 -23.11 0.37 41.66
CA THR C 285 -22.82 1.79 41.31
C THR C 285 -22.16 1.95 39.91
N ARG C 286 -21.62 3.16 39.62
CA ARG C 286 -21.02 3.53 38.34
C ARG C 286 -19.63 2.92 38.13
N LEU C 287 -19.44 2.30 36.95
CA LEU C 287 -18.23 1.63 36.46
C LEU C 287 -18.21 1.67 34.93
N GLY C 288 -17.14 2.24 34.36
CA GLY C 288 -16.98 2.38 32.92
C GLY C 288 -16.05 1.36 32.29
N VAL C 289 -16.25 1.07 31.00
CA VAL C 289 -15.42 0.12 30.26
C VAL C 289 -14.86 0.82 29.00
N ILE C 290 -13.52 0.76 28.83
CA ILE C 290 -12.79 1.38 27.71
C ILE C 290 -12.31 0.30 26.74
N ALA C 291 -12.36 0.61 25.42
CA ALA C 291 -11.99 -0.32 24.34
C ALA C 291 -10.48 -0.33 24.02
N ILE C 292 -9.69 -0.99 24.91
CA ILE C 292 -8.24 -1.23 24.82
C ILE C 292 -7.93 -2.48 25.66
N GLY C 293 -7.30 -3.47 25.03
CA GLY C 293 -6.94 -4.72 25.68
C GLY C 293 -5.48 -5.10 25.57
N TYR C 294 -5.14 -6.36 25.93
CA TYR C 294 -3.76 -6.86 25.86
C TYR C 294 -3.35 -7.13 24.41
N GLY C 295 -4.34 -7.33 23.53
CA GLY C 295 -4.13 -7.56 22.10
C GLY C 295 -3.95 -6.28 21.32
N ASP C 296 -3.99 -5.13 22.00
CA ASP C 296 -3.81 -3.79 21.44
C ASP C 296 -2.42 -3.25 21.75
N GLY C 297 -1.82 -3.73 22.85
CA GLY C 297 -0.49 -3.33 23.30
C GLY C 297 -0.40 -3.03 24.79
N TYR C 298 -1.54 -2.94 25.47
CA TYR C 298 -1.63 -2.64 26.90
C TYR C 298 -1.17 -3.84 27.76
N PRO C 299 -0.39 -3.64 28.85
CA PRO C 299 0.02 -4.79 29.68
C PRO C 299 -1.10 -5.20 30.65
N ARG C 300 -1.27 -6.52 30.83
CA ARG C 300 -2.27 -7.08 31.76
C ARG C 300 -1.61 -7.42 33.12
N MET C 301 -0.32 -7.05 33.25
CA MET C 301 0.61 -7.27 34.38
C MET C 301 0.01 -7.03 35.78
N ALA C 302 0.10 -5.78 36.31
CA ALA C 302 -0.37 -5.44 37.65
C ALA C 302 -1.78 -4.81 37.63
N PRO C 303 -2.82 -5.55 38.07
CA PRO C 303 -4.19 -4.99 38.06
C PRO C 303 -4.52 -4.19 39.32
N ASN C 304 -5.43 -3.20 39.18
CA ASN C 304 -5.96 -2.29 40.20
C ASN C 304 -4.90 -1.30 40.72
N GLY C 305 -5.23 -0.01 40.65
CA GLY C 305 -4.38 1.10 41.07
C GLY C 305 -3.76 1.90 39.94
N THR C 306 -3.85 1.38 38.71
CA THR C 306 -3.30 1.99 37.49
C THR C 306 -4.12 3.26 37.15
N PRO C 307 -3.47 4.43 36.98
CA PRO C 307 -4.25 5.65 36.70
C PRO C 307 -4.66 5.78 35.23
N VAL C 308 -5.90 6.27 35.01
CA VAL C 308 -6.52 6.52 33.70
C VAL C 308 -7.21 7.89 33.79
N LEU C 309 -6.91 8.81 32.86
CA LEU C 309 -7.51 10.14 32.87
C LEU C 309 -8.79 10.15 32.02
N VAL C 310 -9.95 10.35 32.67
CA VAL C 310 -11.27 10.41 32.03
C VAL C 310 -11.94 11.73 32.43
N ASN C 311 -12.18 12.62 31.42
CA ASN C 311 -12.80 13.95 31.54
C ASN C 311 -12.07 14.85 32.56
N GLY C 312 -10.73 14.85 32.48
CA GLY C 312 -9.87 15.64 33.36
C GLY C 312 -9.50 14.95 34.66
N ARG C 313 -10.49 14.30 35.30
CA ARG C 313 -10.35 13.58 36.57
C ARG C 313 -9.62 12.24 36.38
N ILE C 314 -8.72 11.90 37.33
CA ILE C 314 -7.96 10.65 37.33
C ILE C 314 -8.83 9.56 37.99
N VAL C 315 -9.05 8.44 37.27
CA VAL C 315 -9.86 7.32 37.76
C VAL C 315 -9.03 6.00 37.73
N PRO C 316 -9.04 5.20 38.83
CA PRO C 316 -8.20 3.98 38.84
C PRO C 316 -8.79 2.80 38.05
N LEU C 317 -7.91 2.08 37.34
CA LEU C 317 -8.22 0.90 36.54
C LEU C 317 -8.54 -0.27 37.48
N VAL C 318 -9.62 -1.02 37.20
CA VAL C 318 -10.05 -2.16 38.03
C VAL C 318 -10.13 -3.46 37.22
N GLY C 319 -10.08 -4.59 37.92
CA GLY C 319 -10.18 -5.93 37.34
C GLY C 319 -9.04 -6.33 36.42
N ARG C 320 -9.28 -7.39 35.61
CA ARG C 320 -8.32 -7.92 34.64
C ARG C 320 -8.55 -7.33 33.24
N VAL C 321 -7.47 -7.24 32.44
CA VAL C 321 -7.48 -6.71 31.07
C VAL C 321 -7.80 -7.85 30.10
N SER C 322 -8.79 -7.64 29.20
CA SER C 322 -9.18 -8.62 28.18
C SER C 322 -8.39 -8.34 26.88
N MET C 323 -8.74 -9.00 25.76
CA MET C 323 -8.04 -8.84 24.49
C MET C 323 -8.35 -7.51 23.79
N ASP C 324 -9.62 -7.04 23.85
CA ASP C 324 -10.04 -5.82 23.16
C ASP C 324 -10.49 -4.69 24.11
N MET C 325 -10.84 -5.00 25.37
CA MET C 325 -11.33 -3.98 26.31
C MET C 325 -10.86 -4.20 27.76
N THR C 326 -11.08 -3.18 28.63
CA THR C 326 -10.77 -3.20 30.05
C THR C 326 -11.72 -2.25 30.80
N THR C 327 -12.07 -2.59 32.04
CA THR C 327 -12.97 -1.79 32.88
C THR C 327 -12.16 -0.84 33.79
N VAL C 328 -12.77 0.30 34.15
CA VAL C 328 -12.18 1.35 34.98
C VAL C 328 -13.25 1.87 35.98
N ASP C 329 -12.86 2.08 37.25
CA ASP C 329 -13.77 2.57 38.30
C ASP C 329 -13.88 4.09 38.19
N LEU C 330 -15.04 4.54 37.69
CA LEU C 330 -15.40 5.93 37.43
C LEU C 330 -15.83 6.65 38.71
N GLY C 331 -16.96 6.23 39.29
CA GLY C 331 -17.52 6.82 40.50
C GLY C 331 -18.97 7.27 40.33
N PRO C 332 -19.83 7.08 41.35
CA PRO C 332 -21.25 7.50 41.20
C PRO C 332 -21.46 9.02 41.30
N GLY C 333 -20.47 9.73 41.85
CA GLY C 333 -20.51 11.18 42.02
C GLY C 333 -20.61 11.98 40.74
N ALA C 334 -19.86 11.56 39.70
CA ALA C 334 -19.84 12.21 38.39
C ALA C 334 -20.42 11.31 37.31
N THR C 335 -21.18 11.90 36.37
CA THR C 335 -21.82 11.20 35.26
C THR C 335 -20.98 11.37 33.99
N ASP C 336 -20.69 10.26 33.30
CA ASP C 336 -19.91 10.24 32.07
C ASP C 336 -20.59 9.35 31.01
N LYS C 337 -20.85 9.94 29.83
CA LYS C 337 -21.53 9.30 28.69
C LYS C 337 -20.61 8.35 27.93
N ALA C 338 -21.20 7.37 27.21
CA ALA C 338 -20.47 6.38 26.42
C ALA C 338 -19.91 7.04 25.15
N GLY C 339 -18.58 7.06 25.06
CA GLY C 339 -17.84 7.65 23.93
C GLY C 339 -16.96 8.83 24.32
N ASP C 340 -16.56 8.91 25.61
CA ASP C 340 -15.71 9.96 26.15
C ASP C 340 -14.24 9.78 25.71
N GLU C 341 -13.42 10.83 25.91
CA GLU C 341 -12.00 10.91 25.54
C GLU C 341 -11.16 9.72 26.06
N ALA C 342 -11.01 9.59 27.40
CA ALA C 342 -10.26 8.55 28.12
C ALA C 342 -8.82 8.36 27.59
N VAL C 343 -7.84 9.05 28.22
CA VAL C 343 -6.43 8.94 27.82
C VAL C 343 -5.68 8.05 28.85
N LEU C 344 -4.85 7.12 28.35
CA LEU C 344 -4.06 6.20 29.17
C LEU C 344 -2.77 6.86 29.66
N TRP C 345 -2.04 7.54 28.75
CA TRP C 345 -0.81 8.28 29.06
C TRP C 345 -0.57 9.37 28.01
N GLY C 346 0.16 10.41 28.42
CA GLY C 346 0.51 11.55 27.58
C GLY C 346 0.17 12.87 28.23
N GLU C 347 -0.72 13.65 27.59
CA GLU C 347 -1.16 14.95 28.11
C GLU C 347 -2.19 14.73 29.24
N GLY C 348 -1.90 15.31 30.40
CA GLY C 348 -2.74 15.19 31.58
C GLY C 348 -2.25 14.15 32.57
N LEU C 349 -1.62 13.07 32.04
CA LEU C 349 -1.07 11.96 32.82
C LEU C 349 0.22 11.46 32.13
N PRO C 350 1.41 11.65 32.76
CA PRO C 350 2.67 11.23 32.12
C PRO C 350 2.83 9.71 31.94
N VAL C 351 3.56 9.30 30.88
CA VAL C 351 3.82 7.89 30.56
C VAL C 351 4.77 7.27 31.62
N GLU C 352 5.68 8.08 32.21
CA GLU C 352 6.62 7.66 33.25
C GLU C 352 5.89 7.30 34.55
N ARG C 353 4.77 8.01 34.82
CA ARG C 353 3.91 7.81 35.99
C ARG C 353 3.11 6.50 35.86
N VAL C 354 2.61 6.20 34.64
CA VAL C 354 1.84 5.00 34.31
C VAL C 354 2.75 3.76 34.36
N ALA C 355 3.97 3.88 33.79
CA ALA C 355 4.99 2.82 33.75
C ALA C 355 5.44 2.42 35.15
N ASP C 356 5.56 3.40 36.08
CA ASP C 356 5.96 3.18 37.47
C ASP C 356 4.89 2.40 38.24
N GLN C 357 3.60 2.64 37.91
CA GLN C 357 2.46 1.96 38.54
C GLN C 357 2.34 0.51 38.06
N ILE C 358 2.74 0.23 36.79
CA ILE C 358 2.71 -1.11 36.22
C ILE C 358 3.96 -1.88 36.69
N GLY C 359 5.12 -1.26 36.58
CA GLY C 359 6.40 -1.85 37.00
C GLY C 359 7.50 -1.77 35.96
N THR C 360 7.12 -1.79 34.67
CA THR C 360 8.04 -1.74 33.53
C THR C 360 8.54 -0.31 33.24
N ILE C 361 9.51 -0.17 32.32
CA ILE C 361 10.09 1.11 31.89
C ILE C 361 9.18 1.77 30.82
N PRO C 362 9.17 3.12 30.69
CA PRO C 362 8.30 3.76 29.69
C PRO C 362 8.67 3.44 28.23
N TYR C 363 9.93 2.98 28.00
CA TYR C 363 10.46 2.60 26.68
C TYR C 363 9.64 1.47 26.03
N GLU C 364 9.20 0.49 26.85
CA GLU C 364 8.40 -0.64 26.38
C GLU C 364 6.97 -0.21 26.04
N LEU C 365 6.32 0.55 26.94
CA LEU C 365 4.94 1.05 26.84
C LEU C 365 4.62 1.69 25.47
N ILE C 366 5.54 2.51 24.94
CA ILE C 366 5.37 3.22 23.66
C ILE C 366 5.76 2.34 22.44
N THR C 367 6.54 1.26 22.65
CA THR C 367 6.99 0.37 21.57
C THR C 367 6.23 -0.97 21.51
N LYS C 368 5.52 -1.35 22.60
CA LYS C 368 4.75 -2.60 22.71
C LYS C 368 3.46 -2.58 21.86
N LEU C 369 2.98 -1.37 21.47
CA LEU C 369 1.76 -1.16 20.67
C LEU C 369 1.82 -1.87 19.32
N THR C 370 0.83 -2.73 19.05
CA THR C 370 0.71 -3.53 17.82
C THR C 370 0.03 -2.72 16.69
N SER C 371 -0.19 -3.37 15.52
CA SER C 371 -0.82 -2.79 14.33
C SER C 371 -2.31 -2.45 14.53
N ARG C 372 -2.93 -2.92 15.63
CA ARG C 372 -4.35 -2.69 15.95
C ARG C 372 -4.62 -1.22 16.33
N VAL C 373 -3.61 -0.49 16.83
CA VAL C 373 -3.76 0.92 17.21
C VAL C 373 -3.61 1.81 15.95
N PHE C 374 -4.48 2.82 15.80
CA PHE C 374 -4.44 3.76 14.68
C PHE C 374 -3.59 4.98 15.06
N MET C 375 -2.71 5.41 14.14
CA MET C 375 -1.85 6.57 14.40
C MET C 375 -2.42 7.84 13.77
N GLU C 376 -2.58 8.90 14.59
CA GLU C 376 -3.08 10.21 14.18
C GLU C 376 -1.94 11.22 14.25
N TYR C 377 -1.65 11.91 13.13
CA TYR C 377 -0.56 12.87 13.02
C TYR C 377 -1.01 14.37 12.93
N VAL C 378 -1.99 14.77 12.08
CA VAL C 378 -2.82 14.02 11.14
C VAL C 378 -2.53 14.50 9.69
N ASP D 8 10.06 -14.14 -7.42
CA ASP D 8 9.74 -13.87 -6.01
C ASP D 8 8.37 -13.21 -5.89
N TYR D 9 8.17 -12.04 -6.55
CA TYR D 9 6.97 -11.20 -6.59
C TYR D 9 6.71 -10.55 -5.21
N ASP D 10 6.60 -9.21 -5.19
CA ASP D 10 6.35 -8.41 -3.99
C ASP D 10 4.92 -8.62 -3.47
N ILE D 11 4.70 -8.34 -2.16
CA ILE D 11 3.41 -8.47 -1.47
C ILE D 11 2.37 -7.57 -2.20
N PRO D 12 1.17 -8.11 -2.59
CA PRO D 12 0.20 -7.30 -3.35
C PRO D 12 -0.21 -6.02 -2.61
N THR D 13 0.14 -4.86 -3.22
CA THR D 13 -0.16 -3.52 -2.72
C THR D 13 -1.66 -3.27 -2.78
N THR D 14 -2.21 -2.66 -1.71
CA THR D 14 -3.64 -2.36 -1.50
C THR D 14 -4.27 -1.59 -2.69
N GLU D 15 -5.17 -2.23 -3.48
CA GLU D 15 -5.63 -3.62 -3.36
C GLU D 15 -5.95 -4.22 -4.73
N ASN D 16 -5.68 -5.54 -4.88
CA ASN D 16 -5.94 -6.30 -6.11
C ASN D 16 -6.76 -7.56 -5.82
N LEU D 17 -7.41 -8.12 -6.86
CA LEU D 17 -8.27 -9.31 -6.80
C LEU D 17 -7.48 -10.59 -6.44
N TYR D 18 -8.18 -11.60 -5.91
CA TYR D 18 -7.61 -12.89 -5.53
C TYR D 18 -8.17 -14.05 -6.38
N PHE D 19 -8.63 -13.73 -7.62
CA PHE D 19 -9.18 -14.70 -8.56
C PHE D 19 -8.09 -15.13 -9.55
N GLN D 20 -7.74 -16.43 -9.53
CA GLN D 20 -6.71 -17.04 -10.38
C GLN D 20 -7.19 -17.27 -11.82
N SER D 21 -8.52 -17.44 -12.01
CA SER D 21 -9.16 -17.69 -13.31
C SER D 21 -9.37 -16.37 -14.10
N MET D 22 -9.00 -15.21 -13.49
CA MET D 22 -9.05 -13.83 -14.03
C MET D 22 -10.49 -13.28 -14.22
N LYS D 23 -10.59 -11.93 -14.28
CA LYS D 23 -11.83 -11.18 -14.47
C LYS D 23 -11.73 -10.28 -15.72
N ALA D 24 -10.86 -9.24 -15.68
CA ALA D 24 -10.65 -8.29 -16.78
C ALA D 24 -9.26 -7.62 -16.73
N ALA D 25 -8.57 -7.57 -17.89
CA ALA D 25 -7.25 -6.99 -18.18
C ALA D 25 -6.11 -7.53 -17.31
N ILE D 26 -5.12 -8.19 -17.95
CA ILE D 26 -3.94 -8.73 -17.26
C ILE D 26 -2.72 -8.69 -18.20
N ALA D 27 -1.60 -8.10 -17.72
CA ALA D 27 -0.37 -7.99 -18.49
C ALA D 27 0.74 -8.87 -17.88
N GLN D 28 0.86 -10.11 -18.39
CA GLN D 28 1.81 -11.12 -17.93
C GLN D 28 3.23 -10.78 -18.40
N ILE D 29 4.16 -10.65 -17.45
CA ILE D 29 5.57 -10.36 -17.71
C ILE D 29 6.40 -11.61 -17.41
N ASN D 30 7.04 -12.20 -18.45
CA ASN D 30 7.85 -13.40 -18.26
C ASN D 30 9.31 -12.95 -18.03
N THR D 31 9.88 -13.39 -16.91
CA THR D 31 11.23 -13.03 -16.46
C THR D 31 12.32 -13.81 -17.20
N ALA D 32 11.95 -14.98 -17.77
CA ALA D 32 12.85 -15.86 -18.52
C ALA D 32 13.34 -15.19 -19.82
N ALA D 33 12.50 -14.39 -20.50
CA ALA D 33 12.88 -13.69 -21.73
C ALA D 33 13.71 -12.45 -21.40
N LEU D 34 13.42 -11.79 -20.25
CA LEU D 34 14.13 -10.61 -19.74
C LEU D 34 15.60 -10.93 -19.51
N ARG D 35 15.87 -12.17 -19.02
CA ARG D 35 17.22 -12.68 -18.75
C ARG D 35 17.89 -13.14 -20.05
N HIS D 36 17.09 -13.68 -21.00
CA HIS D 36 17.52 -14.16 -22.30
C HIS D 36 18.04 -13.00 -23.17
N ASN D 37 17.26 -11.89 -23.27
CA ASN D 37 17.59 -10.70 -24.05
C ASN D 37 18.91 -10.04 -23.59
N LEU D 38 19.17 -10.07 -22.26
CA LEU D 38 20.38 -9.51 -21.65
C LEU D 38 21.62 -10.33 -22.03
N ALA D 39 21.46 -11.67 -22.14
CA ALA D 39 22.53 -12.60 -22.52
C ALA D 39 22.92 -12.45 -23.98
N VAL D 40 21.95 -12.05 -24.85
CA VAL D 40 22.13 -11.83 -26.29
C VAL D 40 23.07 -10.62 -26.49
N VAL D 41 22.90 -9.57 -25.66
CA VAL D 41 23.72 -8.35 -25.69
C VAL D 41 25.17 -8.70 -25.26
N LYS D 42 25.31 -9.56 -24.22
CA LYS D 42 26.60 -10.01 -23.70
C LYS D 42 27.28 -11.02 -24.64
N ARG D 43 26.50 -11.73 -25.48
CA ARG D 43 27.01 -12.69 -26.45
C ARG D 43 27.84 -11.99 -27.53
N HIS D 44 27.39 -10.81 -27.98
CA HIS D 44 28.06 -9.99 -28.99
C HIS D 44 29.12 -9.09 -28.36
N ALA D 45 28.78 -8.45 -27.22
CA ALA D 45 29.69 -7.56 -26.49
C ALA D 45 29.95 -8.10 -25.06
N PRO D 46 31.00 -8.93 -24.87
CA PRO D 46 31.26 -9.50 -23.54
C PRO D 46 32.01 -8.55 -22.59
N GLN D 47 32.95 -7.73 -23.11
CA GLN D 47 33.74 -6.79 -22.29
C GLN D 47 33.06 -5.40 -22.17
N CYS D 48 31.72 -5.37 -22.33
CA CYS D 48 30.91 -4.16 -22.24
C CYS D 48 29.99 -4.20 -21.02
N LYS D 49 29.93 -3.10 -20.25
CA LYS D 49 29.05 -2.99 -19.09
C LYS D 49 27.62 -2.73 -19.58
N ILE D 50 26.67 -3.58 -19.17
CA ILE D 50 25.27 -3.45 -19.60
C ILE D 50 24.57 -2.40 -18.75
N ILE D 51 23.81 -1.50 -19.38
CA ILE D 51 23.10 -0.43 -18.68
C ILE D 51 21.59 -0.44 -19.03
N ALA D 52 20.76 -1.14 -18.22
CA ALA D 52 19.30 -1.09 -18.37
C ALA D 52 18.83 0.27 -17.81
N VAL D 53 17.80 0.99 -18.33
CA VAL D 53 16.72 0.79 -19.32
C VAL D 53 15.49 0.35 -18.48
N VAL D 54 15.05 1.27 -17.60
CA VAL D 54 13.90 1.19 -16.68
C VAL D 54 13.32 2.62 -16.49
N LYS D 55 13.33 3.42 -17.60
CA LYS D 55 12.92 4.83 -17.71
C LYS D 55 11.51 5.15 -17.14
N ALA D 56 10.45 4.47 -17.61
CA ALA D 56 9.08 4.73 -17.16
C ALA D 56 8.45 3.47 -16.57
N ASN D 57 8.65 3.25 -15.25
CA ASN D 57 8.20 2.06 -14.50
C ASN D 57 8.57 0.79 -15.30
N ALA D 58 9.84 0.75 -15.76
CA ALA D 58 10.45 -0.31 -16.59
C ALA D 58 9.64 -0.57 -17.86
N TYR D 59 9.23 0.51 -18.57
CA TYR D 59 8.44 0.50 -19.80
C TYR D 59 7.08 -0.23 -19.57
N GLY D 60 6.49 0.00 -18.40
CA GLY D 60 5.22 -0.58 -18.01
C GLY D 60 5.28 -2.03 -17.56
N HIS D 61 6.49 -2.54 -17.26
CA HIS D 61 6.71 -3.92 -16.81
C HIS D 61 6.97 -4.01 -15.30
N GLY D 62 7.08 -2.86 -14.63
CA GLY D 62 7.35 -2.77 -13.20
C GLY D 62 8.82 -2.58 -12.92
N LEU D 63 9.16 -1.42 -12.31
CA LEU D 63 10.54 -1.01 -11.99
C LEU D 63 11.26 -2.01 -11.07
N LEU D 64 10.72 -2.25 -9.85
CA LEU D 64 11.29 -3.13 -8.83
C LEU D 64 11.38 -4.62 -9.25
N PRO D 65 10.34 -5.28 -9.85
CA PRO D 65 10.48 -6.71 -10.18
C PRO D 65 11.54 -7.04 -11.24
N VAL D 66 11.69 -6.21 -12.29
CA VAL D 66 12.67 -6.48 -13.37
C VAL D 66 14.10 -6.17 -12.88
N ALA D 67 14.26 -5.20 -11.94
CA ALA D 67 15.54 -4.81 -11.36
C ALA D 67 16.12 -5.95 -10.54
N ARG D 68 15.25 -6.70 -9.83
CA ARG D 68 15.63 -7.87 -9.04
C ARG D 68 16.03 -9.03 -9.96
N THR D 69 15.41 -9.09 -11.16
CA THR D 69 15.65 -10.11 -12.18
C THR D 69 16.97 -9.84 -12.92
N LEU D 70 17.20 -8.58 -13.36
CA LEU D 70 18.41 -8.18 -14.09
C LEU D 70 19.55 -7.88 -13.09
N VAL D 71 19.99 -8.91 -12.36
CA VAL D 71 21.05 -8.83 -11.35
C VAL D 71 22.44 -8.81 -12.05
N ASP D 72 22.53 -9.37 -13.28
CA ASP D 72 23.75 -9.42 -14.08
C ASP D 72 24.09 -8.06 -14.68
N ALA D 73 23.09 -7.13 -14.73
CA ALA D 73 23.25 -5.77 -15.27
C ALA D 73 24.23 -4.97 -14.41
N ASP D 74 25.27 -4.42 -15.06
CA ASP D 74 26.36 -3.68 -14.42
C ASP D 74 25.91 -2.31 -13.88
N ALA D 75 24.88 -1.68 -14.50
CA ALA D 75 24.36 -0.37 -14.09
C ALA D 75 22.88 -0.21 -14.46
N TYR D 76 22.18 0.69 -13.72
CA TYR D 76 20.77 1.00 -13.97
C TYR D 76 20.59 2.42 -14.49
N ALA D 77 19.48 2.70 -15.21
CA ALA D 77 19.19 4.01 -15.80
C ALA D 77 17.70 4.34 -15.73
N VAL D 78 17.38 5.44 -15.03
CA VAL D 78 16.01 5.95 -14.82
C VAL D 78 15.89 7.39 -15.37
N ALA D 79 14.65 7.93 -15.44
CA ALA D 79 14.39 9.28 -15.93
C ALA D 79 14.30 10.31 -14.80
N ARG D 80 13.74 9.91 -13.63
CA ARG D 80 13.57 10.80 -12.48
C ARG D 80 14.12 10.19 -11.17
N ILE D 81 14.40 11.07 -10.19
CA ILE D 81 14.94 10.73 -8.85
C ILE D 81 14.03 9.77 -8.08
N GLU D 82 12.69 9.93 -8.19
CA GLU D 82 11.67 9.12 -7.51
C GLU D 82 11.87 7.61 -7.73
N GLU D 83 12.21 7.21 -8.97
CA GLU D 83 12.45 5.81 -9.34
C GLU D 83 13.79 5.31 -8.79
N ALA D 84 14.82 6.18 -8.81
CA ALA D 84 16.17 5.89 -8.33
C ALA D 84 16.21 5.66 -6.81
N LEU D 85 15.35 6.38 -6.05
CA LEU D 85 15.24 6.26 -4.59
C LEU D 85 14.55 4.95 -4.21
N MET D 86 13.65 4.45 -5.08
CA MET D 86 12.91 3.19 -4.92
C MET D 86 13.86 2.00 -5.13
N LEU D 87 14.83 2.13 -6.05
CA LEU D 87 15.82 1.10 -6.36
C LEU D 87 16.82 0.97 -5.21
N ARG D 88 17.38 2.12 -4.76
CA ARG D 88 18.34 2.22 -3.65
C ARG D 88 17.78 1.61 -2.36
N SER D 89 16.48 1.84 -2.08
CA SER D 89 15.77 1.32 -0.90
C SER D 89 15.57 -0.20 -0.99
N CYS D 90 15.61 -0.76 -2.22
CA CYS D 90 15.45 -2.20 -2.45
C CYS D 90 16.83 -2.90 -2.54
N ALA D 91 17.81 -2.40 -1.75
CA ALA D 91 19.20 -2.87 -1.58
C ALA D 91 19.97 -3.04 -2.92
N VAL D 92 19.85 -2.07 -3.84
CA VAL D 92 20.56 -2.09 -5.13
C VAL D 92 21.86 -1.29 -4.96
N VAL D 93 23.01 -1.96 -5.21
CA VAL D 93 24.35 -1.38 -5.06
C VAL D 93 24.93 -0.87 -6.39
N LYS D 94 24.43 -1.38 -7.52
CA LYS D 94 24.86 -1.01 -8.88
C LYS D 94 24.61 0.48 -9.15
N PRO D 95 25.50 1.20 -9.88
CA PRO D 95 25.28 2.65 -10.10
C PRO D 95 24.02 2.95 -10.92
N ILE D 96 23.22 3.92 -10.44
CA ILE D 96 21.98 4.37 -11.09
C ILE D 96 22.29 5.61 -11.92
N VAL D 97 21.98 5.57 -13.22
CA VAL D 97 22.20 6.67 -14.16
C VAL D 97 20.90 7.47 -14.31
N LEU D 98 20.96 8.77 -14.02
CA LEU D 98 19.81 9.65 -14.12
C LEU D 98 19.77 10.28 -15.51
N LEU D 99 18.96 9.70 -16.41
CA LEU D 99 18.79 10.20 -17.78
C LEU D 99 18.01 11.51 -17.74
N GLU D 100 18.37 12.44 -18.66
CA GLU D 100 17.81 13.80 -18.79
C GLU D 100 18.24 14.70 -17.60
N GLY D 101 18.91 14.11 -16.61
CA GLY D 101 19.44 14.77 -15.42
C GLY D 101 18.39 15.33 -14.48
N PHE D 102 18.80 16.32 -13.68
CA PHE D 102 17.97 17.01 -12.70
C PHE D 102 17.44 18.34 -13.28
N PHE D 103 16.16 18.65 -13.01
CA PHE D 103 15.55 19.89 -13.49
C PHE D 103 15.55 20.96 -12.38
N SER D 104 15.63 20.53 -11.11
CA SER D 104 15.60 21.39 -9.93
C SER D 104 16.96 21.44 -9.23
N ALA D 105 17.27 22.61 -8.62
CA ALA D 105 18.52 22.84 -7.88
C ALA D 105 18.54 22.05 -6.57
N ALA D 106 17.35 21.76 -6.01
CA ALA D 106 17.16 21.00 -4.77
C ALA D 106 17.32 19.47 -4.99
N ASP D 107 17.51 19.04 -6.26
CA ASP D 107 17.70 17.64 -6.63
C ASP D 107 19.19 17.25 -6.61
N LEU D 108 20.09 18.21 -6.29
CA LEU D 108 21.53 18.01 -6.20
C LEU D 108 21.99 17.38 -4.86
N PRO D 109 21.50 17.81 -3.66
CA PRO D 109 21.99 17.17 -2.41
C PRO D 109 21.50 15.73 -2.24
N VAL D 110 20.33 15.36 -2.82
CA VAL D 110 19.79 14.00 -2.75
C VAL D 110 20.60 13.06 -3.67
N LEU D 111 21.13 13.62 -4.77
CA LEU D 111 21.93 12.92 -5.79
C LEU D 111 23.26 12.45 -5.20
N ALA D 112 23.91 13.29 -4.36
CA ALA D 112 25.18 12.97 -3.70
C ALA D 112 24.99 12.00 -2.54
N ALA D 113 23.91 12.19 -1.74
CA ALA D 113 23.58 11.38 -0.56
C ALA D 113 23.20 9.93 -0.93
N ASN D 114 22.56 9.74 -2.09
CA ASN D 114 22.13 8.41 -2.57
C ASN D 114 23.06 7.88 -3.67
N ASN D 115 24.17 8.60 -3.96
CA ASN D 115 25.20 8.29 -4.97
C ASN D 115 24.57 7.94 -6.32
N LEU D 116 24.06 8.96 -7.02
CA LEU D 116 23.42 8.80 -8.32
C LEU D 116 24.32 9.40 -9.43
N GLN D 117 24.12 8.97 -10.68
CA GLN D 117 24.92 9.43 -11.82
C GLN D 117 24.06 10.30 -12.75
N THR D 118 24.06 11.63 -12.51
CA THR D 118 23.28 12.60 -13.28
C THR D 118 23.81 12.77 -14.71
N ALA D 119 22.99 13.39 -15.59
CA ALA D 119 23.33 13.68 -16.97
C ALA D 119 23.16 15.17 -17.25
N VAL D 120 24.28 15.87 -17.51
CA VAL D 120 24.28 17.31 -17.77
C VAL D 120 24.23 17.57 -19.29
N HIS D 121 23.31 18.45 -19.72
CA HIS D 121 23.14 18.84 -21.13
C HIS D 121 22.64 20.29 -21.26
N THR D 122 21.73 20.73 -20.39
CA THR D 122 21.21 22.11 -20.41
C THR D 122 22.10 23.04 -19.58
N TRP D 123 22.04 24.36 -19.88
CA TRP D 123 22.81 25.39 -19.19
C TRP D 123 22.34 25.61 -17.75
N GLU D 124 21.01 25.43 -17.51
CA GLU D 124 20.36 25.60 -16.21
C GLU D 124 20.91 24.63 -15.16
N GLN D 125 21.22 23.39 -15.58
CA GLN D 125 21.80 22.31 -14.78
C GLN D 125 23.21 22.66 -14.33
N LEU D 126 24.01 23.20 -15.26
CA LEU D 126 25.41 23.56 -15.06
C LEU D 126 25.53 24.77 -14.13
N GLU D 127 24.62 25.76 -14.27
CA GLU D 127 24.54 26.97 -13.43
C GLU D 127 24.27 26.59 -11.98
N ALA D 128 23.32 25.66 -11.76
CA ALA D 128 22.92 25.15 -10.45
C ALA D 128 24.02 24.30 -9.81
N LEU D 129 24.84 23.61 -10.63
CA LEU D 129 25.95 22.77 -10.14
C LEU D 129 27.08 23.62 -9.55
N GLU D 130 27.39 24.77 -10.18
CA GLU D 130 28.43 25.69 -9.73
C GLU D 130 27.96 26.53 -8.53
N GLN D 131 26.64 26.80 -8.44
CA GLN D 131 26.02 27.60 -7.39
C GLN D 131 25.79 26.79 -6.10
N ALA D 132 25.71 25.46 -6.17
CA ALA D 132 25.48 24.62 -5.01
C ALA D 132 26.77 24.03 -4.42
N ASP D 133 26.88 24.07 -3.09
CA ASP D 133 28.02 23.52 -2.34
C ASP D 133 27.53 22.32 -1.51
N LEU D 134 28.17 21.16 -1.70
CA LEU D 134 27.82 19.91 -1.03
C LEU D 134 29.03 18.96 -0.90
N PRO D 135 29.14 18.17 0.20
CA PRO D 135 30.28 17.25 0.32
C PRO D 135 30.15 16.07 -0.64
N ALA D 136 31.29 15.61 -1.21
CA ALA D 136 31.46 14.54 -2.20
C ALA D 136 30.88 14.93 -3.58
N PRO D 137 31.66 14.82 -4.68
CA PRO D 137 31.13 15.21 -5.99
C PRO D 137 30.25 14.13 -6.62
N VAL D 138 29.49 14.52 -7.66
CA VAL D 138 28.57 13.63 -8.38
C VAL D 138 29.16 13.28 -9.74
N VAL D 139 28.99 12.01 -10.14
CA VAL D 139 29.44 11.51 -11.45
C VAL D 139 28.43 12.02 -12.48
N ALA D 140 28.90 12.81 -13.46
CA ALA D 140 28.00 13.40 -14.45
C ALA D 140 28.30 12.95 -15.88
N TRP D 141 27.24 12.69 -16.65
CA TRP D 141 27.30 12.26 -18.05
C TRP D 141 26.95 13.43 -18.99
N LEU D 142 27.71 13.62 -20.07
CA LEU D 142 27.46 14.71 -21.03
C LEU D 142 26.94 14.17 -22.36
N KCX D 143 25.90 14.83 -22.90
CA KCX D 143 25.24 14.52 -24.17
CB KCX D 143 25.05 13.04 -24.54
CG KCX D 143 25.18 12.89 -26.06
CD KCX D 143 24.09 12.01 -26.74
CE KCX D 143 23.47 10.94 -25.81
NZ KCX D 143 22.68 9.96 -26.56
C KCX D 143 23.86 15.14 -24.16
O KCX D 143 23.09 14.89 -23.22
CX KCX D 143 21.40 9.67 -26.22
OQ1 KCX D 143 20.77 8.85 -26.87
OQ2 KCX D 143 20.79 10.28 -25.16
N LEU D 144 23.53 15.94 -25.19
CA LEU D 144 22.22 16.59 -25.30
C LEU D 144 21.12 15.59 -25.63
N ASP D 156 24.88 31.50 -29.21
CA ASP D 156 25.76 30.90 -30.20
C ASP D 156 25.43 29.43 -30.42
N GLU D 157 25.43 28.97 -31.69
CA GLU D 157 25.14 27.59 -32.06
C GLU D 157 26.35 26.69 -31.80
N MET D 158 26.08 25.47 -31.28
CA MET D 158 27.04 24.43 -30.85
C MET D 158 27.96 24.99 -29.74
N PRO D 159 27.51 24.96 -28.46
CA PRO D 159 28.31 25.55 -27.39
C PRO D 159 29.39 24.63 -26.84
N ALA D 160 30.57 25.22 -26.56
CA ALA D 160 31.73 24.52 -25.99
C ALA D 160 31.74 24.68 -24.46
N PHE D 161 30.67 24.19 -23.81
CA PHE D 161 30.48 24.23 -22.35
C PHE D 161 31.11 22.99 -21.69
N ILE D 162 31.83 22.17 -22.49
CA ILE D 162 32.53 20.95 -22.08
C ILE D 162 33.68 21.33 -21.13
N GLU D 163 34.40 22.42 -21.47
CA GLU D 163 35.52 22.97 -20.70
C GLU D 163 35.02 23.56 -19.38
N ARG D 164 33.78 24.11 -19.38
CA ARG D 164 33.12 24.69 -18.21
C ARG D 164 32.70 23.60 -17.24
N LEU D 165 32.16 22.48 -17.76
CA LEU D 165 31.74 21.30 -17.00
C LEU D 165 32.96 20.63 -16.34
N ALA D 166 34.11 20.63 -17.02
CA ALA D 166 35.36 20.03 -16.55
C ALA D 166 36.00 20.83 -15.39
N LYS D 167 35.78 22.16 -15.37
CA LYS D 167 36.31 23.07 -14.36
C LYS D 167 35.47 23.09 -13.07
N CYS D 168 34.23 22.54 -13.10
CA CYS D 168 33.28 22.49 -11.99
C CYS D 168 33.87 21.79 -10.76
N LYS D 169 33.54 22.30 -9.56
CA LYS D 169 34.01 21.82 -8.26
C LYS D 169 33.20 20.62 -7.73
N ASN D 170 31.90 20.55 -8.06
CA ASN D 170 31.00 19.50 -7.57
C ASN D 170 30.79 18.37 -8.61
N VAL D 171 31.84 18.01 -9.37
CA VAL D 171 31.77 16.95 -10.39
C VAL D 171 33.02 16.03 -10.30
N VAL D 172 32.81 14.71 -10.41
CA VAL D 172 33.88 13.70 -10.39
C VAL D 172 34.64 13.83 -11.72
N GLN D 173 35.88 14.34 -11.65
CA GLN D 173 36.72 14.57 -12.82
C GLN D 173 37.69 13.40 -13.05
N PRO D 174 37.81 12.90 -14.31
CA PRO D 174 37.10 13.33 -15.52
C PRO D 174 35.69 12.76 -15.61
N PHE D 175 34.91 13.26 -16.59
CA PHE D 175 33.60 12.74 -17.03
C PHE D 175 33.89 11.98 -18.35
N ASN D 176 33.13 10.95 -18.81
CA ASN D 176 31.80 10.39 -18.57
C ASN D 176 30.87 11.16 -19.49
N ILE D 177 30.78 10.64 -20.73
CA ILE D 177 30.03 11.19 -21.85
C ILE D 177 29.20 10.10 -22.53
N MET D 178 28.01 10.46 -23.06
CA MET D 178 27.13 9.49 -23.72
C MET D 178 26.62 10.04 -25.04
N GLU D 194 20.47 19.24 -40.01
CA GLU D 194 20.72 17.81 -39.78
C GLU D 194 21.28 17.55 -38.38
N GLN D 195 22.23 18.42 -37.93
CA GLN D 195 22.94 18.41 -36.63
C GLN D 195 23.89 17.21 -36.54
N ILE D 196 25.21 17.48 -36.34
CA ILE D 196 26.35 16.55 -36.25
C ILE D 196 26.55 15.81 -37.63
N ASP D 197 27.65 15.05 -37.89
CA ASP D 197 28.77 14.62 -37.04
C ASP D 197 29.71 15.77 -36.65
N LEU D 198 29.80 16.04 -35.33
CA LEU D 198 30.68 17.05 -34.71
C LEU D 198 30.89 16.72 -33.22
N PHE D 199 29.86 16.16 -32.54
CA PHE D 199 29.90 15.78 -31.13
C PHE D 199 30.82 14.57 -30.95
N SER D 200 30.73 13.58 -31.88
CA SER D 200 31.54 12.36 -31.90
C SER D 200 33.03 12.67 -32.15
N GLN D 201 33.30 13.85 -32.74
CA GLN D 201 34.64 14.37 -33.04
C GLN D 201 35.24 15.04 -31.80
N LEU D 202 34.40 15.76 -31.03
CA LEU D 202 34.77 16.52 -29.83
C LEU D 202 35.04 15.65 -28.60
N THR D 203 34.49 14.42 -28.55
CA THR D 203 34.67 13.50 -27.42
C THR D 203 35.99 12.70 -27.52
N ALA D 204 36.64 12.69 -28.69
CA ALA D 204 37.89 11.97 -28.95
C ALA D 204 39.06 12.40 -28.00
N PRO D 205 39.40 13.71 -27.80
CA PRO D 205 40.51 14.01 -26.88
C PRO D 205 40.16 13.84 -25.39
N LEU D 206 38.86 13.81 -25.06
CA LEU D 206 38.36 13.68 -23.68
C LEU D 206 38.44 12.24 -23.18
N LEU D 207 38.73 12.08 -21.88
CA LEU D 207 38.82 10.79 -21.19
C LEU D 207 37.61 10.60 -20.27
N GLY D 208 36.93 9.45 -20.29
CA GLY D 208 37.24 8.28 -21.12
C GLY D 208 36.31 7.12 -20.85
N GLU D 209 34.99 7.41 -20.71
CA GLU D 209 33.92 6.43 -20.45
C GLU D 209 32.67 6.79 -21.29
N ARG D 210 32.51 6.15 -22.47
CA ARG D 210 31.39 6.40 -23.39
C ARG D 210 30.25 5.38 -23.22
N ALA D 211 29.03 5.71 -23.72
CA ALA D 211 27.85 4.84 -23.67
C ALA D 211 26.76 5.29 -24.67
N MET D 212 26.62 4.56 -25.78
CA MET D 212 25.61 4.83 -26.82
C MET D 212 24.93 3.50 -27.24
N ALA D 213 23.58 3.34 -27.20
CA ALA D 213 22.39 4.19 -26.91
C ALA D 213 21.57 4.41 -28.19
N ASN D 214 22.24 4.37 -29.36
CA ASN D 214 21.61 4.53 -30.67
C ASN D 214 21.55 3.19 -31.40
N SER D 215 22.69 2.47 -31.48
CA SER D 215 22.80 1.17 -32.14
C SER D 215 23.95 0.33 -31.54
N ALA D 216 23.68 -0.96 -31.31
CA ALA D 216 24.64 -1.93 -30.77
C ALA D 216 25.20 -2.82 -31.88
N GLY D 217 24.38 -3.10 -32.89
CA GLY D 217 24.72 -3.93 -34.05
C GLY D 217 24.01 -3.47 -35.31
N ILE D 218 24.79 -3.04 -36.31
CA ILE D 218 24.28 -2.55 -37.60
C ILE D 218 24.34 -3.68 -38.63
N CYS D 226 34.40 -2.31 -28.54
CA CYS D 226 33.78 -1.39 -27.59
C CYS D 226 34.10 -1.82 -26.15
N ASP D 227 33.78 -0.95 -25.16
CA ASP D 227 34.05 -1.22 -23.75
C ASP D 227 32.80 -1.02 -22.86
N TRP D 228 31.79 -0.24 -23.35
CA TRP D 228 30.54 0.04 -22.62
C TRP D 228 29.38 0.29 -23.60
N VAL D 229 28.24 -0.43 -23.43
CA VAL D 229 27.05 -0.27 -24.30
C VAL D 229 25.76 -0.22 -23.47
N ARG D 230 24.73 0.49 -23.99
CA ARG D 230 23.42 0.58 -23.37
C ARG D 230 22.33 0.35 -24.45
N PRO D 231 21.44 -0.66 -24.28
CA PRO D 231 20.41 -0.91 -25.30
C PRO D 231 19.28 0.14 -25.28
N GLY D 232 18.34 0.01 -26.22
CA GLY D 232 17.22 0.92 -26.34
C GLY D 232 15.97 0.39 -25.65
N VAL D 233 15.36 -0.65 -26.24
CA VAL D 233 14.15 -1.31 -25.73
C VAL D 233 14.21 -2.83 -26.10
N ILE D 234 15.28 -3.25 -26.80
CA ILE D 234 15.55 -4.63 -27.25
C ILE D 234 15.71 -5.61 -26.07
N LEU D 235 15.91 -5.08 -24.85
CA LEU D 235 16.06 -5.89 -23.63
C LEU D 235 14.71 -6.48 -23.17
N TYR D 236 13.59 -6.03 -23.78
CA TYR D 236 12.23 -6.49 -23.48
C TYR D 236 11.67 -7.37 -24.62
N GLY D 237 12.35 -7.38 -25.76
CA GLY D 237 11.96 -8.15 -26.94
C GLY D 237 11.22 -7.32 -27.97
N VAL D 238 11.49 -6.00 -28.01
CA VAL D 238 10.86 -5.03 -28.90
C VAL D 238 11.95 -4.39 -29.78
N SER D 239 11.73 -4.35 -31.10
CA SER D 239 12.65 -3.73 -32.04
C SER D 239 12.41 -2.21 -32.07
N PRO D 240 13.46 -1.35 -32.09
CA PRO D 240 13.23 0.10 -32.10
C PRO D 240 12.85 0.65 -33.48
N PHE D 241 12.70 -0.24 -34.50
CA PHE D 241 12.33 0.12 -35.88
C PHE D 241 11.58 -1.06 -36.55
N PRO D 242 10.48 -0.82 -37.32
CA PRO D 242 9.76 -1.95 -37.94
C PRO D 242 10.43 -2.44 -39.24
N ASN D 243 11.78 -2.55 -39.22
CA ASN D 243 12.59 -3.02 -40.34
C ASN D 243 12.45 -4.53 -40.53
N THR D 244 12.41 -5.28 -39.41
CA THR D 244 12.27 -6.74 -39.40
C THR D 244 10.99 -7.18 -38.68
N VAL D 245 10.48 -6.33 -37.75
CA VAL D 245 9.27 -6.53 -36.92
C VAL D 245 9.50 -7.79 -36.02
N ALA D 246 10.69 -7.84 -35.37
CA ALA D 246 11.18 -8.89 -34.46
C ALA D 246 11.25 -10.31 -35.11
N ALA D 247 10.81 -10.46 -36.38
CA ALA D 247 10.81 -11.73 -37.11
C ALA D 247 12.24 -12.17 -37.45
N ASP D 248 12.68 -13.27 -36.80
CA ASP D 248 14.00 -13.91 -36.91
C ASP D 248 15.13 -12.90 -36.57
N TYR D 249 15.22 -12.53 -35.28
CA TYR D 249 16.21 -11.56 -34.79
C TYR D 249 16.71 -11.90 -33.36
N ASP D 250 16.04 -12.85 -32.68
CA ASP D 250 16.31 -13.35 -31.32
C ASP D 250 16.24 -12.21 -30.26
N LEU D 251 15.05 -11.85 -29.67
CA LEU D 251 13.63 -12.29 -29.77
C LEU D 251 13.03 -12.49 -28.36
N GLN D 252 11.75 -12.96 -28.31
CA GLN D 252 10.92 -13.28 -27.15
C GLN D 252 10.43 -12.02 -26.37
N PRO D 253 9.18 -11.59 -26.68
CA PRO D 253 8.56 -10.46 -25.97
C PRO D 253 8.18 -10.83 -24.53
N VAL D 254 8.47 -9.94 -23.58
CA VAL D 254 8.21 -10.19 -22.15
C VAL D 254 6.72 -9.94 -21.78
N MET D 255 6.16 -8.79 -22.18
CA MET D 255 4.77 -8.45 -21.87
C MET D 255 3.81 -9.12 -22.85
N THR D 256 2.92 -9.99 -22.32
CA THR D 256 1.89 -10.65 -23.11
C THR D 256 0.53 -10.21 -22.54
N LEU D 257 -0.08 -9.21 -23.19
CA LEU D 257 -1.35 -8.61 -22.76
C LEU D 257 -2.51 -9.58 -22.99
N LYS D 258 -2.89 -10.28 -21.91
CA LYS D 258 -3.99 -11.24 -21.90
C LYS D 258 -5.29 -10.59 -21.43
N THR D 259 -6.44 -11.20 -21.76
CA THR D 259 -7.77 -10.74 -21.36
C THR D 259 -8.70 -11.96 -21.17
N GLN D 260 -10.02 -11.75 -21.16
CA GLN D 260 -11.02 -12.81 -20.98
C GLN D 260 -12.21 -12.61 -21.89
N LEU D 261 -12.70 -13.71 -22.49
CA LEU D 261 -13.87 -13.68 -23.38
C LEU D 261 -15.14 -13.65 -22.53
N ILE D 262 -15.82 -12.48 -22.52
CA ILE D 262 -17.05 -12.24 -21.76
C ILE D 262 -18.25 -12.21 -22.70
N ARG D 265 -22.40 -13.66 -28.36
CA ARG D 265 -23.20 -13.27 -29.53
C ARG D 265 -22.72 -13.99 -30.80
N ASP D 266 -23.64 -14.54 -31.64
CA ASP D 266 -25.10 -14.49 -31.46
C ASP D 266 -25.79 -15.87 -31.71
N HIS D 267 -25.35 -16.75 -32.66
CA HIS D 267 -24.21 -16.66 -33.59
C HIS D 267 -24.63 -16.00 -34.91
N LYS D 268 -24.29 -14.71 -35.06
CA LYS D 268 -24.60 -13.84 -36.20
C LYS D 268 -23.81 -12.54 -36.10
N ALA D 269 -23.47 -11.93 -37.25
CA ALA D 269 -22.72 -10.66 -37.30
C ALA D 269 -23.60 -9.50 -36.85
N GLY D 270 -24.91 -9.59 -37.15
CA GLY D 270 -25.91 -8.58 -36.79
C GLY D 270 -25.73 -7.24 -37.47
N GLU D 271 -26.27 -6.19 -36.82
CA GLU D 271 -26.22 -4.81 -37.31
C GLU D 271 -25.67 -3.83 -36.24
N PRO D 272 -26.14 -3.80 -34.96
CA PRO D 272 -25.56 -2.82 -34.01
C PRO D 272 -24.31 -3.35 -33.31
N VAL D 273 -23.17 -3.31 -34.02
CA VAL D 273 -21.85 -3.73 -33.52
C VAL D 273 -20.94 -2.51 -33.34
N GLY D 274 -20.54 -4.23 -30.03
CA GLY D 274 -20.10 -3.07 -29.28
C GLY D 274 -21.24 -2.26 -28.68
N TYR D 275 -21.25 -0.95 -28.94
CA TYR D 275 -22.28 -0.03 -28.45
C TYR D 275 -23.06 0.62 -29.60
N GLY D 276 -22.34 1.03 -30.66
CA GLY D 276 -22.93 1.64 -31.84
C GLY D 276 -21.91 2.25 -32.79
N ALA D 277 -22.33 3.34 -33.48
CA ALA D 277 -21.57 4.14 -34.46
C ALA D 277 -20.99 3.30 -35.62
N ASN D 278 -19.85 2.61 -35.40
CA ASN D 278 -19.17 1.77 -36.39
C ASN D 278 -19.86 0.42 -36.50
N TRP D 279 -20.41 0.10 -37.69
CA TRP D 279 -21.11 -1.16 -37.94
C TRP D 279 -20.53 -1.89 -39.16
N VAL D 280 -20.32 -3.22 -39.02
CA VAL D 280 -19.73 -4.09 -40.05
C VAL D 280 -20.85 -4.95 -40.74
N SER D 281 -20.47 -6.08 -41.41
CA SER D 281 -21.31 -7.03 -42.16
C SER D 281 -22.48 -7.64 -41.34
N ASP D 282 -23.37 -8.39 -42.02
CA ASP D 282 -24.56 -9.02 -41.43
C ASP D 282 -24.57 -10.56 -41.61
N ARG D 283 -23.65 -11.13 -42.43
CA ARG D 283 -23.53 -12.57 -42.73
C ARG D 283 -23.41 -13.43 -41.45
N ASP D 284 -23.98 -14.63 -41.51
CA ASP D 284 -23.94 -15.58 -40.40
C ASP D 284 -22.51 -16.05 -40.11
N THR D 285 -21.93 -15.45 -39.07
CA THR D 285 -20.59 -15.78 -38.60
C THR D 285 -20.51 -15.64 -37.08
N ARG D 286 -19.70 -16.51 -36.42
CA ARG D 286 -19.54 -16.49 -34.96
C ARG D 286 -18.67 -15.30 -34.53
N LEU D 287 -19.18 -14.51 -33.57
CA LEU D 287 -18.51 -13.34 -32.99
C LEU D 287 -18.04 -13.62 -31.56
N GLY D 288 -17.17 -12.74 -31.06
CA GLY D 288 -16.66 -12.81 -29.69
C GLY D 288 -16.39 -11.43 -29.13
N VAL D 289 -16.57 -11.25 -27.81
CA VAL D 289 -16.31 -9.98 -27.13
C VAL D 289 -15.30 -10.21 -25.98
N ILE D 290 -14.21 -9.42 -25.98
CA ILE D 290 -13.13 -9.50 -24.98
C ILE D 290 -13.19 -8.30 -24.02
N ALA D 291 -12.90 -8.54 -22.73
CA ALA D 291 -12.96 -7.53 -21.67
C ALA D 291 -11.68 -6.67 -21.54
N ILE D 292 -11.50 -5.72 -22.49
CA ILE D 292 -10.45 -4.70 -22.56
C ILE D 292 -10.99 -3.52 -23.37
N GLY D 293 -10.96 -2.34 -22.78
CA GLY D 293 -11.44 -1.11 -23.41
C GLY D 293 -10.44 0.02 -23.46
N TYR D 294 -10.91 1.24 -23.81
CA TYR D 294 -10.04 2.43 -23.88
C TYR D 294 -9.65 2.93 -22.48
N GLY D 295 -10.47 2.58 -21.48
CA GLY D 295 -10.24 2.93 -20.08
C GLY D 295 -9.29 1.99 -19.38
N ASP D 296 -8.77 0.98 -20.12
CA ASP D 296 -7.80 -0.02 -19.65
C ASP D 296 -6.39 0.30 -20.16
N GLY D 297 -6.31 0.99 -21.29
CA GLY D 297 -5.07 1.38 -21.92
C GLY D 297 -5.02 1.14 -23.41
N TYR D 298 -6.00 0.40 -23.96
CA TYR D 298 -6.08 0.06 -25.38
C TYR D 298 -6.49 1.28 -26.24
N PRO D 299 -5.87 1.51 -27.42
CA PRO D 299 -6.29 2.66 -28.23
C PRO D 299 -7.55 2.39 -29.03
N ARG D 300 -8.42 3.40 -29.17
CA ARG D 300 -9.67 3.30 -29.93
C ARG D 300 -9.40 3.33 -31.45
N MET D 301 -8.16 3.70 -31.85
CA MET D 301 -7.68 3.79 -33.24
C MET D 301 -7.71 2.43 -33.94
N ALA D 302 -7.80 2.45 -35.30
CA ALA D 302 -7.89 1.30 -36.21
C ALA D 302 -9.12 0.44 -35.85
N PRO D 303 -10.31 0.78 -36.38
CA PRO D 303 -11.53 0.05 -36.02
C PRO D 303 -11.55 -1.41 -36.50
N ASN D 304 -11.08 -1.66 -37.74
CA ASN D 304 -11.07 -3.01 -38.33
C ASN D 304 -9.71 -3.34 -38.92
N GLY D 305 -9.30 -4.60 -38.75
CA GLY D 305 -8.05 -5.11 -39.29
C GLY D 305 -6.95 -5.36 -38.28
N THR D 306 -7.17 -4.92 -37.01
CA THR D 306 -6.23 -5.07 -35.90
C THR D 306 -6.15 -6.57 -35.51
N PRO D 307 -4.94 -7.18 -35.47
CA PRO D 307 -4.87 -8.61 -35.13
C PRO D 307 -4.96 -8.90 -33.64
N VAL D 308 -5.67 -9.98 -33.28
CA VAL D 308 -5.88 -10.49 -31.92
C VAL D 308 -5.69 -12.01 -31.99
N LEU D 309 -4.82 -12.59 -31.14
CA LEU D 309 -4.58 -14.03 -31.13
C LEU D 309 -5.51 -14.72 -30.14
N VAL D 310 -6.44 -15.55 -30.66
CA VAL D 310 -7.41 -16.32 -29.86
C VAL D 310 -7.27 -17.80 -30.23
N ASN D 311 -6.85 -18.64 -29.24
CA ASN D 311 -6.64 -20.10 -29.33
C ASN D 311 -5.66 -20.47 -30.47
N GLY D 312 -4.56 -19.72 -30.56
CA GLY D 312 -3.52 -19.92 -31.56
C GLY D 312 -3.75 -19.18 -32.87
N ARG D 313 -5.01 -19.21 -33.36
CA ARG D 313 -5.45 -18.58 -34.60
C ARG D 313 -5.58 -17.06 -34.45
N ILE D 314 -5.15 -16.30 -35.48
CA ILE D 314 -5.22 -14.85 -35.52
C ILE D 314 -6.61 -14.45 -36.02
N VAL D 315 -7.33 -13.62 -35.25
CA VAL D 315 -8.68 -13.15 -35.57
C VAL D 315 -8.74 -11.60 -35.60
N PRO D 316 -9.33 -10.97 -36.64
CA PRO D 316 -9.33 -9.50 -36.70
C PRO D 316 -10.36 -8.83 -35.80
N LEU D 317 -9.95 -7.71 -35.18
CA LEU D 317 -10.75 -6.86 -34.30
C LEU D 317 -11.78 -6.10 -35.15
N VAL D 318 -13.05 -6.07 -34.71
CA VAL D 318 -14.14 -5.40 -35.43
C VAL D 318 -14.83 -4.32 -34.57
N GLY D 319 -15.55 -3.43 -35.25
CA GLY D 319 -16.31 -2.33 -34.66
C GLY D 319 -15.43 -1.30 -33.99
N ARG D 320 -15.93 -0.70 -32.90
CA ARG D 320 -15.19 0.29 -32.12
C ARG D 320 -14.76 -0.31 -30.77
N VAL D 321 -14.14 0.50 -29.91
CA VAL D 321 -13.68 0.08 -28.59
C VAL D 321 -14.46 0.87 -27.52
N SER D 322 -15.04 0.17 -26.53
CA SER D 322 -15.77 0.80 -25.42
C SER D 322 -14.80 1.05 -24.24
N MET D 323 -15.31 1.43 -23.06
CA MET D 323 -14.49 1.73 -21.89
C MET D 323 -13.91 0.47 -21.22
N ASP D 324 -14.69 -0.63 -21.15
CA ASP D 324 -14.27 -1.85 -20.48
C ASP D 324 -14.13 -3.07 -21.41
N MET D 325 -14.76 -3.05 -22.61
CA MET D 325 -14.71 -4.20 -23.52
C MET D 325 -14.64 -3.79 -25.01
N THR D 326 -14.37 -4.78 -25.89
CA THR D 326 -14.32 -4.64 -27.35
C THR D 326 -14.65 -5.97 -28.01
N THR D 327 -15.28 -5.92 -29.20
CA THR D 327 -15.68 -7.12 -29.96
C THR D 327 -14.60 -7.49 -30.99
N VAL D 328 -14.51 -8.80 -31.32
CA VAL D 328 -13.55 -9.37 -32.27
C VAL D 328 -14.28 -10.43 -33.14
N ASP D 329 -14.00 -10.45 -34.46
CA ASP D 329 -14.61 -11.40 -35.40
C ASP D 329 -13.85 -12.73 -35.38
N LEU D 330 -14.52 -13.81 -34.91
CA LEU D 330 -13.91 -15.14 -34.82
C LEU D 330 -13.99 -15.91 -36.16
N GLY D 331 -15.19 -16.00 -36.73
CA GLY D 331 -15.43 -16.69 -38.00
C GLY D 331 -16.32 -17.92 -37.90
N PRO D 332 -16.64 -18.58 -39.04
CA PRO D 332 -17.53 -19.76 -38.98
C PRO D 332 -16.82 -21.02 -38.46
N GLY D 333 -15.59 -21.25 -38.89
CA GLY D 333 -14.78 -22.41 -38.51
C GLY D 333 -14.31 -22.38 -37.07
N ALA D 334 -14.51 -23.51 -36.35
CA ALA D 334 -14.16 -23.79 -34.94
C ALA D 334 -14.94 -22.92 -33.94
N THR D 335 -15.63 -23.57 -33.00
CA THR D 335 -16.44 -22.91 -31.97
C THR D 335 -15.59 -22.70 -30.70
N ASP D 336 -15.57 -21.46 -30.19
CA ASP D 336 -14.83 -21.06 -29.00
C ASP D 336 -15.76 -20.79 -27.81
N LYS D 337 -15.30 -21.10 -26.59
CA LYS D 337 -16.07 -20.94 -25.34
C LYS D 337 -15.75 -19.61 -24.64
N ALA D 338 -16.70 -19.11 -23.82
CA ALA D 338 -16.54 -17.87 -23.06
C ALA D 338 -15.56 -18.06 -21.90
N GLY D 339 -14.45 -17.34 -21.96
CA GLY D 339 -13.39 -17.39 -20.95
C GLY D 339 -12.06 -17.90 -21.48
N ASP D 340 -11.83 -17.78 -22.81
CA ASP D 340 -10.60 -18.21 -23.47
C ASP D 340 -9.44 -17.23 -23.21
N GLU D 341 -8.20 -17.66 -23.55
CA GLU D 341 -6.94 -16.92 -23.35
C GLU D 341 -6.98 -15.49 -23.92
N ALA D 342 -7.09 -15.34 -25.27
CA ALA D 342 -7.13 -14.08 -26.04
C ALA D 342 -5.98 -13.11 -25.68
N VAL D 343 -4.90 -13.14 -26.49
CA VAL D 343 -3.71 -12.31 -26.33
C VAL D 343 -3.77 -11.14 -27.33
N LEU D 344 -3.48 -9.90 -26.86
CA LEU D 344 -3.47 -8.70 -27.72
C LEU D 344 -2.09 -8.53 -28.37
N TRP D 345 -1.00 -8.59 -27.56
CA TRP D 345 0.39 -8.49 -28.02
C TRP D 345 1.33 -9.27 -27.10
N GLY D 346 2.45 -9.74 -27.65
CA GLY D 346 3.46 -10.51 -26.93
C GLY D 346 3.81 -11.81 -27.60
N GLU D 347 3.61 -12.93 -26.89
CA GLU D 347 3.89 -14.28 -27.39
C GLU D 347 2.79 -14.72 -28.36
N GLY D 348 3.20 -15.09 -29.57
CA GLY D 348 2.29 -15.51 -30.64
C GLY D 348 2.01 -14.40 -31.64
N LEU D 349 2.00 -13.14 -31.16
CA LEU D 349 1.74 -11.94 -31.96
C LEU D 349 2.61 -10.78 -31.42
N PRO D 350 3.65 -10.31 -32.16
CA PRO D 350 4.52 -9.23 -31.63
C PRO D 350 3.83 -7.88 -31.47
N VAL D 351 4.29 -7.08 -30.48
CA VAL D 351 3.77 -5.75 -30.15
C VAL D 351 4.06 -4.75 -31.30
N GLU D 352 5.18 -4.93 -32.02
CA GLU D 352 5.58 -4.07 -33.15
C GLU D 352 4.58 -4.23 -34.32
N ARG D 353 4.07 -5.46 -34.51
CA ARG D 353 3.11 -5.83 -35.54
C ARG D 353 1.75 -5.19 -35.26
N VAL D 354 1.32 -5.17 -33.97
CA VAL D 354 0.05 -4.60 -33.51
C VAL D 354 0.12 -3.06 -33.61
N ALA D 355 1.26 -2.46 -33.21
CA ALA D 355 1.50 -1.01 -33.25
C ALA D 355 1.47 -0.47 -34.69
N ASP D 356 2.01 -1.25 -35.65
CA ASP D 356 2.03 -0.90 -37.08
C ASP D 356 0.62 -0.87 -37.68
N GLN D 357 -0.26 -1.78 -37.21
CA GLN D 357 -1.65 -1.88 -37.65
C GLN D 357 -2.50 -0.72 -37.10
N ILE D 358 -2.17 -0.23 -35.89
CA ILE D 358 -2.87 0.89 -35.25
C ILE D 358 -2.34 2.21 -35.85
N GLY D 359 -1.01 2.35 -35.91
CA GLY D 359 -0.35 3.53 -36.45
C GLY D 359 0.72 4.12 -35.56
N THR D 360 0.57 3.97 -34.23
CA THR D 360 1.50 4.49 -33.22
C THR D 360 2.72 3.58 -33.06
N ILE D 361 3.72 4.05 -32.27
CA ILE D 361 4.97 3.33 -31.98
C ILE D 361 4.73 2.30 -30.84
N PRO D 362 5.49 1.18 -30.76
CA PRO D 362 5.26 0.20 -29.68
C PRO D 362 5.58 0.72 -28.28
N TYR D 363 6.39 1.81 -28.17
CA TYR D 363 6.78 2.46 -26.93
C TYR D 363 5.57 2.97 -26.13
N GLU D 364 4.55 3.50 -26.83
CA GLU D 364 3.32 4.01 -26.21
C GLU D 364 2.44 2.88 -25.72
N LEU D 365 2.21 1.85 -26.56
CA LEU D 365 1.37 0.67 -26.30
C LEU D 365 1.64 0.01 -24.95
N ILE D 366 2.93 -0.14 -24.58
CA ILE D 366 3.35 -0.77 -23.32
C ILE D 366 3.33 0.20 -22.11
N THR D 367 3.34 1.53 -22.38
CA THR D 367 3.37 2.56 -21.32
C THR D 367 1.99 3.24 -21.10
N LYS D 368 1.06 3.13 -22.08
CA LYS D 368 -0.27 3.72 -22.03
C LYS D 368 -1.21 3.02 -21.03
N LEU D 369 -0.88 1.77 -20.63
CA LEU D 369 -1.66 0.93 -19.70
C LEU D 369 -1.83 1.60 -18.35
N THR D 370 -3.10 1.77 -17.90
CA THR D 370 -3.48 2.41 -16.64
C THR D 370 -3.44 1.39 -15.47
N SER D 371 -3.82 1.84 -14.26
CA SER D 371 -3.86 1.06 -13.02
C SER D 371 -4.93 -0.07 -13.05
N ARG D 372 -5.84 -0.05 -14.03
CA ARG D 372 -6.92 -1.04 -14.19
C ARG D 372 -6.39 -2.42 -14.59
N VAL D 373 -5.22 -2.48 -15.26
CA VAL D 373 -4.61 -3.75 -15.69
C VAL D 373 -3.83 -4.37 -14.50
N PHE D 374 -3.98 -5.69 -14.30
CA PHE D 374 -3.29 -6.43 -13.23
C PHE D 374 -1.95 -6.96 -13.75
N MET D 375 -0.90 -6.82 -12.94
CA MET D 375 0.45 -7.25 -13.30
C MET D 375 0.71 -8.68 -12.80
N GLU D 376 1.00 -9.60 -13.74
CA GLU D 376 1.30 -11.01 -13.45
C GLU D 376 2.75 -11.31 -13.83
N TYR D 377 3.44 -12.11 -13.00
CA TYR D 377 4.86 -12.46 -13.20
C TYR D 377 5.15 -13.98 -13.10
N VAL D 378 4.47 -14.81 -12.25
CA VAL D 378 3.35 -14.55 -11.32
C VAL D 378 3.87 -13.86 -10.04
#